data_3UT7
# 
_entry.id   3UT7 
# 
_audit_conform.dict_name       mmcif_pdbx.dic 
_audit_conform.dict_version    5.388 
_audit_conform.dict_location   http://mmcif.pdb.org/dictionaries/ascii/mmcif_pdbx.dic 
# 
loop_
_database_2.database_id 
_database_2.database_code 
_database_2.pdbx_database_accession 
_database_2.pdbx_DOI 
PDB   3UT7         pdb_00003ut7 10.2210/pdb3ut7/pdb 
RCSB  RCSB069178   ?            ?                   
WWPDB D_1000069178 ?            ?                   
# 
loop_
_pdbx_audit_revision_history.ordinal 
_pdbx_audit_revision_history.data_content_type 
_pdbx_audit_revision_history.major_revision 
_pdbx_audit_revision_history.minor_revision 
_pdbx_audit_revision_history.revision_date 
1 'Structure model' 1 0 2012-03-28 
2 'Structure model' 1 1 2024-03-20 
# 
_pdbx_audit_revision_details.ordinal             1 
_pdbx_audit_revision_details.revision_ordinal    1 
_pdbx_audit_revision_details.data_content_type   'Structure model' 
_pdbx_audit_revision_details.provider            repository 
_pdbx_audit_revision_details.type                'Initial release' 
_pdbx_audit_revision_details.description         ? 
_pdbx_audit_revision_details.details             ? 
# 
loop_
_pdbx_audit_revision_group.ordinal 
_pdbx_audit_revision_group.revision_ordinal 
_pdbx_audit_revision_group.data_content_type 
_pdbx_audit_revision_group.group 
1 2 'Structure model' 'Data collection'      
2 2 'Structure model' 'Database references'  
3 2 'Structure model' 'Derived calculations' 
# 
loop_
_pdbx_audit_revision_category.ordinal 
_pdbx_audit_revision_category.revision_ordinal 
_pdbx_audit_revision_category.data_content_type 
_pdbx_audit_revision_category.category 
1 2 'Structure model' chem_comp_atom     
2 2 'Structure model' chem_comp_bond     
3 2 'Structure model' database_2         
4 2 'Structure model' struct_ref_seq_dif 
5 2 'Structure model' struct_site        
# 
loop_
_pdbx_audit_revision_item.ordinal 
_pdbx_audit_revision_item.revision_ordinal 
_pdbx_audit_revision_item.data_content_type 
_pdbx_audit_revision_item.item 
1 2 'Structure model' '_database_2.pdbx_DOI'                
2 2 'Structure model' '_database_2.pdbx_database_accession' 
3 2 'Structure model' '_struct_ref_seq_dif.details'         
4 2 'Structure model' '_struct_site.pdbx_auth_asym_id'      
5 2 'Structure model' '_struct_site.pdbx_auth_comp_id'      
6 2 'Structure model' '_struct_site.pdbx_auth_seq_id'       
# 
_pdbx_database_status.status_code                     REL 
_pdbx_database_status.entry_id                        3UT7 
_pdbx_database_status.recvd_initial_deposition_date   2011-11-25 
_pdbx_database_status.deposit_site                    RCSB 
_pdbx_database_status.process_site                    PDBJ 
_pdbx_database_status.status_code_sf                  REL 
_pdbx_database_status.status_code_mr                  ? 
_pdbx_database_status.SG_entry                        ? 
_pdbx_database_status.status_code_cs                  ? 
_pdbx_database_status.pdb_format_compatible           Y 
_pdbx_database_status.status_code_nmr_data            ? 
_pdbx_database_status.methods_development_category    ? 
# 
loop_
_pdbx_database_related.db_name 
_pdbx_database_related.db_id 
_pdbx_database_related.details 
_pdbx_database_related.content_type 
PDB 3UT4 . unspecified 
PDB 3UT8 . unspecified 
# 
loop_
_audit_author.name 
_audit_author.pdbx_ordinal 
'Cheng, C.'  1 
'Shaw, N.'   2 
'Zhang, X.'  3 
'Zhang, M.'  4 
'Ding, W.'   5 
'Wang, B.C.' 6 
'Liu, Z.J.'  7 
# 
_citation.id                        primary 
_citation.title                     'Structural view of a non pfam singleton and crystal packing analysis.' 
_citation.journal_abbrev            'Plos One' 
_citation.journal_volume            7 
_citation.page_first                e31673 
_citation.page_last                 e31673 
_citation.year                      2012 
_citation.journal_id_ASTM           ? 
_citation.country                   US 
_citation.journal_id_ISSN           1932-6203 
_citation.journal_id_CSD            ? 
_citation.book_publisher            ? 
_citation.pdbx_database_id_PubMed   22363703 
_citation.pdbx_database_id_DOI      10.1371/journal.pone.0031673 
# 
loop_
_citation_author.citation_id 
_citation_author.name 
_citation_author.ordinal 
_citation_author.identifier_ORCID 
primary 'Cheng, C.'  1 ? 
primary 'Shaw, N.'   2 ? 
primary 'Zhang, X.'  3 ? 
primary 'Zhang, M.'  4 ? 
primary 'Ding, W.'   5 ? 
primary 'Wang, B.C.' 6 ? 
primary 'Liu, Z.J.'  7 ? 
# 
loop_
_entity.id 
_entity.type 
_entity.src_method 
_entity.pdbx_description 
_entity.formula_weight 
_entity.pdbx_number_of_molecules 
_entity.pdbx_ec 
_entity.pdbx_mutation 
_entity.pdbx_fragment 
_entity.details 
1 polymer     man 'Putative uncharacterized protein' 15568.289 1 ? 'S124Y, T128Y, I129Y' ? ? 
2 non-polymer syn 'SULFATE ION'                      96.063    1 ? ?                     ? ? 
3 water       nat water                              18.015    3 ? ?                     ? ? 
# 
_entity_name_com.entity_id   1 
_entity_name_com.name        Cthe_2751 
# 
_entity_poly.entity_id                      1 
_entity_poly.type                           'polypeptide(L)' 
_entity_poly.nstd_linkage                   no 
_entity_poly.nstd_monomer                   no 
_entity_poly.pdbx_seq_one_letter_code       
;MTSLRDLIPKHKFDNSTIDQLCKLIDNEIEPIIFDLLKWLQDYNWPIAKDILPVVVLHQSIAMPHILTILQGNDIMWKYW
VIKLMIPYLIYPNKQLVKSELERLSSLEIINEDIREIVNLSKDYLHFYYP
;
_entity_poly.pdbx_seq_one_letter_code_can   
;MTSLRDLIPKHKFDNSTIDQLCKLIDNEIEPIIFDLLKWLQDYNWPIAKDILPVVVLHQSIAMPHILTILQGNDIMWKYW
VIKLMIPYLIYPNKQLVKSELERLSSLEIINEDIREIVNLSKDYLHFYYP
;
_entity_poly.pdbx_strand_id                 A 
_entity_poly.pdbx_target_identifier         ? 
# 
loop_
_pdbx_entity_nonpoly.entity_id 
_pdbx_entity_nonpoly.name 
_pdbx_entity_nonpoly.comp_id 
2 'SULFATE ION' SO4 
3 water         HOH 
# 
loop_
_entity_poly_seq.entity_id 
_entity_poly_seq.num 
_entity_poly_seq.mon_id 
_entity_poly_seq.hetero 
1 1   MET n 
1 2   THR n 
1 3   SER n 
1 4   LEU n 
1 5   ARG n 
1 6   ASP n 
1 7   LEU n 
1 8   ILE n 
1 9   PRO n 
1 10  LYS n 
1 11  HIS n 
1 12  LYS n 
1 13  PHE n 
1 14  ASP n 
1 15  ASN n 
1 16  SER n 
1 17  THR n 
1 18  ILE n 
1 19  ASP n 
1 20  GLN n 
1 21  LEU n 
1 22  CYS n 
1 23  LYS n 
1 24  LEU n 
1 25  ILE n 
1 26  ASP n 
1 27  ASN n 
1 28  GLU n 
1 29  ILE n 
1 30  GLU n 
1 31  PRO n 
1 32  ILE n 
1 33  ILE n 
1 34  PHE n 
1 35  ASP n 
1 36  LEU n 
1 37  LEU n 
1 38  LYS n 
1 39  TRP n 
1 40  LEU n 
1 41  GLN n 
1 42  ASP n 
1 43  TYR n 
1 44  ASN n 
1 45  TRP n 
1 46  PRO n 
1 47  ILE n 
1 48  ALA n 
1 49  LYS n 
1 50  ASP n 
1 51  ILE n 
1 52  LEU n 
1 53  PRO n 
1 54  VAL n 
1 55  VAL n 
1 56  VAL n 
1 57  LEU n 
1 58  HIS n 
1 59  GLN n 
1 60  SER n 
1 61  ILE n 
1 62  ALA n 
1 63  MET n 
1 64  PRO n 
1 65  HIS n 
1 66  ILE n 
1 67  LEU n 
1 68  THR n 
1 69  ILE n 
1 70  LEU n 
1 71  GLN n 
1 72  GLY n 
1 73  ASN n 
1 74  ASP n 
1 75  ILE n 
1 76  MET n 
1 77  TRP n 
1 78  LYS n 
1 79  TYR n 
1 80  TRP n 
1 81  VAL n 
1 82  ILE n 
1 83  LYS n 
1 84  LEU n 
1 85  MET n 
1 86  ILE n 
1 87  PRO n 
1 88  TYR n 
1 89  LEU n 
1 90  ILE n 
1 91  TYR n 
1 92  PRO n 
1 93  ASN n 
1 94  LYS n 
1 95  GLN n 
1 96  LEU n 
1 97  VAL n 
1 98  LYS n 
1 99  SER n 
1 100 GLU n 
1 101 LEU n 
1 102 GLU n 
1 103 ARG n 
1 104 LEU n 
1 105 SER n 
1 106 SER n 
1 107 LEU n 
1 108 GLU n 
1 109 ILE n 
1 110 ILE n 
1 111 ASN n 
1 112 GLU n 
1 113 ASP n 
1 114 ILE n 
1 115 ARG n 
1 116 GLU n 
1 117 ILE n 
1 118 VAL n 
1 119 ASN n 
1 120 LEU n 
1 121 SER n 
1 122 LYS n 
1 123 ASP n 
1 124 TYR n 
1 125 LEU n 
1 126 HIS n 
1 127 PHE n 
1 128 TYR n 
1 129 TYR n 
1 130 PRO n 
# 
_entity_src_gen.entity_id                          1 
_entity_src_gen.pdbx_src_id                        1 
_entity_src_gen.pdbx_alt_source_flag               sample 
_entity_src_gen.pdbx_seq_type                      ? 
_entity_src_gen.pdbx_beg_seq_num                   ? 
_entity_src_gen.pdbx_end_seq_num                   ? 
_entity_src_gen.gene_src_common_name               ? 
_entity_src_gen.gene_src_genus                     ? 
_entity_src_gen.pdbx_gene_src_gene                 Cthe_2751 
_entity_src_gen.gene_src_species                   ? 
_entity_src_gen.gene_src_strain                    'ATCC 27405 / DSM 1237' 
_entity_src_gen.gene_src_tissue                    ? 
_entity_src_gen.gene_src_tissue_fraction           ? 
_entity_src_gen.gene_src_details                   ? 
_entity_src_gen.pdbx_gene_src_fragment             ? 
_entity_src_gen.pdbx_gene_src_scientific_name      'Clostridium thermocellum' 
_entity_src_gen.pdbx_gene_src_ncbi_taxonomy_id     203119 
_entity_src_gen.pdbx_gene_src_variant              ? 
_entity_src_gen.pdbx_gene_src_cell_line            ? 
_entity_src_gen.pdbx_gene_src_atcc                 ? 
_entity_src_gen.pdbx_gene_src_organ                ? 
_entity_src_gen.pdbx_gene_src_organelle            ? 
_entity_src_gen.pdbx_gene_src_cell                 ? 
_entity_src_gen.pdbx_gene_src_cellular_location    ? 
_entity_src_gen.host_org_common_name               ? 
_entity_src_gen.pdbx_host_org_scientific_name      'Escherichia coli' 
_entity_src_gen.pdbx_host_org_ncbi_taxonomy_id     562 
_entity_src_gen.host_org_genus                     ? 
_entity_src_gen.pdbx_host_org_gene                 ? 
_entity_src_gen.pdbx_host_org_organ                ? 
_entity_src_gen.host_org_species                   ? 
_entity_src_gen.pdbx_host_org_tissue               ? 
_entity_src_gen.pdbx_host_org_tissue_fraction      ? 
_entity_src_gen.pdbx_host_org_strain               ? 
_entity_src_gen.pdbx_host_org_variant              ? 
_entity_src_gen.pdbx_host_org_cell_line            ? 
_entity_src_gen.pdbx_host_org_atcc                 ? 
_entity_src_gen.pdbx_host_org_culture_collection   ? 
_entity_src_gen.pdbx_host_org_cell                 ? 
_entity_src_gen.pdbx_host_org_organelle            ? 
_entity_src_gen.pdbx_host_org_cellular_location    ? 
_entity_src_gen.pdbx_host_org_vector_type          ? 
_entity_src_gen.pdbx_host_org_vector               ? 
_entity_src_gen.host_org_details                   ? 
_entity_src_gen.expression_system_id               ? 
_entity_src_gen.plasmid_name                       ? 
_entity_src_gen.plasmid_details                    ? 
_entity_src_gen.pdbx_description                   ? 
# 
loop_
_chem_comp.id 
_chem_comp.type 
_chem_comp.mon_nstd_flag 
_chem_comp.name 
_chem_comp.pdbx_synonyms 
_chem_comp.formula 
_chem_comp.formula_weight 
ALA 'L-peptide linking' y ALANINE         ? 'C3 H7 N O2'     89.093  
ARG 'L-peptide linking' y ARGININE        ? 'C6 H15 N4 O2 1' 175.209 
ASN 'L-peptide linking' y ASPARAGINE      ? 'C4 H8 N2 O3'    132.118 
ASP 'L-peptide linking' y 'ASPARTIC ACID' ? 'C4 H7 N O4'     133.103 
CYS 'L-peptide linking' y CYSTEINE        ? 'C3 H7 N O2 S'   121.158 
GLN 'L-peptide linking' y GLUTAMINE       ? 'C5 H10 N2 O3'   146.144 
GLU 'L-peptide linking' y 'GLUTAMIC ACID' ? 'C5 H9 N O4'     147.129 
GLY 'peptide linking'   y GLYCINE         ? 'C2 H5 N O2'     75.067  
HIS 'L-peptide linking' y HISTIDINE       ? 'C6 H10 N3 O2 1' 156.162 
HOH non-polymer         . WATER           ? 'H2 O'           18.015  
ILE 'L-peptide linking' y ISOLEUCINE      ? 'C6 H13 N O2'    131.173 
LEU 'L-peptide linking' y LEUCINE         ? 'C6 H13 N O2'    131.173 
LYS 'L-peptide linking' y LYSINE          ? 'C6 H15 N2 O2 1' 147.195 
MET 'L-peptide linking' y METHIONINE      ? 'C5 H11 N O2 S'  149.211 
PHE 'L-peptide linking' y PHENYLALANINE   ? 'C9 H11 N O2'    165.189 
PRO 'L-peptide linking' y PROLINE         ? 'C5 H9 N O2'     115.130 
SER 'L-peptide linking' y SERINE          ? 'C3 H7 N O3'     105.093 
SO4 non-polymer         . 'SULFATE ION'   ? 'O4 S -2'        96.063  
THR 'L-peptide linking' y THREONINE       ? 'C4 H9 N O3'     119.119 
TRP 'L-peptide linking' y TRYPTOPHAN      ? 'C11 H12 N2 O2'  204.225 
TYR 'L-peptide linking' y TYROSINE        ? 'C9 H11 N O3'    181.189 
VAL 'L-peptide linking' y VALINE          ? 'C5 H11 N O2'    117.146 
# 
loop_
_pdbx_poly_seq_scheme.asym_id 
_pdbx_poly_seq_scheme.entity_id 
_pdbx_poly_seq_scheme.seq_id 
_pdbx_poly_seq_scheme.mon_id 
_pdbx_poly_seq_scheme.ndb_seq_num 
_pdbx_poly_seq_scheme.pdb_seq_num 
_pdbx_poly_seq_scheme.auth_seq_num 
_pdbx_poly_seq_scheme.pdb_mon_id 
_pdbx_poly_seq_scheme.auth_mon_id 
_pdbx_poly_seq_scheme.pdb_strand_id 
_pdbx_poly_seq_scheme.pdb_ins_code 
_pdbx_poly_seq_scheme.hetero 
A 1 1   MET 1   1   ?   ?   ?   A . n 
A 1 2   THR 2   2   ?   ?   ?   A . n 
A 1 3   SER 3   3   ?   ?   ?   A . n 
A 1 4   LEU 4   4   4   LEU LEU A . n 
A 1 5   ARG 5   5   5   ARG ARG A . n 
A 1 6   ASP 6   6   6   ASP ASP A . n 
A 1 7   LEU 7   7   7   LEU LEU A . n 
A 1 8   ILE 8   8   8   ILE ILE A . n 
A 1 9   PRO 9   9   9   PRO PRO A . n 
A 1 10  LYS 10  10  10  LYS LYS A . n 
A 1 11  HIS 11  11  11  HIS HIS A . n 
A 1 12  LYS 12  12  12  LYS LYS A . n 
A 1 13  PHE 13  13  13  PHE PHE A . n 
A 1 14  ASP 14  14  14  ASP ASP A . n 
A 1 15  ASN 15  15  15  ASN ASN A . n 
A 1 16  SER 16  16  16  SER SER A . n 
A 1 17  THR 17  17  17  THR THR A . n 
A 1 18  ILE 18  18  18  ILE ILE A . n 
A 1 19  ASP 19  19  19  ASP ASP A . n 
A 1 20  GLN 20  20  20  GLN GLN A . n 
A 1 21  LEU 21  21  21  LEU LEU A . n 
A 1 22  CYS 22  22  22  CYS CYS A . n 
A 1 23  LYS 23  23  23  LYS LYS A . n 
A 1 24  LEU 24  24  24  LEU LEU A . n 
A 1 25  ILE 25  25  25  ILE ILE A . n 
A 1 26  ASP 26  26  26  ASP ASP A . n 
A 1 27  ASN 27  27  27  ASN ASN A . n 
A 1 28  GLU 28  28  28  GLU GLU A . n 
A 1 29  ILE 29  29  29  ILE ILE A . n 
A 1 30  GLU 30  30  30  GLU GLU A . n 
A 1 31  PRO 31  31  31  PRO PRO A . n 
A 1 32  ILE 32  32  32  ILE ILE A . n 
A 1 33  ILE 33  33  33  ILE ILE A . n 
A 1 34  PHE 34  34  34  PHE PHE A . n 
A 1 35  ASP 35  35  35  ASP ASP A . n 
A 1 36  LEU 36  36  36  LEU LEU A . n 
A 1 37  LEU 37  37  37  LEU LEU A . n 
A 1 38  LYS 38  38  38  LYS LYS A . n 
A 1 39  TRP 39  39  39  TRP TRP A . n 
A 1 40  LEU 40  40  40  LEU LEU A . n 
A 1 41  GLN 41  41  41  GLN GLN A . n 
A 1 42  ASP 42  42  42  ASP ASP A . n 
A 1 43  TYR 43  43  43  TYR TYR A . n 
A 1 44  ASN 44  44  44  ASN ASN A . n 
A 1 45  TRP 45  45  45  TRP TRP A . n 
A 1 46  PRO 46  46  46  PRO PRO A . n 
A 1 47  ILE 47  47  47  ILE ILE A . n 
A 1 48  ALA 48  48  48  ALA ALA A . n 
A 1 49  LYS 49  49  49  LYS LYS A . n 
A 1 50  ASP 50  50  50  ASP ASP A . n 
A 1 51  ILE 51  51  51  ILE ILE A . n 
A 1 52  LEU 52  52  52  LEU LEU A . n 
A 1 53  PRO 53  53  53  PRO PRO A . n 
A 1 54  VAL 54  54  54  VAL VAL A . n 
A 1 55  VAL 55  55  55  VAL VAL A . n 
A 1 56  VAL 56  56  56  VAL VAL A . n 
A 1 57  LEU 57  57  57  LEU LEU A . n 
A 1 58  HIS 58  58  58  HIS HIS A . n 
A 1 59  GLN 59  59  59  GLN GLN A . n 
A 1 60  SER 60  60  60  SER SER A . n 
A 1 61  ILE 61  61  61  ILE ILE A . n 
A 1 62  ALA 62  62  62  ALA ALA A . n 
A 1 63  MET 63  63  63  MET MET A . n 
A 1 64  PRO 64  64  64  PRO PRO A . n 
A 1 65  HIS 65  65  65  HIS HIS A . n 
A 1 66  ILE 66  66  66  ILE ILE A . n 
A 1 67  LEU 67  67  67  LEU LEU A . n 
A 1 68  THR 68  68  68  THR THR A . n 
A 1 69  ILE 69  69  69  ILE ILE A . n 
A 1 70  LEU 70  70  70  LEU LEU A . n 
A 1 71  GLN 71  71  71  GLN GLN A . n 
A 1 72  GLY 72  72  72  GLY GLY A . n 
A 1 73  ASN 73  73  73  ASN ASN A . n 
A 1 74  ASP 74  74  74  ASP ASP A . n 
A 1 75  ILE 75  75  75  ILE ILE A . n 
A 1 76  MET 76  76  76  MET MET A . n 
A 1 77  TRP 77  77  77  TRP TRP A . n 
A 1 78  LYS 78  78  78  LYS LYS A . n 
A 1 79  TYR 79  79  79  TYR TYR A . n 
A 1 80  TRP 80  80  80  TRP TRP A . n 
A 1 81  VAL 81  81  81  VAL VAL A . n 
A 1 82  ILE 82  82  82  ILE ILE A . n 
A 1 83  LYS 83  83  83  LYS LYS A . n 
A 1 84  LEU 84  84  84  LEU LEU A . n 
A 1 85  MET 85  85  85  MET MET A . n 
A 1 86  ILE 86  86  86  ILE ILE A . n 
A 1 87  PRO 87  87  87  PRO PRO A . n 
A 1 88  TYR 88  88  88  TYR TYR A . n 
A 1 89  LEU 89  89  89  LEU LEU A . n 
A 1 90  ILE 90  90  90  ILE ILE A . n 
A 1 91  TYR 91  91  91  TYR ALA A . n 
A 1 92  PRO 92  92  92  PRO PRO A . n 
A 1 93  ASN 93  93  93  ASN ASN A . n 
A 1 94  LYS 94  94  94  LYS LYS A . n 
A 1 95  GLN 95  95  95  GLN GLN A . n 
A 1 96  LEU 96  96  96  LEU LEU A . n 
A 1 97  VAL 97  97  97  VAL VAL A . n 
A 1 98  LYS 98  98  98  LYS LYS A . n 
A 1 99  SER 99  99  99  SER SER A . n 
A 1 100 GLU 100 100 100 GLU GLU A . n 
A 1 101 LEU 101 101 101 LEU LEU A . n 
A 1 102 GLU 102 102 102 GLU GLU A . n 
A 1 103 ARG 103 103 103 ARG ARG A . n 
A 1 104 LEU 104 104 104 LEU LEU A . n 
A 1 105 SER 105 105 105 SER SER A . n 
A 1 106 SER 106 106 106 SER SER A . n 
A 1 107 LEU 107 107 107 LEU LEU A . n 
A 1 108 GLU 108 108 108 GLU GLU A . n 
A 1 109 ILE 109 109 109 ILE ILE A . n 
A 1 110 ILE 110 110 110 ILE ILE A . n 
A 1 111 ASN 111 111 111 ASN ASN A . n 
A 1 112 GLU 112 112 112 GLU ALA A . n 
A 1 113 ASP 113 113 113 ASP ASP A . n 
A 1 114 ILE 114 114 114 ILE ILE A . n 
A 1 115 ARG 115 115 115 ARG ARG A . n 
A 1 116 GLU 116 116 116 GLU ALA A . n 
A 1 117 ILE 117 117 117 ILE ILE A . n 
A 1 118 VAL 118 118 118 VAL VAL A . n 
A 1 119 ASN 119 119 119 ASN ASN A . n 
A 1 120 LEU 120 120 120 LEU LEU A . n 
A 1 121 SER 121 121 121 SER SER A . n 
A 1 122 LYS 122 122 122 LYS LYS A . n 
A 1 123 ASP 123 123 123 ASP ASP A . n 
A 1 124 TYR 124 124 124 TYR TYR A . n 
A 1 125 LEU 125 125 125 LEU LEU A . n 
A 1 126 HIS 126 126 126 HIS ALA A . n 
A 1 127 PHE 127 127 127 PHE PHE A . n 
A 1 128 TYR 128 128 128 TYR TYR A . n 
A 1 129 TYR 129 129 129 TYR TYR A . n 
A 1 130 PRO 130 130 130 PRO PRO A . n 
# 
loop_
_pdbx_nonpoly_scheme.asym_id 
_pdbx_nonpoly_scheme.entity_id 
_pdbx_nonpoly_scheme.mon_id 
_pdbx_nonpoly_scheme.ndb_seq_num 
_pdbx_nonpoly_scheme.pdb_seq_num 
_pdbx_nonpoly_scheme.auth_seq_num 
_pdbx_nonpoly_scheme.pdb_mon_id 
_pdbx_nonpoly_scheme.auth_mon_id 
_pdbx_nonpoly_scheme.pdb_strand_id 
_pdbx_nonpoly_scheme.pdb_ins_code 
B 2 SO4 1 131 1  SO4 SO4 A . 
C 3 HOH 1 132 5  HOH HOH A . 
C 3 HOH 2 133 13 HOH HOH A . 
C 3 HOH 3 134 16 HOH HOH A . 
# 
loop_
_pdbx_unobs_or_zero_occ_atoms.id 
_pdbx_unobs_or_zero_occ_atoms.PDB_model_num 
_pdbx_unobs_or_zero_occ_atoms.polymer_flag 
_pdbx_unobs_or_zero_occ_atoms.occupancy_flag 
_pdbx_unobs_or_zero_occ_atoms.auth_asym_id 
_pdbx_unobs_or_zero_occ_atoms.auth_comp_id 
_pdbx_unobs_or_zero_occ_atoms.auth_seq_id 
_pdbx_unobs_or_zero_occ_atoms.PDB_ins_code 
_pdbx_unobs_or_zero_occ_atoms.auth_atom_id 
_pdbx_unobs_or_zero_occ_atoms.label_alt_id 
_pdbx_unobs_or_zero_occ_atoms.label_asym_id 
_pdbx_unobs_or_zero_occ_atoms.label_comp_id 
_pdbx_unobs_or_zero_occ_atoms.label_seq_id 
_pdbx_unobs_or_zero_occ_atoms.label_atom_id 
1  1 Y 1 A ARG 5   ? CG  ? A ARG 5   CG  
2  1 Y 1 A ARG 5   ? CD  ? A ARG 5   CD  
3  1 Y 1 A ARG 5   ? NE  ? A ARG 5   NE  
4  1 Y 1 A ARG 5   ? CZ  ? A ARG 5   CZ  
5  1 Y 1 A ARG 5   ? NH1 ? A ARG 5   NH1 
6  1 Y 1 A ARG 5   ? NH2 ? A ARG 5   NH2 
7  1 Y 1 A ASP 6   ? CG  ? A ASP 6   CG  
8  1 Y 1 A ASP 6   ? OD1 ? A ASP 6   OD1 
9  1 Y 1 A ASP 6   ? OD2 ? A ASP 6   OD2 
10 1 Y 1 A ASP 19  ? CG  ? A ASP 19  CG  
11 1 Y 1 A ASP 19  ? OD1 ? A ASP 19  OD1 
12 1 Y 1 A ASP 19  ? OD2 ? A ASP 19  OD2 
13 1 Y 1 A GLN 20  ? CG  ? A GLN 20  CG  
14 1 Y 1 A GLN 20  ? CD  ? A GLN 20  CD  
15 1 Y 1 A GLN 20  ? OE1 ? A GLN 20  OE1 
16 1 Y 1 A GLN 20  ? NE2 ? A GLN 20  NE2 
17 1 Y 1 A LYS 23  ? CG  ? A LYS 23  CG  
18 1 Y 1 A LYS 23  ? CD  ? A LYS 23  CD  
19 1 Y 1 A LYS 23  ? CE  ? A LYS 23  CE  
20 1 Y 1 A LYS 23  ? NZ  ? A LYS 23  NZ  
21 1 Y 1 A LEU 24  ? CG  ? A LEU 24  CG  
22 1 Y 1 A LEU 24  ? CD1 ? A LEU 24  CD1 
23 1 Y 1 A LEU 24  ? CD2 ? A LEU 24  CD2 
24 1 Y 1 A ASN 27  ? CG  ? A ASN 27  CG  
25 1 Y 1 A ASN 27  ? OD1 ? A ASN 27  OD1 
26 1 Y 1 A ASN 27  ? ND2 ? A ASN 27  ND2 
27 1 Y 1 A TYR 91  ? CG  ? A TYR 91  CG  
28 1 Y 1 A TYR 91  ? CD1 ? A TYR 91  CD1 
29 1 Y 1 A TYR 91  ? CD2 ? A TYR 91  CD2 
30 1 Y 1 A TYR 91  ? CE1 ? A TYR 91  CE1 
31 1 Y 1 A TYR 91  ? CE2 ? A TYR 91  CE2 
32 1 Y 1 A TYR 91  ? CZ  ? A TYR 91  CZ  
33 1 Y 1 A TYR 91  ? OH  ? A TYR 91  OH  
34 1 Y 1 A GLU 112 ? CG  ? A GLU 112 CG  
35 1 Y 1 A GLU 112 ? CD  ? A GLU 112 CD  
36 1 Y 1 A GLU 112 ? OE1 ? A GLU 112 OE1 
37 1 Y 1 A GLU 112 ? OE2 ? A GLU 112 OE2 
38 1 Y 1 A GLU 116 ? CG  ? A GLU 116 CG  
39 1 Y 1 A GLU 116 ? CD  ? A GLU 116 CD  
40 1 Y 1 A GLU 116 ? OE1 ? A GLU 116 OE1 
41 1 Y 1 A GLU 116 ? OE2 ? A GLU 116 OE2 
42 1 Y 1 A HIS 126 ? CG  ? A HIS 126 CG  
43 1 Y 1 A HIS 126 ? ND1 ? A HIS 126 ND1 
44 1 Y 1 A HIS 126 ? CD2 ? A HIS 126 CD2 
45 1 Y 1 A HIS 126 ? CE1 ? A HIS 126 CE1 
46 1 Y 1 A HIS 126 ? NE2 ? A HIS 126 NE2 
# 
loop_
_software.name 
_software.classification 
_software.version 
_software.citation_id 
_software.pdbx_ordinal 
HKL-2000 'data collection' .        ? 1 
PHASES   phasing           .        ? 2 
REFMAC   refinement        5.6.0117 ? 3 
HKL-2000 'data reduction'  .        ? 4 
HKL-2000 'data scaling'    .        ? 5 
# 
_cell.entry_id           3UT7 
_cell.length_a           37.509 
_cell.length_b           37.509 
_cell.length_c           169.749 
_cell.angle_alpha        90.00 
_cell.angle_beta         90.00 
_cell.angle_gamma        90.00 
_cell.Z_PDB              8 
_cell.pdbx_unique_axis   ? 
_cell.length_a_esd       ? 
_cell.length_b_esd       ? 
_cell.length_c_esd       ? 
_cell.angle_alpha_esd    ? 
_cell.angle_beta_esd     ? 
_cell.angle_gamma_esd    ? 
# 
_symmetry.entry_id                         3UT7 
_symmetry.space_group_name_H-M             'P 41 2 2' 
_symmetry.pdbx_full_space_group_name_H-M   ? 
_symmetry.cell_setting                     ? 
_symmetry.Int_Tables_number                91 
_symmetry.space_group_name_Hall            ? 
# 
_exptl.entry_id          3UT7 
_exptl.method            'X-RAY DIFFRACTION' 
_exptl.crystals_number   1 
# 
_exptl_crystal.id                    1 
_exptl_crystal.density_meas          ? 
_exptl_crystal.density_Matthews      1.92 
_exptl_crystal.density_percent_sol   35.86 
_exptl_crystal.description           ? 
_exptl_crystal.F_000                 ? 
_exptl_crystal.preparation           ? 
# 
_diffrn.id                     1 
_diffrn.ambient_temp           ? 
_diffrn.ambient_temp_details   ? 
_diffrn.crystal_id             1 
# 
_diffrn_detector.diffrn_id              1 
_diffrn_detector.detector               ? 
_diffrn_detector.type                   ? 
_diffrn_detector.pdbx_collection_date   2011-02-22 
_diffrn_detector.details                ? 
# 
_diffrn_radiation.diffrn_id                        1 
_diffrn_radiation.wavelength_id                    1 
_diffrn_radiation.pdbx_monochromatic_or_laue_m_l   M 
_diffrn_radiation.monochromator                    ? 
_diffrn_radiation.pdbx_diffrn_protocol             'SINGLE WAVELENGTH' 
_diffrn_radiation.pdbx_scattering_type             x-ray 
# 
_diffrn_radiation_wavelength.id           1 
_diffrn_radiation_wavelength.wavelength   0.98 
_diffrn_radiation_wavelength.wt           1.0 
# 
_diffrn_source.diffrn_id                   1 
_diffrn_source.source                      SYNCHROTRON 
_diffrn_source.type                        'PHOTON FACTORY BEAMLINE BL-17A' 
_diffrn_source.pdbx_synchrotron_site       'Photon Factory' 
_diffrn_source.pdbx_synchrotron_beamline   BL-17A 
_diffrn_source.pdbx_wavelength             ? 
_diffrn_source.pdbx_wavelength_list        0.98 
# 
_reflns.entry_id                     3UT7 
_reflns.observed_criterion_sigma_I   2.0 
_reflns.observed_criterion_sigma_F   2.0 
_reflns.d_resolution_low             42.44 
_reflns.d_resolution_high            3.00 
_reflns.number_obs                   2595 
_reflns.number_all                   ? 
_reflns.percent_possible_obs         96.58 
_reflns.pdbx_Rmerge_I_obs            ? 
_reflns.pdbx_Rsym_value              ? 
_reflns.pdbx_netI_over_sigmaI        ? 
_reflns.B_iso_Wilson_estimate        ? 
_reflns.pdbx_redundancy              ? 
_reflns.R_free_details               ? 
_reflns.limit_h_max                  ? 
_reflns.limit_h_min                  ? 
_reflns.limit_k_max                  ? 
_reflns.limit_k_min                  ? 
_reflns.limit_l_max                  ? 
_reflns.limit_l_min                  ? 
_reflns.observed_criterion_F_max     ? 
_reflns.observed_criterion_F_min     ? 
_reflns.pdbx_chi_squared             ? 
_reflns.pdbx_scaling_rejects         ? 
_reflns.pdbx_ordinal                 1 
_reflns.pdbx_diffrn_id               1 
# 
_reflns_shell.d_res_high                  3.00 
_reflns_shell.d_res_low                   3.11 
_reflns_shell.percent_possible_all        96.58 
_reflns_shell.Rmerge_I_obs                ? 
_reflns_shell.pdbx_Rsym_value             ? 
_reflns_shell.meanI_over_sigI_obs         ? 
_reflns_shell.pdbx_redundancy             ? 
_reflns_shell.percent_possible_obs        ? 
_reflns_shell.number_unique_all           ? 
_reflns_shell.number_measured_all         ? 
_reflns_shell.number_measured_obs         ? 
_reflns_shell.number_unique_obs           ? 
_reflns_shell.pdbx_chi_squared            ? 
_reflns_shell.pdbx_rejects                ? 
_reflns_shell.pdbx_netI_over_sigmaI_obs   ? 
_reflns_shell.number_possible             ? 
_reflns_shell.Rmerge_F_all                ? 
_reflns_shell.Rmerge_F_obs                ? 
_reflns_shell.Rmerge_I_all                ? 
_reflns_shell.meanI_over_sigI_all         ? 
_reflns_shell.pdbx_Rrim_I_all             ? 
_reflns_shell.pdbx_Rpim_I_all             ? 
_reflns_shell.pdbx_ordinal                1 
_reflns_shell.pdbx_diffrn_id              1 
# 
_refine.entry_id                                 3UT7 
_refine.ls_number_reflns_obs                     2562 
_refine.ls_number_reflns_all                     ? 
_refine.pdbx_ls_sigma_I                          ? 
_refine.pdbx_ls_sigma_F                          ? 
_refine.pdbx_data_cutoff_high_absF               ? 
_refine.pdbx_data_cutoff_low_absF                ? 
_refine.pdbx_data_cutoff_high_rms_absF           ? 
_refine.ls_d_res_low                             42.44 
_refine.ls_d_res_high                            3.01 
_refine.ls_percent_reflns_obs                    96.24 
_refine.ls_R_factor_obs                          0.21293 
_refine.ls_R_factor_all                          ? 
_refine.ls_R_factor_R_work                       0.21188 
_refine.ls_R_factor_R_free                       0.23746 
_refine.ls_R_factor_R_free_error                 ? 
_refine.ls_R_factor_R_free_error_details         ? 
_refine.ls_percent_reflns_R_free                 4.6 
_refine.ls_number_reflns_R_free                  124 
_refine.ls_number_parameters                     ? 
_refine.ls_number_restraints                     ? 
_refine.occupancy_min                            ? 
_refine.occupancy_max                            ? 
_refine.correlation_coeff_Fo_to_Fc               0.932 
_refine.correlation_coeff_Fo_to_Fc_free          0.901 
_refine.B_iso_mean                               41.797 
_refine.aniso_B[1][1]                            2.90 
_refine.aniso_B[2][2]                            2.90 
_refine.aniso_B[3][3]                            -5.80 
_refine.aniso_B[1][2]                            0.00 
_refine.aniso_B[1][3]                            0.00 
_refine.aniso_B[2][3]                            0.00 
_refine.solvent_model_details                    MASK 
_refine.solvent_model_param_ksol                 ? 
_refine.solvent_model_param_bsol                 ? 
_refine.pdbx_solvent_vdw_probe_radii             1.20 
_refine.pdbx_solvent_ion_probe_radii             0.80 
_refine.pdbx_solvent_shrinkage_radii             0.80 
_refine.pdbx_ls_cross_valid_method               THROUGHOUT 
_refine.details                                  'HYDROGENS HAVE BEEN USED IF PRESENT IN THE INPUT' 
_refine.pdbx_starting_model                      ? 
_refine.pdbx_method_to_determine_struct          'MOLECULAR REPLACEMENT' 
_refine.pdbx_isotropic_thermal_model             ? 
_refine.pdbx_stereochemistry_target_values       'MAXIMUM LIKELIHOOD' 
_refine.pdbx_stereochem_target_val_spec_case     ? 
_refine.pdbx_R_Free_selection_details            RANDOM 
_refine.pdbx_overall_ESU_R                       ? 
_refine.pdbx_overall_ESU_R_Free                  0.468 
_refine.overall_SU_ML                            ? 
_refine.pdbx_overall_phase_error                 ? 
_refine.overall_SU_B                             ? 
_refine.overall_SU_R_Cruickshank_DPI             ? 
_refine.ls_redundancy_reflns_obs                 ? 
_refine.B_iso_min                                ? 
_refine.B_iso_max                                ? 
_refine.overall_SU_R_free                        ? 
_refine.ls_wR_factor_R_free                      ? 
_refine.ls_wR_factor_R_work                      ? 
_refine.overall_FOM_free_R_set                   ? 
_refine.overall_FOM_work_R_set                   ? 
_refine.pdbx_diffrn_id                           1 
_refine.pdbx_refine_id                           'X-RAY DIFFRACTION' 
_refine.pdbx_TLS_residual_ADP_flag               ? 
_refine.pdbx_overall_SU_R_free_Cruickshank_DPI   ? 
_refine.pdbx_overall_SU_R_Blow_DPI               ? 
_refine.pdbx_overall_SU_R_free_Blow_DPI          ? 
# 
_refine_hist.pdbx_refine_id                   'X-RAY DIFFRACTION' 
_refine_hist.cycle_id                         LAST 
_refine_hist.pdbx_number_atoms_protein        1030 
_refine_hist.pdbx_number_atoms_nucleic_acid   0 
_refine_hist.pdbx_number_atoms_ligand         5 
_refine_hist.number_atoms_solvent             3 
_refine_hist.number_atoms_total               1038 
_refine_hist.d_res_high                       3.01 
_refine_hist.d_res_low                        42.44 
# 
loop_
_refine_ls_restr.type 
_refine_ls_restr.dev_ideal 
_refine_ls_restr.dev_ideal_target 
_refine_ls_restr.weight 
_refine_ls_restr.number 
_refine_ls_restr.pdbx_refine_id 
_refine_ls_restr.pdbx_restraint_function 
r_bond_refined_d             0.011  0.020  ? 1065 'X-RAY DIFFRACTION' ? 
r_bond_other_d               ?      ?      ? ?    'X-RAY DIFFRACTION' ? 
r_angle_refined_deg          1.553  1.983  ? 1457 'X-RAY DIFFRACTION' ? 
r_angle_other_deg            ?      ?      ? ?    'X-RAY DIFFRACTION' ? 
r_dihedral_angle_1_deg       6.311  5.000  ? 128  'X-RAY DIFFRACTION' ? 
r_dihedral_angle_2_deg       40.451 25.122 ? 41   'X-RAY DIFFRACTION' ? 
r_dihedral_angle_3_deg       18.420 15.000 ? 189  'X-RAY DIFFRACTION' ? 
r_dihedral_angle_4_deg       14.528 15.000 ? 2    'X-RAY DIFFRACTION' ? 
r_chiral_restr               0.103  0.200  ? 173  'X-RAY DIFFRACTION' ? 
r_gen_planes_refined         0.008  0.021  ? 769  'X-RAY DIFFRACTION' ? 
r_gen_planes_other           ?      ?      ? ?    'X-RAY DIFFRACTION' ? 
r_nbd_refined                ?      ?      ? ?    'X-RAY DIFFRACTION' ? 
r_nbd_other                  ?      ?      ? ?    'X-RAY DIFFRACTION' ? 
r_nbtor_refined              ?      ?      ? ?    'X-RAY DIFFRACTION' ? 
r_nbtor_other                ?      ?      ? ?    'X-RAY DIFFRACTION' ? 
r_xyhbond_nbd_refined        ?      ?      ? ?    'X-RAY DIFFRACTION' ? 
r_xyhbond_nbd_other          ?      ?      ? ?    'X-RAY DIFFRACTION' ? 
r_metal_ion_refined          ?      ?      ? ?    'X-RAY DIFFRACTION' ? 
r_metal_ion_other            ?      ?      ? ?    'X-RAY DIFFRACTION' ? 
r_symmetry_vdw_refined       ?      ?      ? ?    'X-RAY DIFFRACTION' ? 
r_symmetry_vdw_other         ?      ?      ? ?    'X-RAY DIFFRACTION' ? 
r_symmetry_hbond_refined     ?      ?      ? ?    'X-RAY DIFFRACTION' ? 
r_symmetry_hbond_other       ?      ?      ? ?    'X-RAY DIFFRACTION' ? 
r_symmetry_metal_ion_refined ?      ?      ? ?    'X-RAY DIFFRACTION' ? 
r_symmetry_metal_ion_other   ?      ?      ? ?    'X-RAY DIFFRACTION' ? 
r_mcbond_it                  ?      ?      ? ?    'X-RAY DIFFRACTION' ? 
r_mcbond_other               ?      ?      ? ?    'X-RAY DIFFRACTION' ? 
r_mcangle_it                 ?      ?      ? ?    'X-RAY DIFFRACTION' ? 
r_scbond_it                  ?      ?      ? ?    'X-RAY DIFFRACTION' ? 
r_scangle_it                 ?      ?      ? ?    'X-RAY DIFFRACTION' ? 
r_rigid_bond_restr           ?      ?      ? ?    'X-RAY DIFFRACTION' ? 
r_sphericity_free            ?      ?      ? ?    'X-RAY DIFFRACTION' ? 
r_sphericity_bonded          ?      ?      ? ?    'X-RAY DIFFRACTION' ? 
# 
_refine_ls_shell.pdbx_refine_id                   'X-RAY DIFFRACTION' 
_refine_ls_shell.pdbx_total_number_of_bins_used   20 
_refine_ls_shell.d_res_high                       3.006 
_refine_ls_shell.d_res_low                        3.084 
_refine_ls_shell.number_reflns_R_work             181 
_refine_ls_shell.R_factor_R_work                  0.366 
_refine_ls_shell.percent_reflns_obs               97.50 
_refine_ls_shell.R_factor_R_free                  0.307 
_refine_ls_shell.R_factor_R_free_error            ? 
_refine_ls_shell.percent_reflns_R_free            ? 
_refine_ls_shell.number_reflns_R_free             14 
_refine_ls_shell.number_reflns_all                ? 
_refine_ls_shell.R_factor_all                     ? 
_refine_ls_shell.number_reflns_obs                ? 
_refine_ls_shell.redundancy_reflns_obs            ? 
# 
_struct.entry_id                  3UT7 
_struct.title                     'Structural view of a non Pfam singleton and crystal packing analysis' 
_struct.pdbx_model_details        ? 
_struct.pdbx_CASP_flag            ? 
_struct.pdbx_model_type_details   ? 
# 
_struct_keywords.entry_id        3UT7 
_struct_keywords.pdbx_keywords   'UNKNOWN FUNCTION' 
_struct_keywords.text            'a non Pfam singleton, crystal packing analysis, helical fold, Unknown Function' 
# 
loop_
_struct_asym.id 
_struct_asym.pdbx_blank_PDB_chainid_flag 
_struct_asym.pdbx_modified 
_struct_asym.entity_id 
_struct_asym.details 
A N N 1 ? 
B N N 2 ? 
C N N 3 ? 
# 
_struct_ref.id                         1 
_struct_ref.db_name                    UNP 
_struct_ref.db_code                    A3DJ21_CLOTH 
_struct_ref.pdbx_db_accession          A3DJ21 
_struct_ref.entity_id                  1 
_struct_ref.pdbx_seq_one_letter_code   
;MTSLRDLIPKHKFDNSTIDQLCKLIDNEIEPIIFDLLKWLQDYNWPIAKDILPVVVLHQSIAMPHILTILQGNDIMWKYW
VIKLMIPYLIYPNKQLVKSELERLSSLEIINEDIREIVNLSKDSLHFTIPDKHN
;
_struct_ref.pdbx_align_begin           1 
_struct_ref.pdbx_db_isoform            ? 
# 
_struct_ref_seq.align_id                      1 
_struct_ref_seq.ref_id                        1 
_struct_ref_seq.pdbx_PDB_id_code              3UT7 
_struct_ref_seq.pdbx_strand_id                A 
_struct_ref_seq.seq_align_beg                 1 
_struct_ref_seq.pdbx_seq_align_beg_ins_code   ? 
_struct_ref_seq.seq_align_end                 130 
_struct_ref_seq.pdbx_seq_align_end_ins_code   ? 
_struct_ref_seq.pdbx_db_accession             A3DJ21 
_struct_ref_seq.db_align_beg                  1 
_struct_ref_seq.pdbx_db_align_beg_ins_code    ? 
_struct_ref_seq.db_align_end                  130 
_struct_ref_seq.pdbx_db_align_end_ins_code    ? 
_struct_ref_seq.pdbx_auth_seq_align_beg       1 
_struct_ref_seq.pdbx_auth_seq_align_end       130 
# 
loop_
_struct_ref_seq_dif.align_id 
_struct_ref_seq_dif.pdbx_pdb_id_code 
_struct_ref_seq_dif.mon_id 
_struct_ref_seq_dif.pdbx_pdb_strand_id 
_struct_ref_seq_dif.seq_num 
_struct_ref_seq_dif.pdbx_pdb_ins_code 
_struct_ref_seq_dif.pdbx_seq_db_name 
_struct_ref_seq_dif.pdbx_seq_db_accession_code 
_struct_ref_seq_dif.db_mon_id 
_struct_ref_seq_dif.pdbx_seq_db_seq_num 
_struct_ref_seq_dif.details 
_struct_ref_seq_dif.pdbx_auth_seq_num 
_struct_ref_seq_dif.pdbx_ordinal 
1 3UT7 TYR A 124 ? UNP A3DJ21 SER 124 'engineered mutation' 124 1 
1 3UT7 TYR A 128 ? UNP A3DJ21 THR 128 'engineered mutation' 128 2 
1 3UT7 TYR A 129 ? UNP A3DJ21 ILE 129 'engineered mutation' 129 3 
# 
_pdbx_struct_assembly.id                   1 
_pdbx_struct_assembly.details              author_and_software_defined_assembly 
_pdbx_struct_assembly.method_details       PISA 
_pdbx_struct_assembly.oligomeric_details   dimeric 
_pdbx_struct_assembly.oligomeric_count     2 
# 
loop_
_pdbx_struct_assembly_prop.biol_id 
_pdbx_struct_assembly_prop.type 
_pdbx_struct_assembly_prop.value 
_pdbx_struct_assembly_prop.details 
1 'ABSA (A^2)' 2150  ? 
1 MORE         -38   ? 
1 'SSA (A^2)'  11550 ? 
# 
_pdbx_struct_assembly_gen.assembly_id       1 
_pdbx_struct_assembly_gen.oper_expression   1,2 
_pdbx_struct_assembly_gen.asym_id_list      A,B,C 
# 
loop_
_pdbx_struct_oper_list.id 
_pdbx_struct_oper_list.type 
_pdbx_struct_oper_list.name 
_pdbx_struct_oper_list.symmetry_operation 
_pdbx_struct_oper_list.matrix[1][1] 
_pdbx_struct_oper_list.matrix[1][2] 
_pdbx_struct_oper_list.matrix[1][3] 
_pdbx_struct_oper_list.vector[1] 
_pdbx_struct_oper_list.matrix[2][1] 
_pdbx_struct_oper_list.matrix[2][2] 
_pdbx_struct_oper_list.matrix[2][3] 
_pdbx_struct_oper_list.vector[2] 
_pdbx_struct_oper_list.matrix[3][1] 
_pdbx_struct_oper_list.matrix[3][2] 
_pdbx_struct_oper_list.matrix[3][3] 
_pdbx_struct_oper_list.vector[3] 
1 'identity operation'         1_555 x,y,z   1.0000000000  0.0000000000 0.0000000000 0.0000000000  0.0000000000 1.0000000000 0.0000000000 0.0000000000  0.0000000000 0.0000000000 1.0000000000  0.0000000000  
2 'crystal symmetry operation' 5_555 -x,y,-z -0.3920284620 0.8186830650 0.4196090133 -6.3225456496 0.8186830650 0.1024232534 0.5650376237 -5.4351173495 0.4196090133 0.5650376237 -0.7103947914 19.7649861408 
# 
_struct_biol.id        1 
_struct_biol.details   ? 
# 
loop_
_struct_conf.conf_type_id 
_struct_conf.id 
_struct_conf.pdbx_PDB_helix_id 
_struct_conf.beg_label_comp_id 
_struct_conf.beg_label_asym_id 
_struct_conf.beg_label_seq_id 
_struct_conf.pdbx_beg_PDB_ins_code 
_struct_conf.end_label_comp_id 
_struct_conf.end_label_asym_id 
_struct_conf.end_label_seq_id 
_struct_conf.pdbx_end_PDB_ins_code 
_struct_conf.beg_auth_comp_id 
_struct_conf.beg_auth_asym_id 
_struct_conf.beg_auth_seq_id 
_struct_conf.end_auth_comp_id 
_struct_conf.end_auth_asym_id 
_struct_conf.end_auth_seq_id 
_struct_conf.pdbx_PDB_helix_class 
_struct_conf.details 
_struct_conf.pdbx_PDB_helix_length 
HELX_P HELX_P1  1  LEU A 4   ? ILE A 8   ? LEU A 4   ILE A 8   5 ? 5  
HELX_P HELX_P2  2  THR A 17  ? LEU A 24  ? THR A 17  LEU A 24  1 ? 8  
HELX_P HELX_P3  3  ILE A 25  ? LYS A 38  ? ILE A 25  LYS A 38  1 ? 14 
HELX_P HELX_P4  4  TRP A 39  ? ASP A 42  ? TRP A 39  ASP A 42  5 ? 4  
HELX_P HELX_P5  5  TRP A 45  ? HIS A 58  ? TRP A 45  HIS A 58  1 ? 14 
HELX_P HELX_P6  6  ALA A 62  ? GLY A 72  ? ALA A 62  GLY A 72  1 ? 11 
HELX_P HELX_P7  7  ASP A 74  ? ILE A 86  ? ASP A 74  ILE A 86  1 ? 13 
HELX_P HELX_P8  8  PRO A 87  ? LEU A 89  ? PRO A 87  LEU A 89  5 ? 3  
HELX_P HELX_P9  9  ILE A 90  ? LEU A 107 ? ILE A 90  LEU A 107 1 ? 18 
HELX_P HELX_P10 10 ASN A 111 ? TYR A 129 ? ASN A 111 TYR A 129 1 ? 19 
# 
_struct_conf_type.id          HELX_P 
_struct_conf_type.criteria    ? 
_struct_conf_type.reference   ? 
# 
_struct_site.id                   AC1 
_struct_site.pdbx_evidence_code   Software 
_struct_site.pdbx_auth_asym_id    A 
_struct_site.pdbx_auth_comp_id    SO4 
_struct_site.pdbx_auth_seq_id     131 
_struct_site.pdbx_auth_ins_code   ? 
_struct_site.pdbx_num_residues    3 
_struct_site.details              'BINDING SITE FOR RESIDUE SO4 A 131' 
# 
loop_
_struct_site_gen.id 
_struct_site_gen.site_id 
_struct_site_gen.pdbx_num_res 
_struct_site_gen.label_comp_id 
_struct_site_gen.label_asym_id 
_struct_site_gen.label_seq_id 
_struct_site_gen.pdbx_auth_ins_code 
_struct_site_gen.auth_comp_id 
_struct_site_gen.auth_asym_id 
_struct_site_gen.auth_seq_id 
_struct_site_gen.label_atom_id 
_struct_site_gen.label_alt_id 
_struct_site_gen.symmetry 
_struct_site_gen.details 
1 AC1 3 LEU A 4 ? LEU A 4 . ? 1_555 ? 
2 AC1 3 ARG A 5 ? ARG A 5 . ? 1_555 ? 
3 AC1 3 ASP A 6 ? ASP A 6 . ? 1_555 ? 
# 
_pdbx_validate_rmsd_bond.id                        1 
_pdbx_validate_rmsd_bond.PDB_model_num             1 
_pdbx_validate_rmsd_bond.auth_atom_id_1            CE2 
_pdbx_validate_rmsd_bond.auth_asym_id_1            A 
_pdbx_validate_rmsd_bond.auth_comp_id_1            TRP 
_pdbx_validate_rmsd_bond.auth_seq_id_1             77 
_pdbx_validate_rmsd_bond.PDB_ins_code_1            ? 
_pdbx_validate_rmsd_bond.label_alt_id_1            ? 
_pdbx_validate_rmsd_bond.auth_atom_id_2            CD2 
_pdbx_validate_rmsd_bond.auth_asym_id_2            A 
_pdbx_validate_rmsd_bond.auth_comp_id_2            TRP 
_pdbx_validate_rmsd_bond.auth_seq_id_2             77 
_pdbx_validate_rmsd_bond.PDB_ins_code_2            ? 
_pdbx_validate_rmsd_bond.label_alt_id_2            ? 
_pdbx_validate_rmsd_bond.bond_value                1.484 
_pdbx_validate_rmsd_bond.bond_target_value         1.409 
_pdbx_validate_rmsd_bond.bond_deviation            0.075 
_pdbx_validate_rmsd_bond.bond_standard_deviation   0.012 
_pdbx_validate_rmsd_bond.linker_flag               N 
# 
loop_
_pdbx_validate_torsion.id 
_pdbx_validate_torsion.PDB_model_num 
_pdbx_validate_torsion.auth_comp_id 
_pdbx_validate_torsion.auth_asym_id 
_pdbx_validate_torsion.auth_seq_id 
_pdbx_validate_torsion.PDB_ins_code 
_pdbx_validate_torsion.label_alt_id 
_pdbx_validate_torsion.phi 
_pdbx_validate_torsion.psi 
1 1 ASP A 14  ? ? -69.64 87.74  
2 1 ILE A 110 ? ? -75.05 -77.93 
# 
loop_
_pdbx_unobs_or_zero_occ_residues.id 
_pdbx_unobs_or_zero_occ_residues.PDB_model_num 
_pdbx_unobs_or_zero_occ_residues.polymer_flag 
_pdbx_unobs_or_zero_occ_residues.occupancy_flag 
_pdbx_unobs_or_zero_occ_residues.auth_asym_id 
_pdbx_unobs_or_zero_occ_residues.auth_comp_id 
_pdbx_unobs_or_zero_occ_residues.auth_seq_id 
_pdbx_unobs_or_zero_occ_residues.PDB_ins_code 
_pdbx_unobs_or_zero_occ_residues.label_asym_id 
_pdbx_unobs_or_zero_occ_residues.label_comp_id 
_pdbx_unobs_or_zero_occ_residues.label_seq_id 
1 1 Y 1 A MET 1 ? A MET 1 
2 1 Y 1 A THR 2 ? A THR 2 
3 1 Y 1 A SER 3 ? A SER 3 
# 
loop_
_chem_comp_atom.comp_id 
_chem_comp_atom.atom_id 
_chem_comp_atom.type_symbol 
_chem_comp_atom.pdbx_aromatic_flag 
_chem_comp_atom.pdbx_stereo_config 
_chem_comp_atom.pdbx_ordinal 
ALA N    N N N 1   
ALA CA   C N S 2   
ALA C    C N N 3   
ALA O    O N N 4   
ALA CB   C N N 5   
ALA OXT  O N N 6   
ALA H    H N N 7   
ALA H2   H N N 8   
ALA HA   H N N 9   
ALA HB1  H N N 10  
ALA HB2  H N N 11  
ALA HB3  H N N 12  
ALA HXT  H N N 13  
ARG N    N N N 14  
ARG CA   C N S 15  
ARG C    C N N 16  
ARG O    O N N 17  
ARG CB   C N N 18  
ARG CG   C N N 19  
ARG CD   C N N 20  
ARG NE   N N N 21  
ARG CZ   C N N 22  
ARG NH1  N N N 23  
ARG NH2  N N N 24  
ARG OXT  O N N 25  
ARG H    H N N 26  
ARG H2   H N N 27  
ARG HA   H N N 28  
ARG HB2  H N N 29  
ARG HB3  H N N 30  
ARG HG2  H N N 31  
ARG HG3  H N N 32  
ARG HD2  H N N 33  
ARG HD3  H N N 34  
ARG HE   H N N 35  
ARG HH11 H N N 36  
ARG HH12 H N N 37  
ARG HH21 H N N 38  
ARG HH22 H N N 39  
ARG HXT  H N N 40  
ASN N    N N N 41  
ASN CA   C N S 42  
ASN C    C N N 43  
ASN O    O N N 44  
ASN CB   C N N 45  
ASN CG   C N N 46  
ASN OD1  O N N 47  
ASN ND2  N N N 48  
ASN OXT  O N N 49  
ASN H    H N N 50  
ASN H2   H N N 51  
ASN HA   H N N 52  
ASN HB2  H N N 53  
ASN HB3  H N N 54  
ASN HD21 H N N 55  
ASN HD22 H N N 56  
ASN HXT  H N N 57  
ASP N    N N N 58  
ASP CA   C N S 59  
ASP C    C N N 60  
ASP O    O N N 61  
ASP CB   C N N 62  
ASP CG   C N N 63  
ASP OD1  O N N 64  
ASP OD2  O N N 65  
ASP OXT  O N N 66  
ASP H    H N N 67  
ASP H2   H N N 68  
ASP HA   H N N 69  
ASP HB2  H N N 70  
ASP HB3  H N N 71  
ASP HD2  H N N 72  
ASP HXT  H N N 73  
CYS N    N N N 74  
CYS CA   C N R 75  
CYS C    C N N 76  
CYS O    O N N 77  
CYS CB   C N N 78  
CYS SG   S N N 79  
CYS OXT  O N N 80  
CYS H    H N N 81  
CYS H2   H N N 82  
CYS HA   H N N 83  
CYS HB2  H N N 84  
CYS HB3  H N N 85  
CYS HG   H N N 86  
CYS HXT  H N N 87  
GLN N    N N N 88  
GLN CA   C N S 89  
GLN C    C N N 90  
GLN O    O N N 91  
GLN CB   C N N 92  
GLN CG   C N N 93  
GLN CD   C N N 94  
GLN OE1  O N N 95  
GLN NE2  N N N 96  
GLN OXT  O N N 97  
GLN H    H N N 98  
GLN H2   H N N 99  
GLN HA   H N N 100 
GLN HB2  H N N 101 
GLN HB3  H N N 102 
GLN HG2  H N N 103 
GLN HG3  H N N 104 
GLN HE21 H N N 105 
GLN HE22 H N N 106 
GLN HXT  H N N 107 
GLU N    N N N 108 
GLU CA   C N S 109 
GLU C    C N N 110 
GLU O    O N N 111 
GLU CB   C N N 112 
GLU CG   C N N 113 
GLU CD   C N N 114 
GLU OE1  O N N 115 
GLU OE2  O N N 116 
GLU OXT  O N N 117 
GLU H    H N N 118 
GLU H2   H N N 119 
GLU HA   H N N 120 
GLU HB2  H N N 121 
GLU HB3  H N N 122 
GLU HG2  H N N 123 
GLU HG3  H N N 124 
GLU HE2  H N N 125 
GLU HXT  H N N 126 
GLY N    N N N 127 
GLY CA   C N N 128 
GLY C    C N N 129 
GLY O    O N N 130 
GLY OXT  O N N 131 
GLY H    H N N 132 
GLY H2   H N N 133 
GLY HA2  H N N 134 
GLY HA3  H N N 135 
GLY HXT  H N N 136 
HIS N    N N N 137 
HIS CA   C N S 138 
HIS C    C N N 139 
HIS O    O N N 140 
HIS CB   C N N 141 
HIS CG   C Y N 142 
HIS ND1  N Y N 143 
HIS CD2  C Y N 144 
HIS CE1  C Y N 145 
HIS NE2  N Y N 146 
HIS OXT  O N N 147 
HIS H    H N N 148 
HIS H2   H N N 149 
HIS HA   H N N 150 
HIS HB2  H N N 151 
HIS HB3  H N N 152 
HIS HD1  H N N 153 
HIS HD2  H N N 154 
HIS HE1  H N N 155 
HIS HE2  H N N 156 
HIS HXT  H N N 157 
HOH O    O N N 158 
HOH H1   H N N 159 
HOH H2   H N N 160 
ILE N    N N N 161 
ILE CA   C N S 162 
ILE C    C N N 163 
ILE O    O N N 164 
ILE CB   C N S 165 
ILE CG1  C N N 166 
ILE CG2  C N N 167 
ILE CD1  C N N 168 
ILE OXT  O N N 169 
ILE H    H N N 170 
ILE H2   H N N 171 
ILE HA   H N N 172 
ILE HB   H N N 173 
ILE HG12 H N N 174 
ILE HG13 H N N 175 
ILE HG21 H N N 176 
ILE HG22 H N N 177 
ILE HG23 H N N 178 
ILE HD11 H N N 179 
ILE HD12 H N N 180 
ILE HD13 H N N 181 
ILE HXT  H N N 182 
LEU N    N N N 183 
LEU CA   C N S 184 
LEU C    C N N 185 
LEU O    O N N 186 
LEU CB   C N N 187 
LEU CG   C N N 188 
LEU CD1  C N N 189 
LEU CD2  C N N 190 
LEU OXT  O N N 191 
LEU H    H N N 192 
LEU H2   H N N 193 
LEU HA   H N N 194 
LEU HB2  H N N 195 
LEU HB3  H N N 196 
LEU HG   H N N 197 
LEU HD11 H N N 198 
LEU HD12 H N N 199 
LEU HD13 H N N 200 
LEU HD21 H N N 201 
LEU HD22 H N N 202 
LEU HD23 H N N 203 
LEU HXT  H N N 204 
LYS N    N N N 205 
LYS CA   C N S 206 
LYS C    C N N 207 
LYS O    O N N 208 
LYS CB   C N N 209 
LYS CG   C N N 210 
LYS CD   C N N 211 
LYS CE   C N N 212 
LYS NZ   N N N 213 
LYS OXT  O N N 214 
LYS H    H N N 215 
LYS H2   H N N 216 
LYS HA   H N N 217 
LYS HB2  H N N 218 
LYS HB3  H N N 219 
LYS HG2  H N N 220 
LYS HG3  H N N 221 
LYS HD2  H N N 222 
LYS HD3  H N N 223 
LYS HE2  H N N 224 
LYS HE3  H N N 225 
LYS HZ1  H N N 226 
LYS HZ2  H N N 227 
LYS HZ3  H N N 228 
LYS HXT  H N N 229 
MET N    N N N 230 
MET CA   C N S 231 
MET C    C N N 232 
MET O    O N N 233 
MET CB   C N N 234 
MET CG   C N N 235 
MET SD   S N N 236 
MET CE   C N N 237 
MET OXT  O N N 238 
MET H    H N N 239 
MET H2   H N N 240 
MET HA   H N N 241 
MET HB2  H N N 242 
MET HB3  H N N 243 
MET HG2  H N N 244 
MET HG3  H N N 245 
MET HE1  H N N 246 
MET HE2  H N N 247 
MET HE3  H N N 248 
MET HXT  H N N 249 
PHE N    N N N 250 
PHE CA   C N S 251 
PHE C    C N N 252 
PHE O    O N N 253 
PHE CB   C N N 254 
PHE CG   C Y N 255 
PHE CD1  C Y N 256 
PHE CD2  C Y N 257 
PHE CE1  C Y N 258 
PHE CE2  C Y N 259 
PHE CZ   C Y N 260 
PHE OXT  O N N 261 
PHE H    H N N 262 
PHE H2   H N N 263 
PHE HA   H N N 264 
PHE HB2  H N N 265 
PHE HB3  H N N 266 
PHE HD1  H N N 267 
PHE HD2  H N N 268 
PHE HE1  H N N 269 
PHE HE2  H N N 270 
PHE HZ   H N N 271 
PHE HXT  H N N 272 
PRO N    N N N 273 
PRO CA   C N S 274 
PRO C    C N N 275 
PRO O    O N N 276 
PRO CB   C N N 277 
PRO CG   C N N 278 
PRO CD   C N N 279 
PRO OXT  O N N 280 
PRO H    H N N 281 
PRO HA   H N N 282 
PRO HB2  H N N 283 
PRO HB3  H N N 284 
PRO HG2  H N N 285 
PRO HG3  H N N 286 
PRO HD2  H N N 287 
PRO HD3  H N N 288 
PRO HXT  H N N 289 
SER N    N N N 290 
SER CA   C N S 291 
SER C    C N N 292 
SER O    O N N 293 
SER CB   C N N 294 
SER OG   O N N 295 
SER OXT  O N N 296 
SER H    H N N 297 
SER H2   H N N 298 
SER HA   H N N 299 
SER HB2  H N N 300 
SER HB3  H N N 301 
SER HG   H N N 302 
SER HXT  H N N 303 
SO4 S    S N N 304 
SO4 O1   O N N 305 
SO4 O2   O N N 306 
SO4 O3   O N N 307 
SO4 O4   O N N 308 
THR N    N N N 309 
THR CA   C N S 310 
THR C    C N N 311 
THR O    O N N 312 
THR CB   C N R 313 
THR OG1  O N N 314 
THR CG2  C N N 315 
THR OXT  O N N 316 
THR H    H N N 317 
THR H2   H N N 318 
THR HA   H N N 319 
THR HB   H N N 320 
THR HG1  H N N 321 
THR HG21 H N N 322 
THR HG22 H N N 323 
THR HG23 H N N 324 
THR HXT  H N N 325 
TRP N    N N N 326 
TRP CA   C N S 327 
TRP C    C N N 328 
TRP O    O N N 329 
TRP CB   C N N 330 
TRP CG   C Y N 331 
TRP CD1  C Y N 332 
TRP CD2  C Y N 333 
TRP NE1  N Y N 334 
TRP CE2  C Y N 335 
TRP CE3  C Y N 336 
TRP CZ2  C Y N 337 
TRP CZ3  C Y N 338 
TRP CH2  C Y N 339 
TRP OXT  O N N 340 
TRP H    H N N 341 
TRP H2   H N N 342 
TRP HA   H N N 343 
TRP HB2  H N N 344 
TRP HB3  H N N 345 
TRP HD1  H N N 346 
TRP HE1  H N N 347 
TRP HE3  H N N 348 
TRP HZ2  H N N 349 
TRP HZ3  H N N 350 
TRP HH2  H N N 351 
TRP HXT  H N N 352 
TYR N    N N N 353 
TYR CA   C N S 354 
TYR C    C N N 355 
TYR O    O N N 356 
TYR CB   C N N 357 
TYR CG   C Y N 358 
TYR CD1  C Y N 359 
TYR CD2  C Y N 360 
TYR CE1  C Y N 361 
TYR CE2  C Y N 362 
TYR CZ   C Y N 363 
TYR OH   O N N 364 
TYR OXT  O N N 365 
TYR H    H N N 366 
TYR H2   H N N 367 
TYR HA   H N N 368 
TYR HB2  H N N 369 
TYR HB3  H N N 370 
TYR HD1  H N N 371 
TYR HD2  H N N 372 
TYR HE1  H N N 373 
TYR HE2  H N N 374 
TYR HH   H N N 375 
TYR HXT  H N N 376 
VAL N    N N N 377 
VAL CA   C N S 378 
VAL C    C N N 379 
VAL O    O N N 380 
VAL CB   C N N 381 
VAL CG1  C N N 382 
VAL CG2  C N N 383 
VAL OXT  O N N 384 
VAL H    H N N 385 
VAL H2   H N N 386 
VAL HA   H N N 387 
VAL HB   H N N 388 
VAL HG11 H N N 389 
VAL HG12 H N N 390 
VAL HG13 H N N 391 
VAL HG21 H N N 392 
VAL HG22 H N N 393 
VAL HG23 H N N 394 
VAL HXT  H N N 395 
# 
loop_
_chem_comp_bond.comp_id 
_chem_comp_bond.atom_id_1 
_chem_comp_bond.atom_id_2 
_chem_comp_bond.value_order 
_chem_comp_bond.pdbx_aromatic_flag 
_chem_comp_bond.pdbx_stereo_config 
_chem_comp_bond.pdbx_ordinal 
ALA N   CA   sing N N 1   
ALA N   H    sing N N 2   
ALA N   H2   sing N N 3   
ALA CA  C    sing N N 4   
ALA CA  CB   sing N N 5   
ALA CA  HA   sing N N 6   
ALA C   O    doub N N 7   
ALA C   OXT  sing N N 8   
ALA CB  HB1  sing N N 9   
ALA CB  HB2  sing N N 10  
ALA CB  HB3  sing N N 11  
ALA OXT HXT  sing N N 12  
ARG N   CA   sing N N 13  
ARG N   H    sing N N 14  
ARG N   H2   sing N N 15  
ARG CA  C    sing N N 16  
ARG CA  CB   sing N N 17  
ARG CA  HA   sing N N 18  
ARG C   O    doub N N 19  
ARG C   OXT  sing N N 20  
ARG CB  CG   sing N N 21  
ARG CB  HB2  sing N N 22  
ARG CB  HB3  sing N N 23  
ARG CG  CD   sing N N 24  
ARG CG  HG2  sing N N 25  
ARG CG  HG3  sing N N 26  
ARG CD  NE   sing N N 27  
ARG CD  HD2  sing N N 28  
ARG CD  HD3  sing N N 29  
ARG NE  CZ   sing N N 30  
ARG NE  HE   sing N N 31  
ARG CZ  NH1  sing N N 32  
ARG CZ  NH2  doub N N 33  
ARG NH1 HH11 sing N N 34  
ARG NH1 HH12 sing N N 35  
ARG NH2 HH21 sing N N 36  
ARG NH2 HH22 sing N N 37  
ARG OXT HXT  sing N N 38  
ASN N   CA   sing N N 39  
ASN N   H    sing N N 40  
ASN N   H2   sing N N 41  
ASN CA  C    sing N N 42  
ASN CA  CB   sing N N 43  
ASN CA  HA   sing N N 44  
ASN C   O    doub N N 45  
ASN C   OXT  sing N N 46  
ASN CB  CG   sing N N 47  
ASN CB  HB2  sing N N 48  
ASN CB  HB3  sing N N 49  
ASN CG  OD1  doub N N 50  
ASN CG  ND2  sing N N 51  
ASN ND2 HD21 sing N N 52  
ASN ND2 HD22 sing N N 53  
ASN OXT HXT  sing N N 54  
ASP N   CA   sing N N 55  
ASP N   H    sing N N 56  
ASP N   H2   sing N N 57  
ASP CA  C    sing N N 58  
ASP CA  CB   sing N N 59  
ASP CA  HA   sing N N 60  
ASP C   O    doub N N 61  
ASP C   OXT  sing N N 62  
ASP CB  CG   sing N N 63  
ASP CB  HB2  sing N N 64  
ASP CB  HB3  sing N N 65  
ASP CG  OD1  doub N N 66  
ASP CG  OD2  sing N N 67  
ASP OD2 HD2  sing N N 68  
ASP OXT HXT  sing N N 69  
CYS N   CA   sing N N 70  
CYS N   H    sing N N 71  
CYS N   H2   sing N N 72  
CYS CA  C    sing N N 73  
CYS CA  CB   sing N N 74  
CYS CA  HA   sing N N 75  
CYS C   O    doub N N 76  
CYS C   OXT  sing N N 77  
CYS CB  SG   sing N N 78  
CYS CB  HB2  sing N N 79  
CYS CB  HB3  sing N N 80  
CYS SG  HG   sing N N 81  
CYS OXT HXT  sing N N 82  
GLN N   CA   sing N N 83  
GLN N   H    sing N N 84  
GLN N   H2   sing N N 85  
GLN CA  C    sing N N 86  
GLN CA  CB   sing N N 87  
GLN CA  HA   sing N N 88  
GLN C   O    doub N N 89  
GLN C   OXT  sing N N 90  
GLN CB  CG   sing N N 91  
GLN CB  HB2  sing N N 92  
GLN CB  HB3  sing N N 93  
GLN CG  CD   sing N N 94  
GLN CG  HG2  sing N N 95  
GLN CG  HG3  sing N N 96  
GLN CD  OE1  doub N N 97  
GLN CD  NE2  sing N N 98  
GLN NE2 HE21 sing N N 99  
GLN NE2 HE22 sing N N 100 
GLN OXT HXT  sing N N 101 
GLU N   CA   sing N N 102 
GLU N   H    sing N N 103 
GLU N   H2   sing N N 104 
GLU CA  C    sing N N 105 
GLU CA  CB   sing N N 106 
GLU CA  HA   sing N N 107 
GLU C   O    doub N N 108 
GLU C   OXT  sing N N 109 
GLU CB  CG   sing N N 110 
GLU CB  HB2  sing N N 111 
GLU CB  HB3  sing N N 112 
GLU CG  CD   sing N N 113 
GLU CG  HG2  sing N N 114 
GLU CG  HG3  sing N N 115 
GLU CD  OE1  doub N N 116 
GLU CD  OE2  sing N N 117 
GLU OE2 HE2  sing N N 118 
GLU OXT HXT  sing N N 119 
GLY N   CA   sing N N 120 
GLY N   H    sing N N 121 
GLY N   H2   sing N N 122 
GLY CA  C    sing N N 123 
GLY CA  HA2  sing N N 124 
GLY CA  HA3  sing N N 125 
GLY C   O    doub N N 126 
GLY C   OXT  sing N N 127 
GLY OXT HXT  sing N N 128 
HIS N   CA   sing N N 129 
HIS N   H    sing N N 130 
HIS N   H2   sing N N 131 
HIS CA  C    sing N N 132 
HIS CA  CB   sing N N 133 
HIS CA  HA   sing N N 134 
HIS C   O    doub N N 135 
HIS C   OXT  sing N N 136 
HIS CB  CG   sing N N 137 
HIS CB  HB2  sing N N 138 
HIS CB  HB3  sing N N 139 
HIS CG  ND1  sing Y N 140 
HIS CG  CD2  doub Y N 141 
HIS ND1 CE1  doub Y N 142 
HIS ND1 HD1  sing N N 143 
HIS CD2 NE2  sing Y N 144 
HIS CD2 HD2  sing N N 145 
HIS CE1 NE2  sing Y N 146 
HIS CE1 HE1  sing N N 147 
HIS NE2 HE2  sing N N 148 
HIS OXT HXT  sing N N 149 
HOH O   H1   sing N N 150 
HOH O   H2   sing N N 151 
ILE N   CA   sing N N 152 
ILE N   H    sing N N 153 
ILE N   H2   sing N N 154 
ILE CA  C    sing N N 155 
ILE CA  CB   sing N N 156 
ILE CA  HA   sing N N 157 
ILE C   O    doub N N 158 
ILE C   OXT  sing N N 159 
ILE CB  CG1  sing N N 160 
ILE CB  CG2  sing N N 161 
ILE CB  HB   sing N N 162 
ILE CG1 CD1  sing N N 163 
ILE CG1 HG12 sing N N 164 
ILE CG1 HG13 sing N N 165 
ILE CG2 HG21 sing N N 166 
ILE CG2 HG22 sing N N 167 
ILE CG2 HG23 sing N N 168 
ILE CD1 HD11 sing N N 169 
ILE CD1 HD12 sing N N 170 
ILE CD1 HD13 sing N N 171 
ILE OXT HXT  sing N N 172 
LEU N   CA   sing N N 173 
LEU N   H    sing N N 174 
LEU N   H2   sing N N 175 
LEU CA  C    sing N N 176 
LEU CA  CB   sing N N 177 
LEU CA  HA   sing N N 178 
LEU C   O    doub N N 179 
LEU C   OXT  sing N N 180 
LEU CB  CG   sing N N 181 
LEU CB  HB2  sing N N 182 
LEU CB  HB3  sing N N 183 
LEU CG  CD1  sing N N 184 
LEU CG  CD2  sing N N 185 
LEU CG  HG   sing N N 186 
LEU CD1 HD11 sing N N 187 
LEU CD1 HD12 sing N N 188 
LEU CD1 HD13 sing N N 189 
LEU CD2 HD21 sing N N 190 
LEU CD2 HD22 sing N N 191 
LEU CD2 HD23 sing N N 192 
LEU OXT HXT  sing N N 193 
LYS N   CA   sing N N 194 
LYS N   H    sing N N 195 
LYS N   H2   sing N N 196 
LYS CA  C    sing N N 197 
LYS CA  CB   sing N N 198 
LYS CA  HA   sing N N 199 
LYS C   O    doub N N 200 
LYS C   OXT  sing N N 201 
LYS CB  CG   sing N N 202 
LYS CB  HB2  sing N N 203 
LYS CB  HB3  sing N N 204 
LYS CG  CD   sing N N 205 
LYS CG  HG2  sing N N 206 
LYS CG  HG3  sing N N 207 
LYS CD  CE   sing N N 208 
LYS CD  HD2  sing N N 209 
LYS CD  HD3  sing N N 210 
LYS CE  NZ   sing N N 211 
LYS CE  HE2  sing N N 212 
LYS CE  HE3  sing N N 213 
LYS NZ  HZ1  sing N N 214 
LYS NZ  HZ2  sing N N 215 
LYS NZ  HZ3  sing N N 216 
LYS OXT HXT  sing N N 217 
MET N   CA   sing N N 218 
MET N   H    sing N N 219 
MET N   H2   sing N N 220 
MET CA  C    sing N N 221 
MET CA  CB   sing N N 222 
MET CA  HA   sing N N 223 
MET C   O    doub N N 224 
MET C   OXT  sing N N 225 
MET CB  CG   sing N N 226 
MET CB  HB2  sing N N 227 
MET CB  HB3  sing N N 228 
MET CG  SD   sing N N 229 
MET CG  HG2  sing N N 230 
MET CG  HG3  sing N N 231 
MET SD  CE   sing N N 232 
MET CE  HE1  sing N N 233 
MET CE  HE2  sing N N 234 
MET CE  HE3  sing N N 235 
MET OXT HXT  sing N N 236 
PHE N   CA   sing N N 237 
PHE N   H    sing N N 238 
PHE N   H2   sing N N 239 
PHE CA  C    sing N N 240 
PHE CA  CB   sing N N 241 
PHE CA  HA   sing N N 242 
PHE C   O    doub N N 243 
PHE C   OXT  sing N N 244 
PHE CB  CG   sing N N 245 
PHE CB  HB2  sing N N 246 
PHE CB  HB3  sing N N 247 
PHE CG  CD1  doub Y N 248 
PHE CG  CD2  sing Y N 249 
PHE CD1 CE1  sing Y N 250 
PHE CD1 HD1  sing N N 251 
PHE CD2 CE2  doub Y N 252 
PHE CD2 HD2  sing N N 253 
PHE CE1 CZ   doub Y N 254 
PHE CE1 HE1  sing N N 255 
PHE CE2 CZ   sing Y N 256 
PHE CE2 HE2  sing N N 257 
PHE CZ  HZ   sing N N 258 
PHE OXT HXT  sing N N 259 
PRO N   CA   sing N N 260 
PRO N   CD   sing N N 261 
PRO N   H    sing N N 262 
PRO CA  C    sing N N 263 
PRO CA  CB   sing N N 264 
PRO CA  HA   sing N N 265 
PRO C   O    doub N N 266 
PRO C   OXT  sing N N 267 
PRO CB  CG   sing N N 268 
PRO CB  HB2  sing N N 269 
PRO CB  HB3  sing N N 270 
PRO CG  CD   sing N N 271 
PRO CG  HG2  sing N N 272 
PRO CG  HG3  sing N N 273 
PRO CD  HD2  sing N N 274 
PRO CD  HD3  sing N N 275 
PRO OXT HXT  sing N N 276 
SER N   CA   sing N N 277 
SER N   H    sing N N 278 
SER N   H2   sing N N 279 
SER CA  C    sing N N 280 
SER CA  CB   sing N N 281 
SER CA  HA   sing N N 282 
SER C   O    doub N N 283 
SER C   OXT  sing N N 284 
SER CB  OG   sing N N 285 
SER CB  HB2  sing N N 286 
SER CB  HB3  sing N N 287 
SER OG  HG   sing N N 288 
SER OXT HXT  sing N N 289 
SO4 S   O1   doub N N 290 
SO4 S   O2   doub N N 291 
SO4 S   O3   sing N N 292 
SO4 S   O4   sing N N 293 
THR N   CA   sing N N 294 
THR N   H    sing N N 295 
THR N   H2   sing N N 296 
THR CA  C    sing N N 297 
THR CA  CB   sing N N 298 
THR CA  HA   sing N N 299 
THR C   O    doub N N 300 
THR C   OXT  sing N N 301 
THR CB  OG1  sing N N 302 
THR CB  CG2  sing N N 303 
THR CB  HB   sing N N 304 
THR OG1 HG1  sing N N 305 
THR CG2 HG21 sing N N 306 
THR CG2 HG22 sing N N 307 
THR CG2 HG23 sing N N 308 
THR OXT HXT  sing N N 309 
TRP N   CA   sing N N 310 
TRP N   H    sing N N 311 
TRP N   H2   sing N N 312 
TRP CA  C    sing N N 313 
TRP CA  CB   sing N N 314 
TRP CA  HA   sing N N 315 
TRP C   O    doub N N 316 
TRP C   OXT  sing N N 317 
TRP CB  CG   sing N N 318 
TRP CB  HB2  sing N N 319 
TRP CB  HB3  sing N N 320 
TRP CG  CD1  doub Y N 321 
TRP CG  CD2  sing Y N 322 
TRP CD1 NE1  sing Y N 323 
TRP CD1 HD1  sing N N 324 
TRP CD2 CE2  doub Y N 325 
TRP CD2 CE3  sing Y N 326 
TRP NE1 CE2  sing Y N 327 
TRP NE1 HE1  sing N N 328 
TRP CE2 CZ2  sing Y N 329 
TRP CE3 CZ3  doub Y N 330 
TRP CE3 HE3  sing N N 331 
TRP CZ2 CH2  doub Y N 332 
TRP CZ2 HZ2  sing N N 333 
TRP CZ3 CH2  sing Y N 334 
TRP CZ3 HZ3  sing N N 335 
TRP CH2 HH2  sing N N 336 
TRP OXT HXT  sing N N 337 
TYR N   CA   sing N N 338 
TYR N   H    sing N N 339 
TYR N   H2   sing N N 340 
TYR CA  C    sing N N 341 
TYR CA  CB   sing N N 342 
TYR CA  HA   sing N N 343 
TYR C   O    doub N N 344 
TYR C   OXT  sing N N 345 
TYR CB  CG   sing N N 346 
TYR CB  HB2  sing N N 347 
TYR CB  HB3  sing N N 348 
TYR CG  CD1  doub Y N 349 
TYR CG  CD2  sing Y N 350 
TYR CD1 CE1  sing Y N 351 
TYR CD1 HD1  sing N N 352 
TYR CD2 CE2  doub Y N 353 
TYR CD2 HD2  sing N N 354 
TYR CE1 CZ   doub Y N 355 
TYR CE1 HE1  sing N N 356 
TYR CE2 CZ   sing Y N 357 
TYR CE2 HE2  sing N N 358 
TYR CZ  OH   sing N N 359 
TYR OH  HH   sing N N 360 
TYR OXT HXT  sing N N 361 
VAL N   CA   sing N N 362 
VAL N   H    sing N N 363 
VAL N   H2   sing N N 364 
VAL CA  C    sing N N 365 
VAL CA  CB   sing N N 366 
VAL CA  HA   sing N N 367 
VAL C   O    doub N N 368 
VAL C   OXT  sing N N 369 
VAL CB  CG1  sing N N 370 
VAL CB  CG2  sing N N 371 
VAL CB  HB   sing N N 372 
VAL CG1 HG11 sing N N 373 
VAL CG1 HG12 sing N N 374 
VAL CG1 HG13 sing N N 375 
VAL CG2 HG21 sing N N 376 
VAL CG2 HG22 sing N N 377 
VAL CG2 HG23 sing N N 378 
VAL OXT HXT  sing N N 379 
# 
_atom_sites.entry_id                    3UT7 
_atom_sites.fract_transf_matrix[1][1]   0.02194693 
_atom_sites.fract_transf_matrix[1][2]   -0.01488086 
_atom_sites.fract_transf_matrix[1][3]   -0.00276544 
_atom_sites.fract_transf_matrix[2][1]   -0.01469897 
_atom_sites.fract_transf_matrix[2][2]   -0.01979335 
_atom_sites.fract_transf_matrix[2][3]   -0.01014491 
_atom_sites.fract_transf_matrix[3][1]   0.00079757 
_atom_sites.fract_transf_matrix[3][2]   0.00218232 
_atom_sites.fract_transf_matrix[3][3]   -0.00541343 
_atom_sites.fract_transf_vector[1]      0.056270 
_atom_sites.fract_transf_vector[2]      -0.297037 
_atom_sites.fract_transf_vector[3]      0.061950 
# 
loop_
_atom_type.symbol 
C 
N 
O 
S 
# 
loop_
_atom_site.group_PDB 
_atom_site.id 
_atom_site.type_symbol 
_atom_site.label_atom_id 
_atom_site.label_alt_id 
_atom_site.label_comp_id 
_atom_site.label_asym_id 
_atom_site.label_entity_id 
_atom_site.label_seq_id 
_atom_site.pdbx_PDB_ins_code 
_atom_site.Cartn_x 
_atom_site.Cartn_y 
_atom_site.Cartn_z 
_atom_site.occupancy 
_atom_site.B_iso_or_equiv 
_atom_site.pdbx_formal_charge 
_atom_site.auth_seq_id 
_atom_site.auth_comp_id 
_atom_site.auth_asym_id 
_atom_site.auth_atom_id 
_atom_site.pdbx_PDB_model_num 
ATOM   1    N N   . LEU A 1 4   ? -17.809 -2.970  -12.022 1.00 56.22 ? 4   LEU A N   1 
ATOM   2    C CA  . LEU A 1 4   ? -17.173 -2.932  -10.673 1.00 54.26 ? 4   LEU A CA  1 
ATOM   3    C C   . LEU A 1 4   ? -16.362 -1.658  -10.534 1.00 55.39 ? 4   LEU A C   1 
ATOM   4    O O   . LEU A 1 4   ? -16.187 -1.144  -9.428  1.00 53.92 ? 4   LEU A O   1 
ATOM   5    C CB  . LEU A 1 4   ? -16.270 -4.149  -10.477 1.00 56.37 ? 4   LEU A CB  1 
ATOM   6    C CG  . LEU A 1 4   ? -15.792 -4.585  -9.083  1.00 57.99 ? 4   LEU A CG  1 
ATOM   7    C CD1 . LEU A 1 4   ? -16.919 -5.254  -8.278  1.00 54.50 ? 4   LEU A CD1 1 
ATOM   8    C CD2 . LEU A 1 4   ? -14.563 -5.500  -9.216  1.00 55.33 ? 4   LEU A CD2 1 
ATOM   9    N N   . ARG A 1 5   ? -15.868 -1.147  -11.664 1.00 54.05 ? 5   ARG A N   1 
ATOM   10   C CA  . ARG A 1 5   ? -15.077 0.080   -11.652 1.00 51.00 ? 5   ARG A CA  1 
ATOM   11   C C   . ARG A 1 5   ? -15.862 1.245   -11.011 1.00 51.77 ? 5   ARG A C   1 
ATOM   12   O O   . ARG A 1 5   ? -15.283 2.051   -10.291 1.00 55.34 ? 5   ARG A O   1 
ATOM   13   C CB  . ARG A 1 5   ? -14.524 0.409   -13.053 1.00 45.73 ? 5   ARG A CB  1 
ATOM   14   N N   . ASP A 1 6   ? -17.179 1.313   -11.226 1.00 52.04 ? 6   ASP A N   1 
ATOM   15   C CA  . ASP A 1 6   ? -18.017 2.311   -10.535 1.00 52.15 ? 6   ASP A CA  1 
ATOM   16   C C   . ASP A 1 6   ? -17.800 2.273   -9.001  1.00 51.33 ? 6   ASP A C   1 
ATOM   17   O O   . ASP A 1 6   ? -18.121 3.246   -8.293  1.00 49.98 ? 6   ASP A O   1 
ATOM   18   C CB  . ASP A 1 6   ? -19.506 2.132   -10.890 1.00 49.05 ? 6   ASP A CB  1 
ATOM   19   N N   . LEU A 1 7   ? -17.242 1.158   -8.509  1.00 46.73 ? 7   LEU A N   1 
ATOM   20   C CA  . LEU A 1 7   ? -16.982 0.966   -7.078  1.00 44.21 ? 7   LEU A CA  1 
ATOM   21   C C   . LEU A 1 7   ? -15.772 1.721   -6.554  1.00 44.36 ? 7   LEU A C   1 
ATOM   22   O O   . LEU A 1 7   ? -15.603 1.850   -5.341  1.00 43.51 ? 7   LEU A O   1 
ATOM   23   C CB  . LEU A 1 7   ? -16.833 -0.512  -6.728  1.00 41.97 ? 7   LEU A CB  1 
ATOM   24   C CG  . LEU A 1 7   ? -18.096 -1.337  -6.526  1.00 43.80 ? 7   LEU A CG  1 
ATOM   25   C CD1 . LEU A 1 7   ? -17.742 -2.536  -5.672  1.00 46.14 ? 7   LEU A CD1 1 
ATOM   26   C CD2 . LEU A 1 7   ? -19.194 -0.549  -5.835  1.00 46.13 ? 7   LEU A CD2 1 
ATOM   27   N N   . ILE A 1 8   ? -14.930 2.210   -7.463  1.00 43.71 ? 8   ILE A N   1 
ATOM   28   C CA  . ILE A 1 8   ? -13.730 2.960   -7.089  1.00 42.55 ? 8   ILE A CA  1 
ATOM   29   C C   . ILE A 1 8   ? -14.137 4.368   -6.668  1.00 41.44 ? 8   ILE A C   1 
ATOM   30   O O   . ILE A 1 8   ? -14.912 5.009   -7.392  1.00 42.09 ? 8   ILE A O   1 
ATOM   31   C CB  . ILE A 1 8   ? -12.712 3.062   -8.270  1.00 44.17 ? 8   ILE A CB  1 
ATOM   32   C CG1 . ILE A 1 8   ? -12.528 1.714   -8.998  1.00 42.89 ? 8   ILE A CG1 1 
ATOM   33   C CG2 . ILE A 1 8   ? -11.356 3.607   -7.802  1.00 45.51 ? 8   ILE A CG2 1 
ATOM   34   C CD1 . ILE A 1 8   ? -11.904 1.854   -10.371 1.00 39.95 ? 8   ILE A CD1 1 
ATOM   35   N N   . PRO A 1 9   ? -13.625 4.854   -5.509  1.00 41.22 ? 9   PRO A N   1 
ATOM   36   C CA  . PRO A 1 9   ? -13.778 6.264   -5.117  1.00 42.28 ? 9   PRO A CA  1 
ATOM   37   C C   . PRO A 1 9   ? -13.403 7.175   -6.286  1.00 43.46 ? 9   PRO A C   1 
ATOM   38   O O   . PRO A 1 9   ? -12.367 6.942   -6.938  1.00 42.12 ? 9   PRO A O   1 
ATOM   39   C CB  . PRO A 1 9   ? -12.770 6.446   -3.976  1.00 41.74 ? 9   PRO A CB  1 
ATOM   40   C CG  . PRO A 1 9   ? -12.524 5.090   -3.439  1.00 42.06 ? 9   PRO A CG  1 
ATOM   41   C CD  . PRO A 1 9   ? -12.919 4.071   -4.478  1.00 42.81 ? 9   PRO A CD  1 
ATOM   42   N N   . LYS A 1 10  ? -14.257 8.176   -6.548  1.00 43.97 ? 10  LYS A N   1 
ATOM   43   C CA  . LYS A 1 10  ? -14.122 9.093   -7.693  1.00 43.19 ? 10  LYS A CA  1 
ATOM   44   C C   . LYS A 1 10  ? -13.350 10.358  -7.303  1.00 42.12 ? 10  LYS A C   1 
ATOM   45   O O   . LYS A 1 10  ? -12.909 11.131  -8.163  1.00 44.75 ? 10  LYS A O   1 
ATOM   46   C CB  . LYS A 1 10  ? -15.487 9.482   -8.273  1.00 44.63 ? 10  LYS A CB  1 
ATOM   47   C CG  . LYS A 1 10  ? -16.568 8.419   -8.185  1.00 48.20 ? 10  LYS A CG  1 
ATOM   48   C CD  . LYS A 1 10  ? -16.722 7.555   -9.426  1.00 47.72 ? 10  LYS A CD  1 
ATOM   49   C CE  . LYS A 1 10  ? -18.044 6.796   -9.332  1.00 49.76 ? 10  LYS A CE  1 
ATOM   50   N NZ  . LYS A 1 10  ? -18.196 6.112   -8.003  1.00 49.81 ? 10  LYS A NZ  1 
ATOM   51   N N   . HIS A 1 11  ? -13.185 10.571  -6.008  1.00 37.45 ? 11  HIS A N   1 
ATOM   52   C CA  . HIS A 1 11  ? -12.311 11.622  -5.561  1.00 36.19 ? 11  HIS A CA  1 
ATOM   53   C C   . HIS A 1 11  ? -11.859 11.425  -4.146  1.00 36.26 ? 11  HIS A C   1 
ATOM   54   O O   . HIS A 1 11  ? -12.225 10.444  -3.464  1.00 33.67 ? 11  HIS A O   1 
ATOM   55   C CB  . HIS A 1 11  ? -12.970 12.985  -5.734  1.00 37.30 ? 11  HIS A CB  1 
ATOM   56   C CG  . HIS A 1 11  ? -14.119 13.226  -4.780  1.00 37.72 ? 11  HIS A CG  1 
ATOM   57   N ND1 . HIS A 1 11  ? -15.371 12.781  -5.019  1.00 37.06 ? 11  HIS A ND1 1 
ATOM   58   C CD2 . HIS A 1 11  ? -14.159 13.873  -3.547  1.00 36.18 ? 11  HIS A CD2 1 
ATOM   59   C CE1 . HIS A 1 11  ? -16.166 13.129  -3.996  1.00 36.61 ? 11  HIS A CE1 1 
ATOM   60   N NE2 . HIS A 1 11  ? -15.421 13.790  -3.095  1.00 38.01 ? 11  HIS A NE2 1 
ATOM   61   N N   . LYS A 1 12  ? -11.079 12.413  -3.709  1.00 36.34 ? 12  LYS A N   1 
ATOM   62   C CA  . LYS A 1 12  ? -10.373 12.443  -2.440  1.00 36.65 ? 12  LYS A CA  1 
ATOM   63   C C   . LYS A 1 12  ? -11.197 12.250  -1.122  1.00 38.44 ? 12  LYS A C   1 
ATOM   64   O O   . LYS A 1 12  ? -10.611 11.916  -0.081  1.00 38.42 ? 12  LYS A O   1 
ATOM   65   C CB  . LYS A 1 12  ? -9.574  13.735  -2.441  1.00 36.87 ? 12  LYS A CB  1 
ATOM   66   C CG  . LYS A 1 12  ? -9.233  14.338  -1.096  1.00 39.96 ? 12  LYS A CG  1 
ATOM   67   C CD  . LYS A 1 12  ? -8.506  15.643  -1.341  1.00 44.31 ? 12  LYS A CD  1 
ATOM   68   C CE  . LYS A 1 12  ? -7.650  15.517  -2.594  1.00 51.35 ? 12  LYS A CE  1 
ATOM   69   N NZ  . LYS A 1 12  ? -7.356  16.842  -3.214  1.00 60.30 ? 12  LYS A NZ  1 
ATOM   70   N N   . PHE A 1 13  ? -12.527 12.442  -1.157  1.00 37.83 ? 13  PHE A N   1 
ATOM   71   C CA  . PHE A 1 13  ? -13.368 12.326  0.055   1.00 34.46 ? 13  PHE A CA  1 
ATOM   72   C C   . PHE A 1 13  ? -14.436 11.281  -0.092  1.00 38.03 ? 13  PHE A C   1 
ATOM   73   O O   . PHE A 1 13  ? -15.200 11.037  0.860   1.00 38.81 ? 13  PHE A O   1 
ATOM   74   C CB  . PHE A 1 13  ? -14.053 13.631  0.363   1.00 30.55 ? 13  PHE A CB  1 
ATOM   75   C CG  . PHE A 1 13  ? -13.130 14.802  0.355   1.00 30.18 ? 13  PHE A CG  1 
ATOM   76   C CD1 . PHE A 1 13  ? -12.549 15.249  1.542   1.00 28.32 ? 13  PHE A CD1 1 
ATOM   77   C CD2 . PHE A 1 13  ? -12.832 15.467  -0.851  1.00 29.47 ? 13  PHE A CD2 1 
ATOM   78   C CE1 . PHE A 1 13  ? -11.696 16.327  1.534   1.00 27.93 ? 13  PHE A CE1 1 
ATOM   79   C CE2 . PHE A 1 13  ? -11.975 16.550  -0.866  1.00 28.08 ? 13  PHE A CE2 1 
ATOM   80   C CZ  . PHE A 1 13  ? -11.409 16.974  0.327   1.00 29.21 ? 13  PHE A CZ  1 
ATOM   81   N N   . ASP A 1 14  ? -14.447 10.652  -1.269  1.00 39.39 ? 14  ASP A N   1 
ATOM   82   C CA  . ASP A 1 14  ? -15.493 9.743   -1.687  1.00 42.96 ? 14  ASP A CA  1 
ATOM   83   C C   . ASP A 1 14  ? -15.583 8.389   -0.960  1.00 46.47 ? 14  ASP A C   1 
ATOM   84   O O   . ASP A 1 14  ? -15.052 7.365   -1.429  1.00 46.79 ? 14  ASP A O   1 
ATOM   85   C CB  . ASP A 1 14  ? -15.382 9.503   -3.180  1.00 43.14 ? 14  ASP A CB  1 
ATOM   86   C CG  . ASP A 1 14  ? -16.640 8.924   -3.747  1.00 45.24 ? 14  ASP A CG  1 
ATOM   87   O OD1 . ASP A 1 14  ? -17.708 9.110   -3.129  1.00 46.88 ? 14  ASP A OD1 1 
ATOM   88   O OD2 . ASP A 1 14  ? -16.573 8.280   -4.797  1.00 47.03 ? 14  ASP A OD2 1 
ATOM   89   N N   . ASN A 1 15  ? -16.325 8.384   0.146   1.00 49.99 ? 15  ASN A N   1 
ATOM   90   C CA  . ASN A 1 15  ? -16.504 7.172   0.967   1.00 55.30 ? 15  ASN A CA  1 
ATOM   91   C C   . ASN A 1 15  ? -17.726 6.320   0.588   1.00 55.26 ? 15  ASN A C   1 
ATOM   92   O O   . ASN A 1 15  ? -18.141 5.421   1.334   1.00 52.26 ? 15  ASN A O   1 
ATOM   93   C CB  . ASN A 1 15  ? -16.547 7.539   2.463   1.00 56.88 ? 15  ASN A CB  1 
ATOM   94   C CG  . ASN A 1 15  ? -17.731 8.424   2.826   1.00 56.52 ? 15  ASN A CG  1 
ATOM   95   O OD1 . ASN A 1 15  ? -18.866 8.165   2.431   1.00 54.76 ? 15  ASN A OD1 1 
ATOM   96   N ND2 . ASN A 1 15  ? -17.465 9.470   3.599   1.00 60.93 ? 15  ASN A ND2 1 
ATOM   97   N N   . SER A 1 16  ? -18.280 6.602   -0.583  1.00 56.44 ? 16  SER A N   1 
ATOM   98   C CA  . SER A 1 16  ? -19.622 6.144   -0.946  1.00 58.78 ? 16  SER A CA  1 
ATOM   99   C C   . SER A 1 16  ? -19.726 4.663   -1.268  1.00 56.00 ? 16  SER A C   1 
ATOM   100  O O   . SER A 1 16  ? -20.788 4.061   -1.134  1.00 52.81 ? 16  SER A O   1 
ATOM   101  C CB  . SER A 1 16  ? -20.130 6.965   -2.124  1.00 58.28 ? 16  SER A CB  1 
ATOM   102  O OG  . SER A 1 16  ? -19.945 8.335   -1.828  1.00 61.84 ? 16  SER A OG  1 
ATOM   103  N N   . THR A 1 17  ? -18.616 4.078   -1.681  1.00 53.83 ? 17  THR A N   1 
ATOM   104  C CA  . THR A 1 17  ? -18.655 2.734   -2.197  1.00 53.41 ? 17  THR A CA  1 
ATOM   105  C C   . THR A 1 17  ? -18.111 1.744   -1.177  1.00 55.54 ? 17  THR A C   1 
ATOM   106  O O   . THR A 1 17  ? -18.109 0.543   -1.430  1.00 57.41 ? 17  THR A O   1 
ATOM   107  C CB  . THR A 1 17  ? -17.838 2.651   -3.489  1.00 50.37 ? 17  THR A CB  1 
ATOM   108  O OG1 . THR A 1 17  ? -16.489 3.020   -3.192  1.00 48.01 ? 17  THR A OG1 1 
ATOM   109  C CG2 . THR A 1 17  ? -18.412 3.608   -4.554  1.00 47.50 ? 17  THR A CG2 1 
ATOM   110  N N   . ILE A 1 18  ? -17.674 2.249   -0.020  1.00 57.11 ? 18  ILE A N   1 
ATOM   111  C CA  . ILE A 1 18  ? -16.963 1.431   0.990   1.00 54.04 ? 18  ILE A CA  1 
ATOM   112  C C   . ILE A 1 18  ? -17.835 0.291   1.506   1.00 53.22 ? 18  ILE A C   1 
ATOM   113  O O   . ILE A 1 18  ? -17.507 -0.883  1.335   1.00 51.96 ? 18  ILE A O   1 
ATOM   114  C CB  . ILE A 1 18  ? -16.436 2.269   2.187   1.00 51.21 ? 18  ILE A CB  1 
ATOM   115  C CG1 . ILE A 1 18  ? -15.593 3.482   1.731   1.00 49.57 ? 18  ILE A CG1 1 
ATOM   116  C CG2 . ILE A 1 18  ? -15.664 1.389   3.151   1.00 54.43 ? 18  ILE A CG2 1 
ATOM   117  C CD1 . ILE A 1 18  ? -14.536 3.210   0.679   1.00 46.61 ? 18  ILE A CD1 1 
ATOM   118  N N   . ASP A 1 19  ? -18.952 0.646   2.131   1.00 53.79 ? 19  ASP A N   1 
ATOM   119  C CA  . ASP A 1 19  ? -19.943 -0.335  2.535   1.00 52.69 ? 19  ASP A CA  1 
ATOM   120  C C   . ASP A 1 19  ? -20.193 -1.366  1.394   1.00 52.53 ? 19  ASP A C   1 
ATOM   121  O O   . ASP A 1 19  ? -20.339 -2.557  1.647   1.00 52.47 ? 19  ASP A O   1 
ATOM   122  C CB  . ASP A 1 19  ? -21.219 0.391   2.988   1.00 50.82 ? 19  ASP A CB  1 
ATOM   123  N N   . GLN A 1 20  ? -20.191 -0.910  0.142   1.00 54.33 ? 20  GLN A N   1 
ATOM   124  C CA  . GLN A 1 20  ? -20.362 -1.806  -1.016  1.00 56.89 ? 20  GLN A CA  1 
ATOM   125  C C   . GLN A 1 20  ? -19.089 -2.615  -1.371  1.00 58.58 ? 20  GLN A C   1 
ATOM   126  O O   . GLN A 1 20  ? -19.166 -3.654  -2.040  1.00 63.71 ? 20  GLN A O   1 
ATOM   127  C CB  . GLN A 1 20  ? -20.895 -1.028  -2.237  1.00 55.89 ? 20  GLN A CB  1 
ATOM   128  N N   . LEU A 1 21  ? -17.925 -2.144  -0.927  1.00 55.15 ? 21  LEU A N   1 
ATOM   129  C CA  . LEU A 1 21  ? -16.675 -2.885  -1.125  1.00 53.96 ? 21  LEU A CA  1 
ATOM   130  C C   . LEU A 1 21  ? -16.481 -3.894  -0.003  1.00 54.78 ? 21  LEU A C   1 
ATOM   131  O O   . LEU A 1 21  ? -15.865 -4.941  -0.200  1.00 54.99 ? 21  LEU A O   1 
ATOM   132  C CB  . LEU A 1 21  ? -15.463 -1.946  -1.159  1.00 50.59 ? 21  LEU A CB  1 
ATOM   133  C CG  . LEU A 1 21  ? -15.201 -0.987  -2.323  1.00 49.98 ? 21  LEU A CG  1 
ATOM   134  C CD1 . LEU A 1 21  ? -14.080 -0.018  -1.953  1.00 49.10 ? 21  LEU A CD1 1 
ATOM   135  C CD2 . LEU A 1 21  ? -14.885 -1.715  -3.625  1.00 46.98 ? 21  LEU A CD2 1 
ATOM   136  N N   . CYS A 1 22  ? -16.988 -3.555  1.181   1.00 55.45 ? 22  CYS A N   1 
ATOM   137  C CA  A CYS A 1 22  ? -16.873 -4.460  2.322   0.61 59.40 ? 22  CYS A CA  1 
ATOM   138  C CA  B CYS A 1 22  ? -16.946 -4.427  2.349   0.39 57.22 ? 22  CYS A CA  1 
ATOM   139  C C   . CYS A 1 22  ? -17.520 -5.815  2.016   1.00 61.73 ? 22  CYS A C   1 
ATOM   140  O O   . CYS A 1 22  ? -17.001 -6.845  2.464   1.00 66.20 ? 22  CYS A O   1 
ATOM   141  C CB  A CYS A 1 22  ? -17.407 -3.837  3.620   0.61 55.93 ? 22  CYS A CB  1 
ATOM   142  C CB  B CYS A 1 22  ? -17.719 -3.761  3.493   0.39 52.40 ? 22  CYS A CB  1 
ATOM   143  S SG  A CYS A 1 22  ? -16.234 -2.703  4.400   0.61 52.61 ? 22  CYS A SG  1 
ATOM   144  S SG  B CYS A 1 22  ? -17.976 -4.762  4.964   0.39 43.36 ? 22  CYS A SG  1 
ATOM   145  N N   . LYS A 1 23  ? -18.599 -5.822  1.219   1.00 63.25 ? 23  LYS A N   1 
ATOM   146  C CA  . LYS A 1 23  ? -19.268 -7.063  0.751   1.00 65.00 ? 23  LYS A CA  1 
ATOM   147  C C   . LYS A 1 23  ? -18.391 -7.914  -0.199  1.00 65.50 ? 23  LYS A C   1 
ATOM   148  O O   . LYS A 1 23  ? -18.333 -9.143  -0.067  1.00 60.30 ? 23  LYS A O   1 
ATOM   149  C CB  . LYS A 1 23  ? -20.628 -6.747  0.090   1.00 59.11 ? 23  LYS A CB  1 
ATOM   150  N N   . LEU A 1 24  ? -17.711 -7.250  -1.141  1.00 66.74 ? 24  LEU A N   1 
ATOM   151  C CA  . LEU A 1 24  ? -16.856 -7.923  -2.132  1.00 66.23 ? 24  LEU A CA  1 
ATOM   152  C C   . LEU A 1 24  ? -15.743 -8.761  -1.446  1.00 68.45 ? 24  LEU A C   1 
ATOM   153  O O   . LEU A 1 24  ? -15.393 -8.492  -0.287  1.00 70.70 ? 24  LEU A O   1 
ATOM   154  C CB  . LEU A 1 24  ? -16.296 -6.898  -3.141  1.00 60.40 ? 24  LEU A CB  1 
ATOM   155  N N   . ILE A 1 25  ? -15.228 -9.784  -2.150  1.00 67.22 ? 25  ILE A N   1 
ATOM   156  C CA  . ILE A 1 25  ? -14.188 -10.719 -1.627  1.00 62.38 ? 25  ILE A CA  1 
ATOM   157  C C   . ILE A 1 25  ? -12.940 -10.827 -2.531  1.00 63.43 ? 25  ILE A C   1 
ATOM   158  O O   . ILE A 1 25  ? -12.856 -10.143 -3.560  1.00 60.35 ? 25  ILE A O   1 
ATOM   159  C CB  . ILE A 1 25  ? -14.746 -12.146 -1.335  1.00 58.85 ? 25  ILE A CB  1 
ATOM   160  C CG1 . ILE A 1 25  ? -15.315 -12.795 -2.621  1.00 59.55 ? 25  ILE A CG1 1 
ATOM   161  C CG2 . ILE A 1 25  ? -15.748 -12.112 -0.181  1.00 57.19 ? 25  ILE A CG2 1 
ATOM   162  C CD1 . ILE A 1 25  ? -15.674 -14.268 -2.529  1.00 54.96 ? 25  ILE A CD1 1 
ATOM   163  N N   . ASP A 1 26  ? -11.991 -11.693 -2.142  1.00 65.45 ? 26  ASP A N   1 
ATOM   164  C CA  . ASP A 1 26  ? -10.699 -11.869 -2.843  1.00 67.41 ? 26  ASP A CA  1 
ATOM   165  C C   . ASP A 1 26  ? -10.771 -12.193 -4.344  1.00 68.69 ? 26  ASP A C   1 
ATOM   166  O O   . ASP A 1 26  ? -10.148 -11.498 -5.155  1.00 68.62 ? 26  ASP A O   1 
ATOM   167  C CB  . ASP A 1 26  ? -9.807  -12.891 -2.120  1.00 72.90 ? 26  ASP A CB  1 
ATOM   168  C CG  . ASP A 1 26  ? -8.738  -12.234 -1.246  1.00 73.18 ? 26  ASP A CG  1 
ATOM   169  O OD1 . ASP A 1 26  ? -9.034  -11.169 -0.666  1.00 81.16 ? 26  ASP A OD1 1 
ATOM   170  O OD2 . ASP A 1 26  ? -7.607  -12.778 -1.139  1.00 65.67 ? 26  ASP A OD2 1 
ATOM   171  N N   . ASN A 1 27  ? -11.503 -13.249 -4.709  1.00 70.72 ? 27  ASN A N   1 
ATOM   172  C CA  . ASN A 1 27  ? -11.849 -13.492 -6.115  1.00 66.24 ? 27  ASN A CA  1 
ATOM   173  C C   . ASN A 1 27  ? -12.458 -12.219 -6.745  1.00 62.34 ? 27  ASN A C   1 
ATOM   174  O O   . ASN A 1 27  ? -11.990 -11.745 -7.784  1.00 57.91 ? 27  ASN A O   1 
ATOM   175  C CB  . ASN A 1 27  ? -12.800 -14.691 -6.242  1.00 62.31 ? 27  ASN A CB  1 
ATOM   176  N N   . GLU A 1 28  ? -13.455 -11.648 -6.066  1.00 60.30 ? 28  GLU A N   1 
ATOM   177  C CA  . GLU A 1 28  ? -14.259 -10.526 -6.570  1.00 59.59 ? 28  GLU A CA  1 
ATOM   178  C C   . GLU A 1 28  ? -13.516 -9.201  -6.842  1.00 59.49 ? 28  GLU A C   1 
ATOM   179  O O   . GLU A 1 28  ? -13.642 -8.618  -7.926  1.00 61.82 ? 28  GLU A O   1 
ATOM   180  C CB  . GLU A 1 28  ? -15.396 -10.212 -5.590  1.00 62.13 ? 28  GLU A CB  1 
ATOM   181  C CG  . GLU A 1 28  ? -16.579 -11.171 -5.515  1.00 62.69 ? 28  GLU A CG  1 
ATOM   182  C CD  . GLU A 1 28  ? -17.745 -10.560 -4.723  1.00 64.55 ? 28  GLU A CD  1 
ATOM   183  O OE1 . GLU A 1 28  ? -18.074 -11.023 -3.605  1.00 62.88 ? 28  GLU A OE1 1 
ATOM   184  O OE2 . GLU A 1 28  ? -18.338 -9.581  -5.214  1.00 67.86 ? 28  GLU A OE2 1 
ATOM   185  N N   . ILE A 1 29  ? -12.776 -8.709  -5.850  1.00 56.17 ? 29  ILE A N   1 
ATOM   186  C CA  . ILE A 1 29  ? -12.320 -7.311  -5.863  1.00 53.17 ? 29  ILE A CA  1 
ATOM   187  C C   . ILE A 1 29  ? -11.034 -7.011  -6.661  1.00 53.61 ? 29  ILE A C   1 
ATOM   188  O O   . ILE A 1 29  ? -10.822 -5.871  -7.082  1.00 51.77 ? 29  ILE A O   1 
ATOM   189  C CB  . ILE A 1 29  ? -12.184 -6.773  -4.425  1.00 51.65 ? 29  ILE A CB  1 
ATOM   190  C CG1 . ILE A 1 29  ? -12.958 -5.463  -4.265  1.00 51.09 ? 29  ILE A CG1 1 
ATOM   191  C CG2 . ILE A 1 29  ? -10.716 -6.645  -4.029  1.00 52.57 ? 29  ILE A CG2 1 
ATOM   192  C CD1 . ILE A 1 29  ? -12.788 -4.826  -2.901  1.00 50.44 ? 29  ILE A CD1 1 
ATOM   193  N N   . GLU A 1 30  ? -10.196 -8.031  -6.866  1.00 53.86 ? 30  GLU A N   1 
ATOM   194  C CA  . GLU A 1 30  ? -8.923  -7.911  -7.586  1.00 55.28 ? 30  GLU A CA  1 
ATOM   195  C C   . GLU A 1 30  ? -8.937  -7.032  -8.855  1.00 59.11 ? 30  GLU A C   1 
ATOM   196  O O   . GLU A 1 30  ? -7.981  -6.276  -9.086  1.00 59.83 ? 30  GLU A O   1 
ATOM   197  C CB  . GLU A 1 30  ? -8.382  -9.307  -7.916  1.00 60.40 ? 30  GLU A CB  1 
ATOM   198  C CG  . GLU A 1 30  ? -6.898  -9.374  -8.297  1.00 65.46 ? 30  GLU A CG  1 
ATOM   199  C CD  . GLU A 1 30  ? -6.624  -9.103  -9.774  1.00 69.24 ? 30  GLU A CD  1 
ATOM   200  O OE1 . GLU A 1 30  ? -7.401  -9.576  -10.636 1.00 69.82 ? 30  GLU A OE1 1 
ATOM   201  O OE2 . GLU A 1 30  ? -5.611  -8.424  -10.079 1.00 73.26 ? 30  GLU A OE2 1 
ATOM   202  N N   . PRO A 1 31  ? -10.006 -7.128  -9.691  1.00 64.23 ? 31  PRO A N   1 
ATOM   203  C CA  . PRO A 1 31  ? -10.040 -6.271  -10.890 1.00 60.17 ? 31  PRO A CA  1 
ATOM   204  C C   . PRO A 1 31  ? -9.897  -4.767  -10.603 1.00 56.60 ? 31  PRO A C   1 
ATOM   205  O O   . PRO A 1 31  ? -9.382  -4.039  -11.445 1.00 59.15 ? 31  PRO A O   1 
ATOM   206  C CB  . PRO A 1 31  ? -11.421 -6.571  -11.498 1.00 61.33 ? 31  PRO A CB  1 
ATOM   207  C CG  . PRO A 1 31  ? -11.777 -7.933  -11.012 1.00 60.42 ? 31  PRO A CG  1 
ATOM   208  C CD  . PRO A 1 31  ? -11.189 -8.019  -9.632  1.00 63.65 ? 31  PRO A CD  1 
ATOM   209  N N   . ILE A 1 32  ? -10.342 -4.308  -9.435  1.00 50.84 ? 32  ILE A N   1 
ATOM   210  C CA  . ILE A 1 32  ? -10.208 -2.893  -9.080  1.00 49.38 ? 32  ILE A CA  1 
ATOM   211  C C   . ILE A 1 32  ? -9.130  -2.610  -8.003  1.00 49.84 ? 32  ILE A C   1 
ATOM   212  O O   . ILE A 1 32  ? -8.836  -1.456  -7.677  1.00 50.76 ? 32  ILE A O   1 
ATOM   213  C CB  . ILE A 1 32  ? -11.563 -2.294  -8.663  1.00 46.90 ? 32  ILE A CB  1 
ATOM   214  C CG1 . ILE A 1 32  ? -11.916 -2.725  -7.241  1.00 46.19 ? 32  ILE A CG1 1 
ATOM   215  C CG2 . ILE A 1 32  ? -12.639 -2.676  -9.670  1.00 45.39 ? 32  ILE A CG2 1 
ATOM   216  C CD1 . ILE A 1 32  ? -13.285 -2.270  -6.801  1.00 47.80 ? 32  ILE A CD1 1 
ATOM   217  N N   . ILE A 1 33  ? -8.509  -3.660  -7.487  1.00 48.23 ? 33  ILE A N   1 
ATOM   218  C CA  . ILE A 1 33  ? -7.703  -3.543  -6.279  1.00 45.51 ? 33  ILE A CA  1 
ATOM   219  C C   . ILE A 1 33  ? -6.524  -2.567  -6.363  1.00 44.26 ? 33  ILE A C   1 
ATOM   220  O O   . ILE A 1 33  ? -6.144  -1.938  -5.355  1.00 39.41 ? 33  ILE A O   1 
ATOM   221  C CB  . ILE A 1 33  ? -7.274  -4.936  -5.764  1.00 44.81 ? 33  ILE A CB  1 
ATOM   222  C CG1 . ILE A 1 33  ? -6.835  -4.850  -4.291  1.00 44.34 ? 33  ILE A CG1 1 
ATOM   223  C CG2 . ILE A 1 33  ? -6.214  -5.552  -6.673  1.00 44.60 ? 33  ILE A CG2 1 
ATOM   224  C CD1 . ILE A 1 33  ? -7.795  -4.109  -3.377  1.00 41.66 ? 33  ILE A CD1 1 
ATOM   225  N N   . PHE A 1 34  ? -5.964  -2.437  -7.563  1.00 47.87 ? 34  PHE A N   1 
ATOM   226  C CA  . PHE A 1 34  ? -4.830  -1.525  -7.803  1.00 48.39 ? 34  PHE A CA  1 
ATOM   227  C C   . PHE A 1 34  ? -5.291  -0.067  -7.834  1.00 47.71 ? 34  PHE A C   1 
ATOM   228  O O   . PHE A 1 34  ? -4.558  0.827   -7.449  1.00 44.23 ? 34  PHE A O   1 
ATOM   229  C CB  . PHE A 1 34  ? -4.108  -1.906  -9.098  1.00 45.74 ? 34  PHE A CB  1 
ATOM   230  C CG  . PHE A 1 34  ? -3.059  -0.922  -9.535  1.00 45.76 ? 34  PHE A CG  1 
ATOM   231  C CD1 . PHE A 1 34  ? -1.934  -0.673  -8.750  1.00 46.23 ? 34  PHE A CD1 1 
ATOM   232  C CD2 . PHE A 1 34  ? -3.178  -0.258  -10.753 1.00 45.04 ? 34  PHE A CD2 1 
ATOM   233  C CE1 . PHE A 1 34  ? -0.956  0.222   -9.167  1.00 41.38 ? 34  PHE A CE1 1 
ATOM   234  C CE2 . PHE A 1 34  ? -2.210  0.647   -11.162 1.00 42.61 ? 34  PHE A CE2 1 
ATOM   235  C CZ  . PHE A 1 34  ? -1.102  0.887   -10.368 1.00 40.30 ? 34  PHE A CZ  1 
ATOM   236  N N   . ASP A 1 35  ? -6.524  0.147   -8.282  1.00 51.32 ? 35  ASP A N   1 
ATOM   237  C CA  . ASP A 1 35  ? -7.122  1.471   -8.324  1.00 56.41 ? 35  ASP A CA  1 
ATOM   238  C C   . ASP A 1 35  ? -7.392  1.933   -6.904  1.00 55.07 ? 35  ASP A C   1 
ATOM   239  O O   . ASP A 1 35  ? -7.076  3.080   -6.542  1.00 60.42 ? 35  ASP A O   1 
ATOM   240  C CB  . ASP A 1 35  ? -8.431  1.456   -9.127  1.00 66.53 ? 35  ASP A CB  1 
ATOM   241  C CG  . ASP A 1 35  ? -8.304  0.720   -10.472 1.00 73.07 ? 35  ASP A CG  1 
ATOM   242  O OD1 . ASP A 1 35  ? -8.750  1.287   -11.494 1.00 76.49 ? 35  ASP A OD1 1 
ATOM   243  O OD2 . ASP A 1 35  ? -7.768  -0.417  -10.511 1.00 73.16 ? 35  ASP A OD2 1 
ATOM   244  N N   . LEU A 1 36  ? -7.978  1.032   -6.110  1.00 48.63 ? 36  LEU A N   1 
ATOM   245  C CA  . LEU A 1 36  ? -8.166  1.230   -4.662  1.00 41.51 ? 36  LEU A CA  1 
ATOM   246  C C   . LEU A 1 36  ? -6.879  1.690   -3.972  1.00 38.28 ? 36  LEU A C   1 
ATOM   247  O O   . LEU A 1 36  ? -6.896  2.654   -3.227  1.00 36.93 ? 36  LEU A O   1 
ATOM   248  C CB  . LEU A 1 36  ? -8.672  -0.052  -3.999  1.00 36.69 ? 36  LEU A CB  1 
ATOM   249  C CG  . LEU A 1 36  ? -9.887  -0.747  -4.594  1.00 35.82 ? 36  LEU A CG  1 
ATOM   250  C CD1 . LEU A 1 36  ? -10.216 -1.963  -3.746  1.00 36.03 ? 36  LEU A CD1 1 
ATOM   251  C CD2 . LEU A 1 36  ? -11.091 0.185   -4.697  1.00 35.83 ? 36  LEU A CD2 1 
ATOM   252  N N   . LEU A 1 37  ? -5.774  0.995   -4.252  1.00 35.70 ? 37  LEU A N   1 
ATOM   253  C CA  . LEU A 1 37  ? -4.454  1.309   -3.709  1.00 33.41 ? 37  LEU A CA  1 
ATOM   254  C C   . LEU A 1 37  ? -3.979  2.721   -4.093  1.00 34.27 ? 37  LEU A C   1 
ATOM   255  O O   . LEU A 1 37  ? -3.175  3.346   -3.382  1.00 32.12 ? 37  LEU A O   1 
ATOM   256  C CB  . LEU A 1 37  ? -3.440  0.267   -4.208  1.00 32.41 ? 37  LEU A CB  1 
ATOM   257  C CG  . LEU A 1 37  ? -3.381  -1.148  -3.634  1.00 30.41 ? 37  LEU A CG  1 
ATOM   258  C CD1 . LEU A 1 37  ? -2.338  -1.991  -4.327  1.00 29.34 ? 37  LEU A CD1 1 
ATOM   259  C CD2 . LEU A 1 37  ? -3.019  -1.082  -2.170  1.00 31.97 ? 37  LEU A CD2 1 
ATOM   260  N N   . LYS A 1 38  ? -4.475  3.224   -5.226  1.00 35.01 ? 38  LYS A N   1 
ATOM   261  C CA  . LYS A 1 38  ? -4.052  4.526   -5.711  1.00 35.49 ? 38  LYS A CA  1 
ATOM   262  C C   . LYS A 1 38  ? -4.532  5.581   -4.762  1.00 35.54 ? 38  LYS A C   1 
ATOM   263  O O   . LYS A 1 38  ? -4.002  6.675   -4.746  1.00 36.38 ? 38  LYS A O   1 
ATOM   264  C CB  . LYS A 1 38  ? -4.597  4.809   -7.094  1.00 36.29 ? 38  LYS A CB  1 
ATOM   265  C CG  . LYS A 1 38  ? -4.025  3.901   -8.161  1.00 37.94 ? 38  LYS A CG  1 
ATOM   266  C CD  . LYS A 1 38  ? -4.223  4.533   -9.521  1.00 40.42 ? 38  LYS A CD  1 
ATOM   267  C CE  . LYS A 1 38  ? -4.441  3.509   -10.620 1.00 42.15 ? 38  LYS A CE  1 
ATOM   268  N NZ  . LYS A 1 38  ? -5.003  4.203   -11.817 1.00 44.96 ? 38  LYS A NZ  1 
ATOM   269  N N   . TRP A 1 39  ? -5.529  5.240   -3.956  1.00 35.09 ? 39  TRP A N   1 
ATOM   270  C CA  . TRP A 1 39  ? -6.033  6.163   -2.964  1.00 35.43 ? 39  TRP A CA  1 
ATOM   271  C C   . TRP A 1 39  ? -5.114  6.320   -1.802  1.00 38.40 ? 39  TRP A C   1 
ATOM   272  O O   . TRP A 1 39  ? -5.225  7.299   -1.048  1.00 40.62 ? 39  TRP A O   1 
ATOM   273  C CB  . TRP A 1 39  ? -7.439  5.792   -2.547  1.00 36.25 ? 39  TRP A CB  1 
ATOM   274  C CG  . TRP A 1 39  ? -8.368  6.100   -3.682  1.00 38.77 ? 39  TRP A CG  1 
ATOM   275  C CD1 . TRP A 1 39  ? -9.102  5.205   -4.472  1.00 40.68 ? 39  TRP A CD1 1 
ATOM   276  C CD2 . TRP A 1 39  ? -8.622  7.422   -4.252  1.00 38.29 ? 39  TRP A CD2 1 
ATOM   277  N NE1 . TRP A 1 39  ? -9.790  5.881   -5.453  1.00 42.75 ? 39  TRP A NE1 1 
ATOM   278  C CE2 . TRP A 1 39  ? -9.543  7.215   -5.375  1.00 40.85 ? 39  TRP A CE2 1 
ATOM   279  C CE3 . TRP A 1 39  ? -8.201  8.707   -3.948  1.00 38.52 ? 39  TRP A CE3 1 
ATOM   280  C CZ2 . TRP A 1 39  ? -10.006 8.273   -6.141  1.00 41.69 ? 39  TRP A CZ2 1 
ATOM   281  C CZ3 . TRP A 1 39  ? -8.673  9.765   -4.724  1.00 40.64 ? 39  TRP A CZ3 1 
ATOM   282  C CH2 . TRP A 1 39  ? -9.553  9.553   -5.797  1.00 41.65 ? 39  TRP A CH2 1 
ATOM   283  N N   . LEU A 1 40  ? -4.167  5.389   -1.667  1.00 39.61 ? 40  LEU A N   1 
ATOM   284  C CA  . LEU A 1 40  ? -3.207  5.442   -0.559  1.00 39.39 ? 40  LEU A CA  1 
ATOM   285  C C   . LEU A 1 40  ? -2.003  6.310   -0.882  1.00 37.37 ? 40  LEU A C   1 
ATOM   286  O O   . LEU A 1 40  ? -1.023  6.306   -0.135  1.00 37.09 ? 40  LEU A O   1 
ATOM   287  C CB  . LEU A 1 40  ? -2.780  4.030   -0.094  1.00 41.32 ? 40  LEU A CB  1 
ATOM   288  C CG  . LEU A 1 40  ? -3.768  3.195   0.782   1.00 44.03 ? 40  LEU A CG  1 
ATOM   289  C CD1 . LEU A 1 40  ? -3.528  1.681   0.686   1.00 42.60 ? 40  LEU A CD1 1 
ATOM   290  C CD2 . LEU A 1 40  ? -3.795  3.636   2.246   1.00 41.65 ? 40  LEU A CD2 1 
ATOM   291  N N   . GLN A 1 41  ? -2.084  7.066   -1.977  1.00 36.41 ? 41  GLN A N   1 
ATOM   292  C CA  . GLN A 1 41  ? -0.964  7.906   -2.399  1.00 37.10 ? 41  GLN A CA  1 
ATOM   293  C C   . GLN A 1 41  ? -0.699  9.001   -1.387  1.00 38.78 ? 41  GLN A C   1 
ATOM   294  O O   . GLN A 1 41  ? 0.463   9.287   -1.066  1.00 37.89 ? 41  GLN A O   1 
ATOM   295  C CB  . GLN A 1 41  ? -1.198  8.493   -3.781  1.00 37.00 ? 41  GLN A CB  1 
ATOM   296  C CG  . GLN A 1 41  ? -1.107  7.437   -4.858  1.00 38.88 ? 41  GLN A CG  1 
ATOM   297  C CD  . GLN A 1 41  ? -1.310  7.996   -6.241  1.00 40.52 ? 41  GLN A CD  1 
ATOM   298  O OE1 . GLN A 1 41  ? -2.434  8.154   -6.691  1.00 44.24 ? 41  GLN A OE1 1 
ATOM   299  N NE2 . GLN A 1 41  ? -0.217  8.279   -6.934  1.00 42.90 ? 41  GLN A NE2 1 
ATOM   300  N N   . ASP A 1 42  ? -1.779  9.605   -0.887  1.00 38.05 ? 42  ASP A N   1 
ATOM   301  C CA  . ASP A 1 42  ? -1.688  10.516  0.233   1.00 37.61 ? 42  ASP A CA  1 
ATOM   302  C C   . ASP A 1 42  ? -2.639  10.068  1.343   1.00 35.58 ? 42  ASP A C   1 
ATOM   303  O O   . ASP A 1 42  ? -3.849  9.971   1.136   1.00 35.22 ? 42  ASP A O   1 
ATOM   304  C CB  . ASP A 1 42  ? -1.989  11.942  -0.211  1.00 42.22 ? 42  ASP A CB  1 
ATOM   305  C CG  . ASP A 1 42  ? -1.414  13.010  0.753   1.00 49.71 ? 42  ASP A CG  1 
ATOM   306  O OD1 . ASP A 1 42  ? -1.259  12.746  1.994   1.00 48.43 ? 42  ASP A OD1 1 
ATOM   307  O OD2 . ASP A 1 42  ? -1.123  14.128  0.248   1.00 49.00 ? 42  ASP A OD2 1 
ATOM   308  N N   . TYR A 1 43  ? -2.087  9.787   2.520   1.00 32.15 ? 43  TYR A N   1 
ATOM   309  C CA  . TYR A 1 43  ? -2.897  9.260   3.623   1.00 31.93 ? 43  TYR A CA  1 
ATOM   310  C C   . TYR A 1 43  ? -3.784  10.370  4.244   1.00 32.03 ? 43  TYR A C   1 
ATOM   311  O O   . TYR A 1 43  ? -4.833  10.124  4.878   1.00 30.80 ? 43  TYR A O   1 
ATOM   312  C CB  . TYR A 1 43  ? -2.005  8.525   4.647   1.00 29.49 ? 43  TYR A CB  1 
ATOM   313  C CG  . TYR A 1 43  ? -2.758  7.688   5.678   1.00 27.56 ? 43  TYR A CG  1 
ATOM   314  C CD1 . TYR A 1 43  ? -3.560  6.609   5.283   1.00 26.74 ? 43  TYR A CD1 1 
ATOM   315  C CD2 . TYR A 1 43  ? -2.656  7.973   7.054   1.00 26.81 ? 43  TYR A CD2 1 
ATOM   316  C CE1 . TYR A 1 43  ? -4.260  5.851   6.213   1.00 26.61 ? 43  TYR A CE1 1 
ATOM   317  C CE2 . TYR A 1 43  ? -3.341  7.217   8.000   1.00 26.31 ? 43  TYR A CE2 1 
ATOM   318  C CZ  . TYR A 1 43  ? -4.147  6.159   7.575   1.00 27.38 ? 43  TYR A CZ  1 
ATOM   319  O OH  . TYR A 1 43  ? -4.836  5.391   8.504   1.00 26.78 ? 43  TYR A OH  1 
ATOM   320  N N   . ASN A 1 44  ? -3.385  11.605  4.009   1.00 32.44 ? 44  ASN A N   1 
ATOM   321  C CA  . ASN A 1 44  ? -4.215  12.715  4.444   1.00 35.67 ? 44  ASN A CA  1 
ATOM   322  C C   . ASN A 1 44  ? -5.473  12.985  3.600   1.00 33.60 ? 44  ASN A C   1 
ATOM   323  O O   . ASN A 1 44  ? -6.206  13.915  3.879   1.00 32.41 ? 44  ASN A O   1 
ATOM   324  C CB  . ASN A 1 44  ? -3.362  13.976  4.646   1.00 37.37 ? 44  ASN A CB  1 
ATOM   325  C CG  . ASN A 1 44  ? -2.288  13.763  5.699   1.00 37.94 ? 44  ASN A CG  1 
ATOM   326  O OD1 . ASN A 1 44  ? -2.587  13.336  6.831   1.00 35.64 ? 44  ASN A OD1 1 
ATOM   327  N ND2 . ASN A 1 44  ? -1.028  14.027  5.329   1.00 38.10 ? 44  ASN A ND2 1 
ATOM   328  N N   . TRP A 1 45  ? -5.722  12.182  2.578   1.00 33.48 ? 45  TRP A N   1 
ATOM   329  C CA  . TRP A 1 45  ? -6.989  12.289  1.900   1.00 34.70 ? 45  TRP A CA  1 
ATOM   330  C C   . TRP A 1 45  ? -7.984  11.584  2.759   1.00 35.48 ? 45  TRP A C   1 
ATOM   331  O O   . TRP A 1 45  ? -7.772  10.445  3.169   1.00 37.98 ? 45  TRP A O   1 
ATOM   332  C CB  . TRP A 1 45  ? -6.953  11.646  0.530   1.00 38.13 ? 45  TRP A CB  1 
ATOM   333  C CG  . TRP A 1 45  ? -5.947  12.220  -0.442  1.00 41.17 ? 45  TRP A CG  1 
ATOM   334  C CD1 . TRP A 1 45  ? -5.371  13.494  -0.442  1.00 41.08 ? 45  TRP A CD1 1 
ATOM   335  C CD2 . TRP A 1 45  ? -5.404  11.558  -1.644  1.00 44.09 ? 45  TRP A CD2 1 
ATOM   336  N NE1 . TRP A 1 45  ? -4.521  13.653  -1.514  1.00 42.34 ? 45  TRP A NE1 1 
ATOM   337  C CE2 . TRP A 1 45  ? -4.493  12.530  -2.275  1.00 44.12 ? 45  TRP A CE2 1 
ATOM   338  C CE3 . TRP A 1 45  ? -5.568  10.298  -2.234  1.00 42.95 ? 45  TRP A CE3 1 
ATOM   339  C CZ2 . TRP A 1 45  ? -3.779  12.224  -3.431  1.00 43.56 ? 45  TRP A CZ2 1 
ATOM   340  C CZ3 . TRP A 1 45  ? -4.846  10.010  -3.405  1.00 42.12 ? 45  TRP A CZ3 1 
ATOM   341  C CH2 . TRP A 1 45  ? -3.975  10.949  -3.986  1.00 41.90 ? 45  TRP A CH2 1 
ATOM   342  N N   . PRO A 1 46  ? -9.089  12.248  3.073   1.00 36.35 ? 46  PRO A N   1 
ATOM   343  C CA  . PRO A 1 46  ? -10.060 11.619  3.967   1.00 37.66 ? 46  PRO A CA  1 
ATOM   344  C C   . PRO A 1 46  ? -10.519 10.239  3.512   1.00 39.52 ? 46  PRO A C   1 
ATOM   345  O O   . PRO A 1 46  ? -10.996 9.450   4.330   1.00 44.26 ? 46  PRO A O   1 
ATOM   346  C CB  . PRO A 1 46  ? -11.228 12.601  3.952   1.00 37.76 ? 46  PRO A CB  1 
ATOM   347  C CG  . PRO A 1 46  ? -10.567 13.926  3.747   1.00 39.46 ? 46  PRO A CG  1 
ATOM   348  C CD  . PRO A 1 46  ? -9.413  13.659  2.803   1.00 37.81 ? 46  PRO A CD  1 
ATOM   349  N N   . ILE A 1 47  ? -10.383 9.941   2.228   1.00 37.20 ? 47  ILE A N   1 
ATOM   350  C CA  . ILE A 1 47  ? -10.813 8.640   1.753   1.00 36.56 ? 47  ILE A CA  1 
ATOM   351  C C   . ILE A 1 47  ? -9.758  7.577   2.078   1.00 36.32 ? 47  ILE A C   1 
ATOM   352  O O   . ILE A 1 47  ? -10.107 6.437   2.396   1.00 35.87 ? 47  ILE A O   1 
ATOM   353  C CB  . ILE A 1 47  ? -11.180 8.663   0.244   1.00 35.56 ? 47  ILE A CB  1 
ATOM   354  C CG1 . ILE A 1 47  ? -11.783 7.326   -0.190  1.00 32.70 ? 47  ILE A CG1 1 
ATOM   355  C CG2 . ILE A 1 47  ? -9.969  9.042   -0.607  1.00 37.25 ? 47  ILE A CG2 1 
ATOM   356  C CD1 . ILE A 1 47  ? -12.721 6.741   0.831   1.00 32.53 ? 47  ILE A CD1 1 
ATOM   357  N N   . ALA A 1 48  ? -8.483  7.960   2.010   1.00 33.95 ? 48  ALA A N   1 
ATOM   358  C CA  . ALA A 1 48  ? -7.382  7.020   2.191   1.00 34.37 ? 48  ALA A CA  1 
ATOM   359  C C   . ALA A 1 48  ? -7.539  6.174   3.440   1.00 36.32 ? 48  ALA A C   1 
ATOM   360  O O   . ALA A 1 48  ? -7.290  4.968   3.380   1.00 38.60 ? 48  ALA A O   1 
ATOM   361  C CB  . ALA A 1 48  ? -6.035  7.733   2.198   1.00 33.67 ? 48  ALA A CB  1 
ATOM   362  N N   . LYS A 1 49  ? -7.938  6.793   4.562   1.00 37.99 ? 49  LYS A N   1 
ATOM   363  C CA  . LYS A 1 49  ? -8.160  6.056   5.821   1.00 37.54 ? 49  LYS A CA  1 
ATOM   364  C C   . LYS A 1 49  ? -9.268  4.968   5.707   1.00 37.46 ? 49  LYS A C   1 
ATOM   365  O O   . LYS A 1 49  ? -9.117  3.868   6.239   1.00 41.85 ? 49  LYS A O   1 
ATOM   366  C CB  . LYS A 1 49  ? -8.380  7.004   7.006   1.00 36.49 ? 49  LYS A CB  1 
ATOM   367  C CG  . LYS A 1 49  ? -9.800  7.553   7.109   1.00 42.43 ? 49  LYS A CG  1 
ATOM   368  C CD  . LYS A 1 49  ? -10.138 8.203   8.457   1.00 42.30 ? 49  LYS A CD  1 
ATOM   369  C CE  . LYS A 1 49  ? -11.054 9.414   8.309   1.00 40.37 ? 49  LYS A CE  1 
ATOM   370  N NZ  . LYS A 1 49  ? -11.986 9.318   7.152   1.00 40.66 ? 49  LYS A NZ  1 
ATOM   371  N N   . ASP A 1 50  ? -10.343 5.255   4.982   1.00 37.64 ? 50  ASP A N   1 
ATOM   372  C CA  . ASP A 1 50  ? -11.434 4.283   4.746   1.00 38.03 ? 50  ASP A CA  1 
ATOM   373  C C   . ASP A 1 50  ? -10.970 3.113   3.895   1.00 35.02 ? 50  ASP A C   1 
ATOM   374  O O   . ASP A 1 50  ? -11.392 1.989   4.118   1.00 35.16 ? 50  ASP A O   1 
ATOM   375  C CB  . ASP A 1 50  ? -12.621 4.928   3.998   1.00 44.10 ? 50  ASP A CB  1 
ATOM   376  C CG  . ASP A 1 50  ? -13.513 5.810   4.888   1.00 50.03 ? 50  ASP A CG  1 
ATOM   377  O OD1 . ASP A 1 50  ? -14.589 5.308   5.273   1.00 55.16 ? 50  ASP A OD1 1 
ATOM   378  O OD2 . ASP A 1 50  ? -13.176 6.999   5.171   1.00 51.15 ? 50  ASP A OD2 1 
ATOM   379  N N   . ILE A 1 51  ? -10.140 3.406   2.889   1.00 32.05 ? 51  ILE A N   1 
ATOM   380  C CA  . ILE A 1 51  ? -9.600  2.411   1.946   1.00 28.49 ? 51  ILE A CA  1 
ATOM   381  C C   . ILE A 1 51  ? -8.589  1.462   2.571   1.00 26.64 ? 51  ILE A C   1 
ATOM   382  O O   . ILE A 1 51  ? -8.662  0.250   2.367   1.00 25.44 ? 51  ILE A O   1 
ATOM   383  C CB  . ILE A 1 51  ? -8.976  3.098   0.714   1.00 27.78 ? 51  ILE A CB  1 
ATOM   384  C CG1 . ILE A 1 51  ? -10.091 3.673   -0.164  1.00 28.45 ? 51  ILE A CG1 1 
ATOM   385  C CG2 . ILE A 1 51  ? -8.061  2.161   -0.070  1.00 26.89 ? 51  ILE A CG2 1 
ATOM   386  C CD1 . ILE A 1 51  ? -11.156 2.671   -0.588  1.00 29.47 ? 51  ILE A CD1 1 
ATOM   387  N N   . LEU A 1 52  ? -7.660  2.001   3.343   1.00 25.44 ? 52  LEU A N   1 
ATOM   388  C CA  . LEU A 1 52  ? -6.658  1.152   3.968   1.00 27.32 ? 52  LEU A CA  1 
ATOM   389  C C   . LEU A 1 52  ? -7.165  -0.243  4.413   1.00 27.11 ? 52  LEU A C   1 
ATOM   390  O O   . LEU A 1 52  ? -6.676  -1.245  3.912   1.00 26.25 ? 52  LEU A O   1 
ATOM   391  C CB  . LEU A 1 52  ? -5.928  1.870   5.113   1.00 27.81 ? 52  LEU A CB  1 
ATOM   392  C CG  . LEU A 1 52  ? -4.750  1.029   5.645   1.00 28.41 ? 52  LEU A CG  1 
ATOM   393  C CD1 . LEU A 1 52  ? -3.796  0.600   4.525   1.00 27.08 ? 52  LEU A CD1 1 
ATOM   394  C CD2 . LEU A 1 52  ? -4.009  1.769   6.766   1.00 29.26 ? 52  LEU A CD2 1 
ATOM   395  N N   . PRO A 1 53  ? -8.134  -0.304  5.350   1.00 27.88 ? 53  PRO A N   1 
ATOM   396  C CA  . PRO A 1 53  ? -8.532  -1.594  5.897   1.00 28.02 ? 53  PRO A CA  1 
ATOM   397  C C   . PRO A 1 53  ? -8.988  -2.584  4.836   1.00 28.73 ? 53  PRO A C   1 
ATOM   398  O O   . PRO A 1 53  ? -8.673  -3.767  4.945   1.00 30.87 ? 53  PRO A O   1 
ATOM   399  C CB  . PRO A 1 53  ? -9.701  -1.224  6.808   1.00 29.03 ? 53  PRO A CB  1 
ATOM   400  C CG  . PRO A 1 53  ? -9.398  0.164   7.251   1.00 28.10 ? 53  PRO A CG  1 
ATOM   401  C CD  . PRO A 1 53  ? -8.851  0.805   6.016   1.00 28.49 ? 53  PRO A CD  1 
ATOM   402  N N   . VAL A 1 54  ? -9.710  -2.094  3.827   1.00 27.92 ? 54  VAL A N   1 
ATOM   403  C CA  . VAL A 1 54  ? -10.149 -2.894  2.664   1.00 28.08 ? 54  VAL A CA  1 
ATOM   404  C C   . VAL A 1 54  ? -8.962  -3.514  1.936   1.00 30.51 ? 54  VAL A C   1 
ATOM   405  O O   . VAL A 1 54  ? -9.011  -4.685  1.570   1.00 34.17 ? 54  VAL A O   1 
ATOM   406  C CB  . VAL A 1 54  ? -10.948 -2.039  1.625   1.00 27.12 ? 54  VAL A CB  1 
ATOM   407  C CG1 . VAL A 1 54  ? -11.142 -2.766  0.303   1.00 26.47 ? 54  VAL A CG1 1 
ATOM   408  C CG2 . VAL A 1 54  ? -12.307 -1.629  2.161   1.00 27.77 ? 54  VAL A CG2 1 
ATOM   409  N N   . VAL A 1 55  ? -7.912  -2.731  1.682   1.00 29.75 ? 55  VAL A N   1 
ATOM   410  C CA  . VAL A 1 55  ? -6.790  -3.232  0.895   1.00 29.18 ? 55  VAL A CA  1 
ATOM   411  C C   . VAL A 1 55  ? -5.921  -4.131  1.763   1.00 32.26 ? 55  VAL A C   1 
ATOM   412  O O   . VAL A 1 55  ? -5.122  -4.923  1.249   1.00 35.07 ? 55  VAL A O   1 
ATOM   413  C CB  . VAL A 1 55  ? -5.943  -2.106  0.262   1.00 28.16 ? 55  VAL A CB  1 
ATOM   414  C CG1 . VAL A 1 55  ? -6.748  -1.324  -0.750  1.00 27.71 ? 55  VAL A CG1 1 
ATOM   415  C CG2 . VAL A 1 55  ? -5.405  -1.158  1.318   1.00 28.85 ? 55  VAL A CG2 1 
ATOM   416  N N   . VAL A 1 56  ? -6.067  -4.012  3.082   1.00 32.49 ? 56  VAL A N   1 
ATOM   417  C CA  . VAL A 1 56  ? -5.320  -4.881  3.968   1.00 33.07 ? 56  VAL A CA  1 
ATOM   418  C C   . VAL A 1 56  ? -6.060  -6.200  4.054   1.00 34.55 ? 56  VAL A C   1 
ATOM   419  O O   . VAL A 1 56  ? -5.453  -7.260  3.943   1.00 38.36 ? 56  VAL A O   1 
ATOM   420  C CB  . VAL A 1 56  ? -5.078  -4.302  5.377   1.00 32.61 ? 56  VAL A CB  1 
ATOM   421  C CG1 . VAL A 1 56  ? -4.806  -5.447  6.361   1.00 34.39 ? 56  VAL A CG1 1 
ATOM   422  C CG2 . VAL A 1 56  ? -3.930  -3.290  5.374   1.00 28.68 ? 56  VAL A CG2 1 
ATOM   423  N N   . LEU A 1 57  ? -7.367  -6.156  4.240   1.00 35.17 ? 57  LEU A N   1 
ATOM   424  C CA  . LEU A 1 57  ? -8.113  -7.409  4.286   1.00 38.50 ? 57  LEU A CA  1 
ATOM   425  C C   . LEU A 1 57  ? -7.872  -8.249  3.049   1.00 38.77 ? 57  LEU A C   1 
ATOM   426  O O   . LEU A 1 57  ? -7.872  -9.465  3.120   1.00 39.49 ? 57  LEU A O   1 
ATOM   427  C CB  . LEU A 1 57  ? -9.604  -7.162  4.441   1.00 39.06 ? 57  LEU A CB  1 
ATOM   428  C CG  . LEU A 1 57  ? -10.092 -7.349  5.866   1.00 40.00 ? 57  LEU A CG  1 
ATOM   429  C CD1 . LEU A 1 57  ? -9.878  -6.069  6.652   1.00 41.03 ? 57  LEU A CD1 1 
ATOM   430  C CD2 . LEU A 1 57  ? -11.567 -7.693  5.803   1.00 44.07 ? 57  LEU A CD2 1 
ATOM   431  N N   . HIS A 1 58  ? -7.657  -7.582  1.922   1.00 41.07 ? 58  HIS A N   1 
ATOM   432  C CA  . HIS A 1 58  ? -7.537  -8.246  0.644   1.00 44.26 ? 58  HIS A CA  1 
ATOM   433  C C   . HIS A 1 58  ? -6.108  -8.186  0.189   1.00 44.54 ? 58  HIS A C   1 
ATOM   434  O O   . HIS A 1 58  ? -5.834  -8.100  -1.007  1.00 46.26 ? 58  HIS A O   1 
ATOM   435  C CB  . HIS A 1 58  ? -8.468  -7.595  -0.381  1.00 47.41 ? 58  HIS A CB  1 
ATOM   436  C CG  . HIS A 1 58  ? -9.932  -7.574  0.026   1.00 53.69 ? 58  HIS A CG  1 
ATOM   437  N ND1 . HIS A 1 58  ? -10.696 -8.688  0.058   1.00 55.34 ? 58  HIS A ND1 1 
ATOM   438  C CD2 . HIS A 1 58  ? -10.781 -6.508  0.376   1.00 57.23 ? 58  HIS A CD2 1 
ATOM   439  C CE1 . HIS A 1 58  ? -11.963 -8.362  0.434   1.00 56.92 ? 58  HIS A CE1 1 
ATOM   440  N NE2 . HIS A 1 58  ? -12.013 -7.030  0.627   1.00 58.00 ? 58  HIS A NE2 1 
ATOM   441  N N   . GLN A 1 59  ? -5.178  -8.253  1.140   1.00 42.35 ? 59  GLN A N   1 
ATOM   442  C CA  . GLN A 1 59  ? -3.740  -8.134  0.848   1.00 41.66 ? 59  GLN A CA  1 
ATOM   443  C C   . GLN A 1 59  ? -3.160  -9.209  -0.083  1.00 41.50 ? 59  GLN A C   1 
ATOM   444  O O   . GLN A 1 59  ? -2.122  -8.988  -0.729  1.00 41.14 ? 59  GLN A O   1 
ATOM   445  C CB  . GLN A 1 59  ? -2.925  -8.103  2.142   1.00 39.69 ? 59  GLN A CB  1 
ATOM   446  C CG  . GLN A 1 59  ? -2.764  -9.453  2.814   1.00 39.35 ? 59  GLN A CG  1 
ATOM   447  C CD  . GLN A 1 59  ? -2.082  -9.354  4.163   1.00 42.34 ? 59  GLN A CD  1 
ATOM   448  O OE1 . GLN A 1 59  ? -2.617  -8.731  5.081   1.00 44.77 ? 59  GLN A OE1 1 
ATOM   449  N NE2 . GLN A 1 59  ? -0.902  -9.968  4.300   1.00 38.51 ? 59  GLN A NE2 1 
ATOM   450  N N   . SER A 1 60  ? -3.809  -10.367 -0.138  1.00 41.02 ? 60  SER A N   1 
ATOM   451  C CA  . SER A 1 60  ? -3.261  -11.488 -0.893  1.00 43.24 ? 60  SER A CA  1 
ATOM   452  C C   . SER A 1 60  ? -3.308  -11.215 -2.401  1.00 46.04 ? 60  SER A C   1 
ATOM   453  O O   . SER A 1 60  ? -2.300  -11.432 -3.131  1.00 48.05 ? 60  SER A O   1 
ATOM   454  C CB  . SER A 1 60  ? -3.986  -12.773 -0.536  1.00 41.31 ? 60  SER A CB  1 
ATOM   455  O OG  . SER A 1 60  ? -3.825  -13.029 0.843   1.00 40.09 ? 60  SER A OG  1 
ATOM   456  N N   . ILE A 1 61  ? -4.458  -10.699 -2.847  1.00 42.20 ? 61  ILE A N   1 
ATOM   457  C CA  . ILE A 1 61  ? -4.646  -10.295 -4.244  1.00 40.07 ? 61  ILE A CA  1 
ATOM   458  C C   . ILE A 1 61  ? -3.983  -8.974  -4.594  1.00 37.53 ? 61  ILE A C   1 
ATOM   459  O O   . ILE A 1 61  ? -4.016  -8.558  -5.759  1.00 37.70 ? 61  ILE A O   1 
ATOM   460  C CB  . ILE A 1 61  ? -6.134  -10.186 -4.620  1.00 40.25 ? 61  ILE A CB  1 
ATOM   461  C CG1 . ILE A 1 61  ? -6.924  -9.482  -3.516  1.00 41.25 ? 61  ILE A CG1 1 
ATOM   462  C CG2 . ILE A 1 61  ? -6.710  -11.564 -4.898  1.00 41.65 ? 61  ILE A CG2 1 
ATOM   463  C CD1 . ILE A 1 61  ? -6.955  -7.980  -3.649  1.00 41.48 ? 61  ILE A CD1 1 
ATOM   464  N N   . ALA A 1 62  ? -3.397  -8.319  -3.592  1.00 34.99 ? 62  ALA A N   1 
ATOM   465  C CA  . ALA A 1 62  ? -2.881  -6.963  -3.745  1.00 33.01 ? 62  ALA A CA  1 
ATOM   466  C C   . ALA A 1 62  ? -1.386  -6.970  -3.862  1.00 32.20 ? 62  ALA A C   1 
ATOM   467  O O   . ALA A 1 62  ? -0.780  -5.965  -4.217  1.00 32.12 ? 62  ALA A O   1 
ATOM   468  C CB  . ALA A 1 62  ? -3.325  -6.090  -2.586  1.00 30.95 ? 62  ALA A CB  1 
ATOM   469  N N   . MET A 1 63  ? -0.806  -8.132  -3.584  1.00 33.60 ? 63  MET A N   1 
ATOM   470  C CA  . MET A 1 63  ? 0.649   -8.299  -3.528  1.00 34.65 ? 63  MET A CA  1 
ATOM   471  C C   . MET A 1 63  ? 1.429   -7.868  -4.774  1.00 31.34 ? 63  MET A C   1 
ATOM   472  O O   . MET A 1 63  ? 2.283   -6.986  -4.695  1.00 28.67 ? 63  MET A O   1 
ATOM   473  C CB  . MET A 1 63  ? 0.987   -9.718  -3.092  1.00 37.41 ? 63  MET A CB  1 
ATOM   474  C CG  . MET A 1 63  ? 0.771   -9.895  -1.612  1.00 41.75 ? 63  MET A CG  1 
ATOM   475  S SD  . MET A 1 63  ? 1.879   -8.759  -0.750  1.00 53.01 ? 63  MET A SD  1 
ATOM   476  C CE  . MET A 1 63  ? 0.748   -7.436  -0.358  1.00 49.17 ? 63  MET A CE  1 
ATOM   477  N N   . PRO A 1 64  ? 1.139   -8.487  -5.923  1.00 30.86 ? 64  PRO A N   1 
ATOM   478  C CA  . PRO A 1 64  ? 1.692   -8.023  -7.176  1.00 32.32 ? 64  PRO A CA  1 
ATOM   479  C C   . PRO A 1 64  ? 1.713   -6.511  -7.253  1.00 33.80 ? 64  PRO A C   1 
ATOM   480  O O   . PRO A 1 64  ? 2.781   -5.915  -7.453  1.00 32.42 ? 64  PRO A O   1 
ATOM   481  C CB  . PRO A 1 64  ? 0.694   -8.572  -8.186  1.00 31.69 ? 64  PRO A CB  1 
ATOM   482  C CG  . PRO A 1 64  ? 0.234   -9.858  -7.584  1.00 31.46 ? 64  PRO A CG  1 
ATOM   483  C CD  . PRO A 1 64  ? 0.457   -9.780  -6.098  1.00 31.14 ? 64  PRO A CD  1 
ATOM   484  N N   . HIS A 1 65  ? 0.534   -5.919  -7.057  1.00 35.93 ? 65  HIS A N   1 
ATOM   485  C CA  . HIS A 1 65  ? 0.319   -4.488  -7.162  1.00 38.82 ? 65  HIS A CA  1 
ATOM   486  C C   . HIS A 1 65  ? 1.040   -3.705  -6.107  1.00 40.85 ? 65  HIS A C   1 
ATOM   487  O O   . HIS A 1 65  ? 1.463   -2.562  -6.345  1.00 41.09 ? 65  HIS A O   1 
ATOM   488  C CB  . HIS A 1 65  ? -1.157  -4.208  -7.110  1.00 42.95 ? 65  HIS A CB  1 
ATOM   489  C CG  . HIS A 1 65  ? -1.888  -4.723  -8.299  1.00 51.27 ? 65  HIS A CG  1 
ATOM   490  N ND1 . HIS A 1 65  ? -2.726  -5.770  -8.230  1.00 56.95 ? 65  HIS A ND1 1 
ATOM   491  C CD2 . HIS A 1 65  ? -1.851  -4.326  -9.641  1.00 55.90 ? 65  HIS A CD2 1 
ATOM   492  C CE1 . HIS A 1 65  ? -3.229  -6.024  -9.463  1.00 61.92 ? 65  HIS A CE1 1 
ATOM   493  N NE2 . HIS A 1 65  ? -2.689  -5.137  -10.325 1.00 62.56 ? 65  HIS A NE2 1 
ATOM   494  N N   . ILE A 1 66  ? 1.206   -4.300  -4.927  1.00 39.18 ? 66  ILE A N   1 
ATOM   495  C CA  . ILE A 1 66  ? 2.045   -3.680  -3.903  1.00 36.94 ? 66  ILE A CA  1 
ATOM   496  C C   . ILE A 1 66  ? 3.507   -3.671  -4.372  1.00 38.98 ? 66  ILE A C   1 
ATOM   497  O O   . ILE A 1 66  ? 4.245   -2.747  -4.034  1.00 42.15 ? 66  ILE A O   1 
ATOM   498  C CB  . ILE A 1 66  ? 1.854   -4.314  -2.500  1.00 33.25 ? 66  ILE A CB  1 
ATOM   499  C CG1 . ILE A 1 66  ? 0.519   -3.862  -1.933  1.00 31.97 ? 66  ILE A CG1 1 
ATOM   500  C CG2 . ILE A 1 66  ? 2.935   -3.858  -1.533  1.00 31.02 ? 66  ILE A CG2 1 
ATOM   501  C CD1 . ILE A 1 66  ? -0.123  -4.844  -0.999  1.00 31.69 ? 66  ILE A CD1 1 
ATOM   502  N N   . LEU A 1 67  ? 3.924   -4.661  -5.166  1.00 36.66 ? 67  LEU A N   1 
ATOM   503  C CA  . LEU A 1 67  ? 5.309   -4.666  -5.617  1.00 37.69 ? 67  LEU A CA  1 
ATOM   504  C C   . LEU A 1 67  ? 5.523   -3.495  -6.565  1.00 38.99 ? 67  LEU A C   1 
ATOM   505  O O   . LEU A 1 67  ? 6.367   -2.604  -6.322  1.00 37.17 ? 67  LEU A O   1 
ATOM   506  C CB  . LEU A 1 67  ? 5.669   -5.986  -6.279  1.00 37.91 ? 67  LEU A CB  1 
ATOM   507  C CG  . LEU A 1 67  ? 5.756   -7.175  -5.313  1.00 38.92 ? 67  LEU A CG  1 
ATOM   508  C CD1 . LEU A 1 67  ? 5.703   -8.501  -6.070  1.00 37.82 ? 67  LEU A CD1 1 
ATOM   509  C CD2 . LEU A 1 67  ? 6.990   -7.072  -4.429  1.00 38.32 ? 67  LEU A CD2 1 
ATOM   510  N N   . THR A 1 68  ? 4.726   -3.508  -7.631  1.00 38.13 ? 68  THR A N   1 
ATOM   511  C CA  . THR A 1 68  ? 4.618   -2.414  -8.582  1.00 36.60 ? 68  THR A CA  1 
ATOM   512  C C   . THR A 1 68  ? 4.821   -1.051  -7.919  1.00 36.88 ? 68  THR A C   1 
ATOM   513  O O   . THR A 1 68  ? 5.644   -0.262  -8.367  1.00 39.15 ? 68  THR A O   1 
ATOM   514  C CB  . THR A 1 68  ? 3.237   -2.467  -9.222  1.00 37.09 ? 68  THR A CB  1 
ATOM   515  O OG1 . THR A 1 68  ? 3.178   -3.603  -10.081 1.00 39.16 ? 68  THR A OG1 1 
ATOM   516  C CG2 . THR A 1 68  ? 2.929   -1.208  -10.007 1.00 39.20 ? 68  THR A CG2 1 
ATOM   517  N N   . ILE A 1 69  ? 4.091   -0.775  -6.844  1.00 34.51 ? 69  ILE A N   1 
ATOM   518  C CA  . ILE A 1 69  ? 4.178   0.539   -6.221  1.00 34.66 ? 69  ILE A CA  1 
ATOM   519  C C   . ILE A 1 69  ? 5.566   0.757   -5.620  1.00 38.06 ? 69  ILE A C   1 
ATOM   520  O O   . ILE A 1 69  ? 6.065   1.885   -5.571  1.00 41.01 ? 69  ILE A O   1 
ATOM   521  C CB  . ILE A 1 69  ? 3.093   0.737   -5.149  1.00 32.35 ? 69  ILE A CB  1 
ATOM   522  C CG1 . ILE A 1 69  ? 1.714   0.519   -5.750  1.00 32.67 ? 69  ILE A CG1 1 
ATOM   523  C CG2 . ILE A 1 69  ? 3.153   2.134   -4.574  1.00 30.92 ? 69  ILE A CG2 1 
ATOM   524  C CD1 . ILE A 1 69  ? 0.707   -0.078  -4.792  1.00 33.18 ? 69  ILE A CD1 1 
ATOM   525  N N   . LEU A 1 70  ? 6.201   -0.323  -5.178  1.00 40.58 ? 70  LEU A N   1 
ATOM   526  C CA  . LEU A 1 70  ? 7.487   -0.183  -4.502  1.00 43.10 ? 70  LEU A CA  1 
ATOM   527  C C   . LEU A 1 70  ? 8.595   -0.036  -5.530  1.00 43.36 ? 70  LEU A C   1 
ATOM   528  O O   . LEU A 1 70  ? 9.577   0.671   -5.301  1.00 44.33 ? 70  LEU A O   1 
ATOM   529  C CB  . LEU A 1 70  ? 7.754   -1.332  -3.516  1.00 41.90 ? 70  LEU A CB  1 
ATOM   530  C CG  . LEU A 1 70  ? 6.794   -1.473  -2.320  1.00 42.06 ? 70  LEU A CG  1 
ATOM   531  C CD1 . LEU A 1 70  ? 7.530   -1.965  -1.088  1.00 42.17 ? 70  LEU A CD1 1 
ATOM   532  C CD2 . LEU A 1 70  ? 6.050   -0.193  -1.962  1.00 41.36 ? 70  LEU A CD2 1 
ATOM   533  N N   . GLN A 1 71  ? 8.422   -0.678  -6.678  1.00 42.42 ? 71  GLN A N   1 
ATOM   534  C CA  . GLN A 1 71  ? 9.343   -0.462  -7.789  1.00 43.12 ? 71  GLN A CA  1 
ATOM   535  C C   . GLN A 1 71  ? 9.052   0.892   -8.452  1.00 43.94 ? 71  GLN A C   1 
ATOM   536  O O   . GLN A 1 71  ? 9.889   1.408   -9.188  1.00 43.40 ? 71  GLN A O   1 
ATOM   537  C CB  . GLN A 1 71  ? 9.245   -1.607  -8.789  1.00 44.04 ? 71  GLN A CB  1 
ATOM   538  C CG  . GLN A 1 71  ? 9.403   -2.989  -8.148  1.00 44.30 ? 71  GLN A CG  1 
ATOM   539  C CD  . GLN A 1 71  ? 8.585   -4.070  -8.840  1.00 44.46 ? 71  GLN A CD  1 
ATOM   540  O OE1 . GLN A 1 71  ? 7.787   -3.789  -9.748  1.00 45.69 ? 71  GLN A OE1 1 
ATOM   541  N NE2 . GLN A 1 71  ? 8.778   -5.315  -8.416  1.00 42.92 ? 71  GLN A NE2 1 
ATOM   542  N N   . GLY A 1 72  ? 7.877   1.462   -8.145  1.00 43.77 ? 72  GLY A N   1 
ATOM   543  C CA  . GLY A 1 72  ? 7.366   2.698   -8.747  1.00 41.57 ? 72  GLY A CA  1 
ATOM   544  C C   . GLY A 1 72  ? 8.264   3.908   -8.586  1.00 43.61 ? 72  GLY A C   1 
ATOM   545  O O   . GLY A 1 72  ? 9.372   3.812   -8.049  1.00 40.78 ? 72  GLY A O   1 
ATOM   546  N N   . ASN A 1 73  ? 7.792   5.050   -9.080  1.00 50.23 ? 73  ASN A N   1 
ATOM   547  C CA  . ASN A 1 73  ? 8.547   6.313   -8.996  1.00 54.45 ? 73  ASN A CA  1 
ATOM   548  C C   . ASN A 1 73  ? 7.881   7.348   -8.115  1.00 56.30 ? 73  ASN A C   1 
ATOM   549  O O   . ASN A 1 73  ? 8.310   8.505   -8.070  1.00 58.84 ? 73  ASN A O   1 
ATOM   550  C CB  . ASN A 1 73  ? 8.805   6.909   -10.380 1.00 58.66 ? 73  ASN A CB  1 
ATOM   551  C CG  . ASN A 1 73  ? 10.005  6.283   -11.067 1.00 63.46 ? 73  ASN A CG  1 
ATOM   552  O OD1 . ASN A 1 73  ? 10.881  5.673   -10.426 1.00 62.86 ? 73  ASN A OD1 1 
ATOM   553  N ND2 . ASN A 1 73  ? 10.049  6.419   -12.387 1.00 66.77 ? 73  ASN A ND2 1 
ATOM   554  N N   . ASP A 1 74  ? 6.822   6.920   -7.431  1.00 54.08 ? 74  ASP A N   1 
ATOM   555  C CA  . ASP A 1 74  ? 6.180   7.728   -6.429  1.00 49.34 ? 74  ASP A CA  1 
ATOM   556  C C   . ASP A 1 74  ? 6.848   7.432   -5.090  1.00 48.99 ? 74  ASP A C   1 
ATOM   557  O O   . ASP A 1 74  ? 6.825   6.288   -4.616  1.00 46.47 ? 74  ASP A O   1 
ATOM   558  C CB  . ASP A 1 74  ? 4.691   7.405   -6.383  1.00 49.44 ? 74  ASP A CB  1 
ATOM   559  C CG  . ASP A 1 74  ? 3.840   8.575   -5.882  1.00 49.34 ? 74  ASP A CG  1 
ATOM   560  O OD1 . ASP A 1 74  ? 4.100   9.119   -4.779  1.00 46.92 ? 74  ASP A OD1 1 
ATOM   561  O OD2 . ASP A 1 74  ? 2.875   8.923   -6.597  1.00 50.58 ? 74  ASP A OD2 1 
ATOM   562  N N   . ILE A 1 75  ? 7.461   8.475   -4.519  1.00 47.70 ? 75  ILE A N   1 
ATOM   563  C CA  . ILE A 1 75  ? 8.066   8.446   -3.187  1.00 44.86 ? 75  ILE A CA  1 
ATOM   564  C C   . ILE A 1 75  ? 7.008   8.431   -2.096  1.00 40.42 ? 75  ILE A C   1 
ATOM   565  O O   . ILE A 1 75  ? 7.021   7.542   -1.255  1.00 38.63 ? 75  ILE A O   1 
ATOM   566  C CB  . ILE A 1 75  ? 9.061   9.626   -2.986  1.00 48.78 ? 75  ILE A CB  1 
ATOM   567  C CG1 . ILE A 1 75  ? 10.417  9.305   -3.660  1.00 51.55 ? 75  ILE A CG1 1 
ATOM   568  C CG2 . ILE A 1 75  ? 9.215   10.027  -1.508  1.00 45.64 ? 75  ILE A CG2 1 
ATOM   569  C CD1 . ILE A 1 75  ? 11.049  7.973   -3.279  1.00 52.91 ? 75  ILE A CD1 1 
ATOM   570  N N   . MET A 1 76  ? 6.097   9.400   -2.114  1.00 38.17 ? 76  MET A N   1 
ATOM   571  C CA  . MET A 1 76  ? 5.026   9.437   -1.131  1.00 38.60 ? 76  MET A CA  1 
ATOM   572  C C   . MET A 1 76  ? 4.160   8.154   -1.148  1.00 38.26 ? 76  MET A C   1 
ATOM   573  O O   . MET A 1 76  ? 3.815   7.631   -0.068  1.00 37.52 ? 76  MET A O   1 
ATOM   574  C CB  . MET A 1 76  ? 4.164   10.693  -1.289  1.00 42.49 ? 76  MET A CB  1 
ATOM   575  C CG  . MET A 1 76  ? 3.333   11.004  -0.044  1.00 50.96 ? 76  MET A CG  1 
ATOM   576  S SD  . MET A 1 76  ? 2.247   12.466  -0.034  1.00 56.37 ? 76  MET A SD  1 
ATOM   577  C CE  . MET A 1 76  ? 1.858   12.556  1.722   1.00 52.23 ? 76  MET A CE  1 
ATOM   578  N N   . TRP A 1 77  ? 3.850   7.629   -2.346  1.00 33.18 ? 77  TRP A N   1 
ATOM   579  C CA  . TRP A 1 77  ? 2.965   6.457   -2.479  1.00 31.06 ? 77  TRP A CA  1 
ATOM   580  C C   . TRP A 1 77  ? 3.506   5.243   -1.839  1.00 31.25 ? 77  TRP A C   1 
ATOM   581  O O   . TRP A 1 77  ? 2.790   4.581   -1.120  1.00 31.54 ? 77  TRP A O   1 
ATOM   582  C CB  . TRP A 1 77  ? 2.670   6.123   -3.939  1.00 31.10 ? 77  TRP A CB  1 
ATOM   583  C CG  . TRP A 1 77  ? 1.501   5.190   -4.142  1.00 28.86 ? 77  TRP A CG  1 
ATOM   584  C CD1 . TRP A 1 77  ? 0.625   4.718   -3.174  1.00 29.90 ? 77  TRP A CD1 1 
ATOM   585  C CD2 . TRP A 1 77  ? 0.996   4.629   -5.411  1.00 28.75 ? 77  TRP A CD2 1 
ATOM   586  N NE1 . TRP A 1 77  ? -0.352  3.919   -3.728  1.00 30.85 ? 77  TRP A NE1 1 
ATOM   587  C CE2 . TRP A 1 77  ? -0.197  3.819   -5.060  1.00 29.77 ? 77  TRP A CE2 1 
ATOM   588  C CE3 . TRP A 1 77  ? 1.384   4.709   -6.743  1.00 27.22 ? 77  TRP A CE3 1 
ATOM   589  C CZ2 . TRP A 1 77  ? -0.941  3.126   -6.025  1.00 27.47 ? 77  TRP A CZ2 1 
ATOM   590  C CZ3 . TRP A 1 77  ? 0.627   3.990   -7.705  1.00 25.80 ? 77  TRP A CZ3 1 
ATOM   591  C CH2 . TRP A 1 77  ? -0.502  3.227   -7.350  1.00 26.17 ? 77  TRP A CH2 1 
ATOM   592  N N   . LYS A 1 78  ? 4.759   4.906   -2.126  1.00 33.50 ? 78  LYS A N   1 
ATOM   593  C CA  . LYS A 1 78  ? 5.368   3.707   -1.547  1.00 37.24 ? 78  LYS A CA  1 
ATOM   594  C C   . LYS A 1 78  ? 5.686   3.923   -0.064  1.00 38.61 ? 78  LYS A C   1 
ATOM   595  O O   . LYS A 1 78  ? 5.611   3.004   0.747   1.00 40.60 ? 78  LYS A O   1 
ATOM   596  C CB  . LYS A 1 78  ? 6.592   3.233   -2.350  1.00 38.45 ? 78  LYS A CB  1 
ATOM   597  C CG  . LYS A 1 78  ? 7.739   4.221   -2.407  1.00 42.85 ? 78  LYS A CG  1 
ATOM   598  C CD  . LYS A 1 78  ? 8.956   3.641   -3.116  1.00 46.86 ? 78  LYS A CD  1 
ATOM   599  C CE  . LYS A 1 78  ? 8.819   3.612   -4.639  1.00 45.85 ? 78  LYS A CE  1 
ATOM   600  N NZ  . LYS A 1 78  ? 10.161  3.416   -5.277  1.00 44.99 ? 78  LYS A NZ  1 
ATOM   601  N N   . TYR A 1 79  ? 6.008   5.153   0.294   1.00 39.37 ? 79  TYR A N   1 
ATOM   602  C CA  . TYR A 1 79  ? 6.130   5.503   1.688   1.00 41.42 ? 79  TYR A CA  1 
ATOM   603  C C   . TYR A 1 79  ? 4.864   5.129   2.487   1.00 40.53 ? 79  TYR A C   1 
ATOM   604  O O   . TYR A 1 79  ? 4.965   4.433   3.499   1.00 42.40 ? 79  TYR A O   1 
ATOM   605  C CB  . TYR A 1 79  ? 6.468   6.976   1.824   1.00 44.09 ? 79  TYR A CB  1 
ATOM   606  C CG  . TYR A 1 79  ? 6.458   7.469   3.233   1.00 45.02 ? 79  TYR A CG  1 
ATOM   607  C CD1 . TYR A 1 79  ? 7.569   7.325   4.044   1.00 46.78 ? 79  TYR A CD1 1 
ATOM   608  C CD2 . TYR A 1 79  ? 5.340   8.094   3.749   1.00 48.86 ? 79  TYR A CD2 1 
ATOM   609  C CE1 . TYR A 1 79  ? 7.567   7.788   5.347   1.00 50.43 ? 79  TYR A CE1 1 
ATOM   610  C CE2 . TYR A 1 79  ? 5.322   8.563   5.052   1.00 54.04 ? 79  TYR A CE2 1 
ATOM   611  C CZ  . TYR A 1 79  ? 6.438   8.404   5.847   1.00 51.85 ? 79  TYR A CZ  1 
ATOM   612  O OH  . TYR A 1 79  ? 6.409   8.861   7.138   1.00 53.42 ? 79  TYR A OH  1 
ATOM   613  N N   . TRP A 1 80  ? 3.688   5.559   2.038   1.00 37.24 ? 80  TRP A N   1 
ATOM   614  C CA  . TRP A 1 80  ? 2.449   5.147   2.717   1.00 36.72 ? 80  TRP A CA  1 
ATOM   615  C C   . TRP A 1 80  ? 2.242   3.677   2.690   1.00 33.79 ? 80  TRP A C   1 
ATOM   616  O O   . TRP A 1 80  ? 1.906   3.074   3.698   1.00 31.74 ? 80  TRP A O   1 
ATOM   617  C CB  . TRP A 1 80  ? 1.217   5.880   2.185   1.00 39.30 ? 80  TRP A CB  1 
ATOM   618  C CG  . TRP A 1 80  ? 1.299   7.337   2.539   1.00 44.95 ? 80  TRP A CG  1 
ATOM   619  C CD1 . TRP A 1 80  ? 1.441   8.422   1.674   1.00 48.46 ? 80  TRP A CD1 1 
ATOM   620  C CD2 . TRP A 1 80  ? 1.341   7.918   3.885   1.00 45.09 ? 80  TRP A CD2 1 
ATOM   621  N NE1 . TRP A 1 80  ? 1.540   9.600   2.375   1.00 49.75 ? 80  TRP A NE1 1 
ATOM   622  C CE2 . TRP A 1 80  ? 1.489   9.367   3.704   1.00 47.55 ? 80  TRP A CE2 1 
ATOM   623  C CE3 . TRP A 1 80  ? 1.272   7.404   5.164   1.00 44.34 ? 80  TRP A CE3 1 
ATOM   624  C CZ2 . TRP A 1 80  ? 1.551   10.234  4.772   1.00 48.46 ? 80  TRP A CZ2 1 
ATOM   625  C CZ3 . TRP A 1 80  ? 1.335   8.290   6.232   1.00 46.90 ? 80  TRP A CZ3 1 
ATOM   626  C CH2 . TRP A 1 80  ? 1.465   9.671   6.040   1.00 47.70 ? 80  TRP A CH2 1 
ATOM   627  N N   . VAL A 1 81  ? 2.461   3.074   1.533   1.00 33.43 ? 81  VAL A N   1 
ATOM   628  C CA  . VAL A 1 81  ? 2.223   1.647   1.380   1.00 33.92 ? 81  VAL A CA  1 
ATOM   629  C C   . VAL A 1 81  ? 3.114   0.877   2.358   1.00 33.51 ? 81  VAL A C   1 
ATOM   630  O O   . VAL A 1 81  ? 2.635   -0.052  3.009   1.00 32.37 ? 81  VAL A O   1 
ATOM   631  C CB  . VAL A 1 81  ? 2.394   1.189   -0.095  1.00 34.08 ? 81  VAL A CB  1 
ATOM   632  C CG1 . VAL A 1 81  ? 2.508   -0.320  -0.189  1.00 34.69 ? 81  VAL A CG1 1 
ATOM   633  C CG2 . VAL A 1 81  ? 1.218   1.667   -0.940  1.00 33.82 ? 81  VAL A CG2 1 
ATOM   634  N N   . ILE A 1 82  ? 4.379   1.295   2.480   1.00 31.63 ? 82  ILE A N   1 
ATOM   635  C CA  . ILE A 1 82  ? 5.326   0.645   3.385   1.00 33.32 ? 82  ILE A CA  1 
ATOM   636  C C   . ILE A 1 82  ? 4.905   0.874   4.824   1.00 35.13 ? 82  ILE A C   1 
ATOM   637  O O   . ILE A 1 82  ? 4.737   -0.080  5.601   1.00 36.48 ? 82  ILE A O   1 
ATOM   638  C CB  . ILE A 1 82  ? 6.794   1.123   3.200   1.00 33.17 ? 82  ILE A CB  1 
ATOM   639  C CG1 . ILE A 1 82  ? 7.395   0.510   1.930   1.00 34.12 ? 82  ILE A CG1 1 
ATOM   640  C CG2 . ILE A 1 82  ? 7.660   0.674   4.371   1.00 31.69 ? 82  ILE A CG2 1 
ATOM   641  C CD1 . ILE A 1 82  ? 8.625   1.206   1.389   1.00 31.52 ? 82  ILE A CD1 1 
ATOM   642  N N   . LYS A 1 83  ? 4.740   2.145   5.170   1.00 34.87 ? 83  LYS A N   1 
ATOM   643  C CA  . LYS A 1 83  ? 4.418   2.524   6.535   1.00 34.17 ? 83  LYS A CA  1 
ATOM   644  C C   . LYS A 1 83  ? 3.100   1.874   7.029   1.00 32.05 ? 83  LYS A C   1 
ATOM   645  O O   . LYS A 1 83  ? 3.030   1.360   8.141   1.00 31.69 ? 83  LYS A O   1 
ATOM   646  C CB  . LYS A 1 83  ? 4.389   4.046   6.672   1.00 34.15 ? 83  LYS A CB  1 
ATOM   647  C CG  . LYS A 1 83  ? 4.747   4.520   8.054   1.00 36.41 ? 83  LYS A CG  1 
ATOM   648  C CD  . LYS A 1 83  ? 4.072   5.842   8.351   1.00 41.65 ? 83  LYS A CD  1 
ATOM   649  C CE  . LYS A 1 83  ? 4.085   6.131   9.858   1.00 47.51 ? 83  LYS A CE  1 
ATOM   650  N NZ  . LYS A 1 83  ? 2.990   5.480   10.645  1.00 49.37 ? 83  LYS A NZ  1 
ATOM   651  N N   . LEU A 1 84  ? 2.077   1.859   6.192   1.00 28.52 ? 84  LEU A N   1 
ATOM   652  C CA  . LEU A 1 84  ? 0.782   1.446   6.654   1.00 28.23 ? 84  LEU A CA  1 
ATOM   653  C C   . LEU A 1 84  ? 0.555   -0.048  6.475   1.00 29.33 ? 84  LEU A C   1 
ATOM   654  O O   . LEU A 1 84  ? -0.111  -0.701  7.287   1.00 29.63 ? 84  LEU A O   1 
ATOM   655  C CB  . LEU A 1 84  ? -0.306  2.230   5.925   1.00 28.69 ? 84  LEU A CB  1 
ATOM   656  C CG  . LEU A 1 84  ? -0.234  3.760   5.963   1.00 27.69 ? 84  LEU A CG  1 
ATOM   657  C CD1 . LEU A 1 84  ? -1.027  4.313   4.784   1.00 27.10 ? 84  LEU A CD1 1 
ATOM   658  C CD2 . LEU A 1 84  ? -0.705  4.317   7.300   1.00 25.69 ? 84  LEU A CD2 1 
ATOM   659  N N   . MET A 1 85  ? 1.110   -0.615  5.422   1.00 29.99 ? 85  MET A N   1 
ATOM   660  C CA  . MET A 1 85  ? 0.763   -1.991  5.127   1.00 30.42 ? 85  MET A CA  1 
ATOM   661  C C   . MET A 1 85  ? 1.749   -3.057  5.600   1.00 31.83 ? 85  MET A C   1 
ATOM   662  O O   . MET A 1 85  ? 1.319   -4.108  6.065   1.00 36.45 ? 85  MET A O   1 
ATOM   663  C CB  . MET A 1 85  ? 0.450   -2.162  3.653   1.00 28.73 ? 85  MET A CB  1 
ATOM   664  C CG  . MET A 1 85  ? -0.795  -1.432  3.261   1.00 27.74 ? 85  MET A CG  1 
ATOM   665  S SD  . MET A 1 85  ? -1.253  -1.812  1.569   1.00 27.80 ? 85  MET A SD  1 
ATOM   666  C CE  . MET A 1 85  ? -2.087  -3.413  1.734   1.00 27.91 ? 85  MET A CE  1 
ATOM   667  N N   . ILE A 1 86  ? 3.053   -2.840  5.484   1.00 30.14 ? 86  ILE A N   1 
ATOM   668  C CA  . ILE A 1 86  ? 3.948   -3.934  5.838   1.00 30.32 ? 86  ILE A CA  1 
ATOM   669  C C   . ILE A 1 86  ? 3.528   -4.548  7.178   1.00 31.49 ? 86  ILE A C   1 
ATOM   670  O O   . ILE A 1 86  ? 3.352   -5.785  7.271   1.00 33.09 ? 86  ILE A O   1 
ATOM   671  C CB  . ILE A 1 86  ? 5.443   -3.548  5.832   1.00 29.38 ? 86  ILE A CB  1 
ATOM   672  C CG1 . ILE A 1 86  ? 6.091   -3.979  4.516   1.00 27.64 ? 86  ILE A CG1 1 
ATOM   673  C CG2 . ILE A 1 86  ? 6.178   -4.230  6.979   1.00 29.06 ? 86  ILE A CG2 1 
ATOM   674  C CD1 . ILE A 1 86  ? 5.689   -3.141  3.331   1.00 27.82 ? 86  ILE A CD1 1 
ATOM   675  N N   . PRO A 1 87  ? 3.315   -3.696  8.206   1.00 29.96 ? 87  PRO A N   1 
ATOM   676  C CA  . PRO A 1 87  ? 3.055   -4.228  9.544   1.00 28.72 ? 87  PRO A CA  1 
ATOM   677  C C   . PRO A 1 87  ? 1.917   -5.245  9.626   1.00 27.97 ? 87  PRO A C   1 
ATOM   678  O O   . PRO A 1 87  ? 1.857   -6.035  10.586  1.00 28.69 ? 87  PRO A O   1 
ATOM   679  C CB  . PRO A 1 87  ? 2.749   -2.974  10.345  1.00 28.52 ? 87  PRO A CB  1 
ATOM   680  C CG  . PRO A 1 87  ? 3.589   -1.920  9.688   1.00 28.93 ? 87  PRO A CG  1 
ATOM   681  C CD  . PRO A 1 87  ? 3.423   -2.223  8.226   1.00 29.35 ? 87  PRO A CD  1 
ATOM   682  N N   . TYR A 1 88  ? 1.076   -5.262  8.594   1.00 27.45 ? 88  TYR A N   1 
ATOM   683  C CA  . TYR A 1 88  ? -0.127  -6.104  8.533   1.00 28.47 ? 88  TYR A CA  1 
ATOM   684  C C   . TYR A 1 88  ? -0.083  -7.158  7.437   1.00 30.40 ? 88  TYR A C   1 
ATOM   685  O O   . TYR A 1 88  ? -1.111  -7.744  7.104   1.00 33.28 ? 88  TYR A O   1 
ATOM   686  C CB  . TYR A 1 88  ? -1.398  -5.225  8.411   1.00 26.69 ? 88  TYR A CB  1 
ATOM   687  C CG  . TYR A 1 88  ? -1.458  -4.273  9.570   1.00 25.84 ? 88  TYR A CG  1 
ATOM   688  C CD1 . TYR A 1 88  ? -0.590  -3.183  9.634   1.00 25.76 ? 88  TYR A CD1 1 
ATOM   689  C CD2 . TYR A 1 88  ? -2.305  -4.514  10.639  1.00 24.87 ? 88  TYR A CD2 1 
ATOM   690  C CE1 . TYR A 1 88  ? -0.597  -2.345  10.715  1.00 26.74 ? 88  TYR A CE1 1 
ATOM   691  C CE2 . TYR A 1 88  ? -2.320  -3.684  11.727  1.00 25.42 ? 88  TYR A CE2 1 
ATOM   692  C CZ  . TYR A 1 88  ? -1.465  -2.600  11.766  1.00 26.23 ? 88  TYR A CZ  1 
ATOM   693  O OH  . TYR A 1 88  ? -1.473  -1.756  12.854  1.00 25.52 ? 88  TYR A OH  1 
ATOM   694  N N   . LEU A 1 89  ? 1.090   -7.417  6.877   1.00 31.00 ? 89  LEU A N   1 
ATOM   695  C CA  . LEU A 1 89  ? 1.192   -8.540  5.947   1.00 31.78 ? 89  LEU A CA  1 
ATOM   696  C C   . LEU A 1 89  ? 1.462   -9.840  6.708   1.00 32.47 ? 89  LEU A C   1 
ATOM   697  O O   . LEU A 1 89  ? 2.327   -9.898  7.623   1.00 30.17 ? 89  LEU A O   1 
ATOM   698  C CB  . LEU A 1 89  ? 2.237   -8.295  4.843   1.00 31.97 ? 89  LEU A CB  1 
ATOM   699  C CG  . LEU A 1 89  ? 2.077   -7.028  3.989   1.00 32.33 ? 89  LEU A CG  1 
ATOM   700  C CD1 . LEU A 1 89  ? 3.234   -6.826  3.028   1.00 31.89 ? 89  LEU A CD1 1 
ATOM   701  C CD2 . LEU A 1 89  ? 0.767   -7.064  3.227   1.00 33.72 ? 89  LEU A CD2 1 
ATOM   702  N N   . ILE A 1 90  ? 0.680   -10.858 6.339   1.00 32.39 ? 90  ILE A N   1 
ATOM   703  C CA  . ILE A 1 90  ? 0.843   -12.225 6.843   1.00 33.09 ? 90  ILE A CA  1 
ATOM   704  C C   . ILE A 1 90  ? 2.131   -12.807 6.263   1.00 35.65 ? 90  ILE A C   1 
ATOM   705  O O   . ILE A 1 90  ? 2.518   -12.404 5.161   1.00 35.71 ? 90  ILE A O   1 
ATOM   706  C CB  . ILE A 1 90  ? -0.384  -13.114 6.519   1.00 31.84 ? 90  ILE A CB  1 
ATOM   707  C CG1 . ILE A 1 90  ? -0.466  -13.471 5.032   1.00 30.50 ? 90  ILE A CG1 1 
ATOM   708  C CG2 . ILE A 1 90  ? -1.676  -12.448 6.990   1.00 32.01 ? 90  ILE A CG2 1 
ATOM   709  C CD1 . ILE A 1 90  ? -1.667  -14.331 4.687   1.00 29.89 ? 90  ILE A CD1 1 
ATOM   710  N N   . TYR A 1 91  ? 2.776   -13.744 6.985   1.00 39.08 ? 91  TYR A N   1 
ATOM   711  C CA  . TYR A 1 91  ? 4.192   -14.143 6.715   1.00 38.38 ? 91  TYR A CA  1 
ATOM   712  C C   . TYR A 1 91  ? 4.578   -14.265 5.225   1.00 40.25 ? 91  TYR A C   1 
ATOM   713  O O   . TYR A 1 91  ? 5.562   -13.625 4.796   1.00 39.58 ? 91  TYR A O   1 
ATOM   714  C CB  . TYR A 1 91  ? 4.625   -15.376 7.516   1.00 36.47 ? 91  TYR A CB  1 
ATOM   715  N N   . PRO A 1 92  ? 3.812   -15.056 4.423   1.00 40.99 ? 92  PRO A N   1 
ATOM   716  C CA  . PRO A 1 92  ? 4.217   -15.124 2.998   1.00 40.04 ? 92  PRO A CA  1 
ATOM   717  C C   . PRO A 1 92  ? 4.243   -13.727 2.316   1.00 41.74 ? 92  PRO A C   1 
ATOM   718  O O   . PRO A 1 92  ? 5.284   -13.322 1.763   1.00 41.64 ? 92  PRO A O   1 
ATOM   719  C CB  . PRO A 1 92  ? 3.177   -16.065 2.370   1.00 38.41 ? 92  PRO A CB  1 
ATOM   720  C CG  . PRO A 1 92  ? 2.041   -16.127 3.348   1.00 38.85 ? 92  PRO A CG  1 
ATOM   721  C CD  . PRO A 1 92  ? 2.637   -15.911 4.708   1.00 39.11 ? 92  PRO A CD  1 
ATOM   722  N N   . ASN A 1 93  ? 3.123   -13.000 2.400   1.00 39.38 ? 93  ASN A N   1 
ATOM   723  C CA  . ASN A 1 93  ? 3.016   -11.658 1.867   1.00 38.33 ? 93  ASN A CA  1 
ATOM   724  C C   . ASN A 1 93  ? 4.137   -10.742 2.364   1.00 40.67 ? 93  ASN A C   1 
ATOM   725  O O   . ASN A 1 93  ? 4.787   -10.066 1.568   1.00 44.45 ? 93  ASN A O   1 
ATOM   726  C CB  . ASN A 1 93  ? 1.656   -11.082 2.218   1.00 39.24 ? 93  ASN A CB  1 
ATOM   727  C CG  . ASN A 1 93  ? 0.536   -11.703 1.413   1.00 43.66 ? 93  ASN A CG  1 
ATOM   728  O OD1 . ASN A 1 93  ? 0.776   -12.391 0.430   1.00 49.43 ? 93  ASN A OD1 1 
ATOM   729  N ND2 . ASN A 1 93  ? -0.700  -11.451 1.812   1.00 44.98 ? 93  ASN A ND2 1 
ATOM   730  N N   . LYS A 1 94  ? 4.363   -10.728 3.678   1.00 40.26 ? 94  LYS A N   1 
ATOM   731  C CA  . LYS A 1 94  ? 5.443   -9.964  4.304   1.00 39.80 ? 94  LYS A CA  1 
ATOM   732  C C   . LYS A 1 94  ? 6.790   -10.302 3.682   1.00 41.52 ? 94  LYS A C   1 
ATOM   733  O O   . LYS A 1 94  ? 7.631   -9.408  3.507   1.00 41.38 ? 94  LYS A O   1 
ATOM   734  C CB  . LYS A 1 94  ? 5.488   -10.253 5.809   1.00 39.75 ? 94  LYS A CB  1 
ATOM   735  C CG  . LYS A 1 94  ? 6.355   -9.311  6.637   1.00 39.81 ? 94  LYS A CG  1 
ATOM   736  C CD  . LYS A 1 94  ? 6.224   -9.581  8.141   1.00 42.54 ? 94  LYS A CD  1 
ATOM   737  C CE  . LYS A 1 94  ? 7.447   -10.321 8.697   1.00 43.10 ? 94  LYS A CE  1 
ATOM   738  N NZ  . LYS A 1 94  ? 7.261   -10.957 10.039  1.00 41.09 ? 94  LYS A NZ  1 
ATOM   739  N N   . GLN A 1 95  ? 6.997   -11.583 3.347   1.00 42.78 ? 95  GLN A N   1 
ATOM   740  C CA  . GLN A 1 95  ? 8.273   -12.027 2.753   1.00 44.58 ? 95  GLN A CA  1 
ATOM   741  C C   . GLN A 1 95  ? 8.392   -11.647 1.282   1.00 42.38 ? 95  GLN A C   1 
ATOM   742  O O   . GLN A 1 95  ? 9.489   -11.477 0.759   1.00 41.46 ? 95  GLN A O   1 
ATOM   743  C CB  . GLN A 1 95  ? 8.536   -13.526 2.981   1.00 48.20 ? 95  GLN A CB  1 
ATOM   744  C CG  . GLN A 1 95  ? 9.218   -13.844 4.319   1.00 55.67 ? 95  GLN A CG  1 
ATOM   745  C CD  . GLN A 1 95  ? 10.604  -13.195 4.472   1.00 63.67 ? 95  GLN A CD  1 
ATOM   746  O OE1 . GLN A 1 95  ? 11.503  -13.422 3.657   1.00 69.95 ? 95  GLN A OE1 1 
ATOM   747  N NE2 . GLN A 1 95  ? 10.782  -12.385 5.527   1.00 62.12 ? 95  GLN A NE2 1 
ATOM   748  N N   . LEU A 1 96  ? 7.242   -11.475 0.643   1.00 41.42 ? 96  LEU A N   1 
ATOM   749  C CA  . LEU A 1 96  ? 7.163   -11.024 -0.739  1.00 39.07 ? 96  LEU A CA  1 
ATOM   750  C C   . LEU A 1 96  ? 7.725   -9.645  -1.005  1.00 36.25 ? 96  LEU A C   1 
ATOM   751  O O   . LEU A 1 96  ? 8.067   -9.332  -2.142  1.00 36.80 ? 96  LEU A O   1 
ATOM   752  C CB  . LEU A 1 96  ? 5.712   -11.063 -1.212  1.00 41.23 ? 96  LEU A CB  1 
ATOM   753  C CG  . LEU A 1 96  ? 5.322   -12.287 -2.042  1.00 42.93 ? 96  LEU A CG  1 
ATOM   754  C CD1 . LEU A 1 96  ? 3.811   -12.508 -2.036  1.00 42.58 ? 96  LEU A CD1 1 
ATOM   755  C CD2 . LEU A 1 96  ? 5.866   -12.134 -3.467  1.00 42.18 ? 96  LEU A CD2 1 
ATOM   756  N N   . VAL A 1 97  ? 7.819   -8.816  0.025   1.00 33.91 ? 97  VAL A N   1 
ATOM   757  C CA  . VAL A 1 97  ? 8.249   -7.432  -0.177  1.00 34.27 ? 97  VAL A CA  1 
ATOM   758  C C   . VAL A 1 97  ? 9.606   -7.126  0.482   1.00 35.12 ? 97  VAL A C   1 
ATOM   759  O O   . VAL A 1 97  ? 10.195  -6.054  0.279   1.00 34.23 ? 97  VAL A O   1 
ATOM   760  C CB  . VAL A 1 97  ? 7.144   -6.437  0.237   1.00 32.44 ? 97  VAL A CB  1 
ATOM   761  C CG1 . VAL A 1 97  ? 5.789   -7.030  -0.118  1.00 32.57 ? 97  VAL A CG1 1 
ATOM   762  C CG2 . VAL A 1 97  ? 7.209   -6.124  1.723   1.00 31.20 ? 97  VAL A CG2 1 
ATOM   763  N N   . LYS A 1 98  ? 10.116  -8.087  1.243   1.00 35.51 ? 98  LYS A N   1 
ATOM   764  C CA  . LYS A 1 98  ? 11.428  -7.939  1.848   1.00 37.19 ? 98  LYS A CA  1 
ATOM   765  C C   . LYS A 1 98  ? 12.430  -7.324  0.858   1.00 38.85 ? 98  LYS A C   1 
ATOM   766  O O   . LYS A 1 98  ? 13.141  -6.364  1.203   1.00 41.76 ? 98  LYS A O   1 
ATOM   767  C CB  . LYS A 1 98  ? 11.923  -9.285  2.359   1.00 37.52 ? 98  LYS A CB  1 
ATOM   768  C CG  . LYS A 1 98  ? 12.826  -9.157  3.564   1.00 40.01 ? 98  LYS A CG  1 
ATOM   769  C CD  . LYS A 1 98  ? 13.434  -10.494 3.952   1.00 43.26 ? 98  LYS A CD  1 
ATOM   770  C CE  . LYS A 1 98  ? 14.631  -10.806 3.062   1.00 45.35 ? 98  LYS A CE  1 
ATOM   771  N NZ  . LYS A 1 98  ? 15.190  -12.158 3.326   1.00 48.09 ? 98  LYS A NZ  1 
ATOM   772  N N   . SER A 1 99  ? 12.455  -7.854  -0.370  1.00 37.86 ? 99  SER A N   1 
ATOM   773  C CA  . SER A 1 99  ? 13.371  -7.397  -1.431  1.00 36.51 ? 99  SER A CA  1 
ATOM   774  C C   . SER A 1 99  ? 13.226  -5.904  -1.731  1.00 35.97 ? 99  SER A C   1 
ATOM   775  O O   . SER A 1 99  ? 14.210  -5.195  -1.969  1.00 33.17 ? 99  SER A O   1 
ATOM   776  C CB  . SER A 1 99  ? 13.152  -8.196  -2.716  1.00 35.85 ? 99  SER A CB  1 
ATOM   777  O OG  . SER A 1 99  ? 11.828  -8.032  -3.187  1.00 39.61 ? 99  SER A OG  1 
ATOM   778  N N   . GLU A 1 100 ? 11.990  -5.424  -1.710  1.00 35.26 ? 100 GLU A N   1 
ATOM   779  C CA  . GLU A 1 100 ? 11.762  -4.034  -2.022  1.00 36.21 ? 100 GLU A CA  1 
ATOM   780  C C   . GLU A 1 100 ? 12.288  -3.148  -0.905  1.00 35.01 ? 100 GLU A C   1 
ATOM   781  O O   . GLU A 1 100 ? 12.921  -2.107  -1.164  1.00 32.48 ? 100 GLU A O   1 
ATOM   782  C CB  . GLU A 1 100 ? 10.285  -3.794  -2.296  1.00 39.57 ? 100 GLU A CB  1 
ATOM   783  C CG  . GLU A 1 100 ? 9.761   -4.532  -3.514  1.00 45.08 ? 100 GLU A CG  1 
ATOM   784  C CD  . GLU A 1 100 ? 10.541  -4.237  -4.804  1.00 51.65 ? 100 GLU A CD  1 
ATOM   785  O OE1 . GLU A 1 100 ? 11.253  -3.197  -4.904  1.00 46.92 ? 100 GLU A OE1 1 
ATOM   786  O OE2 . GLU A 1 100 ? 10.429  -5.072  -5.736  1.00 58.37 ? 100 GLU A OE2 1 
ATOM   787  N N   . LEU A 1 101 ? 12.045  -3.593  0.333   1.00 33.91 ? 101 LEU A N   1 
ATOM   788  C CA  . LEU A 1 101 ? 12.525  -2.898  1.515   1.00 33.47 ? 101 LEU A CA  1 
ATOM   789  C C   . LEU A 1 101 ? 14.033  -2.888  1.525   1.00 35.38 ? 101 LEU A C   1 
ATOM   790  O O   . LEU A 1 101 ? 14.645  -1.833  1.763   1.00 36.41 ? 101 LEU A O   1 
ATOM   791  C CB  . LEU A 1 101 ? 12.015  -3.555  2.787   1.00 32.15 ? 101 LEU A CB  1 
ATOM   792  C CG  . LEU A 1 101 ? 10.624  -3.167  3.248   1.00 32.62 ? 101 LEU A CG  1 
ATOM   793  C CD1 . LEU A 1 101 ? 10.696  -2.890  4.741   1.00 31.59 ? 101 LEU A CD1 1 
ATOM   794  C CD2 . LEU A 1 101 ? 10.120  -1.937  2.498   1.00 33.94 ? 101 LEU A CD2 1 
ATOM   795  N N   . GLU A 1 102 ? 14.620  -4.060  1.264   1.00 33.93 ? 102 GLU A N   1 
ATOM   796  C CA  . GLU A 1 102 ? 16.043  -4.180  1.094   1.00 35.22 ? 102 GLU A CA  1 
ATOM   797  C C   . GLU A 1 102 ? 16.581  -3.128  0.062   1.00 35.15 ? 102 GLU A C   1 
ATOM   798  O O   . GLU A 1 102 ? 17.482  -2.332  0.371   1.00 33.09 ? 102 GLU A O   1 
ATOM   799  C CB  . GLU A 1 102 ? 16.384  -5.624  0.704   1.00 39.05 ? 102 GLU A CB  1 
ATOM   800  C CG  . GLU A 1 102 ? 16.450  -6.611  1.869   1.00 44.85 ? 102 GLU A CG  1 
ATOM   801  C CD  . GLU A 1 102 ? 16.717  -8.068  1.442   1.00 49.01 ? 102 GLU A CD  1 
ATOM   802  O OE1 . GLU A 1 102 ? 16.360  -8.478  0.305   1.00 53.04 ? 102 GLU A OE1 1 
ATOM   803  O OE2 . GLU A 1 102 ? 17.279  -8.839  2.257   1.00 48.12 ? 102 GLU A OE2 1 
ATOM   804  N N   . ARG A 1 103 ? 15.998  -3.090  -1.135  1.00 34.13 ? 103 ARG A N   1 
ATOM   805  C CA  . ARG A 1 103 ? 16.493  -2.221  -2.198  1.00 33.02 ? 103 ARG A CA  1 
ATOM   806  C C   . ARG A 1 103 ? 16.345  -0.801  -1.790  1.00 32.79 ? 103 ARG A C   1 
ATOM   807  O O   . ARG A 1 103 ? 17.282  -0.047  -1.890  1.00 33.32 ? 103 ARG A O   1 
ATOM   808  C CB  . ARG A 1 103 ? 15.722  -2.444  -3.475  1.00 36.38 ? 103 ARG A CB  1 
ATOM   809  C CG  . ARG A 1 103 ? 16.362  -1.885  -4.723  1.00 39.22 ? 103 ARG A CG  1 
ATOM   810  C CD  . ARG A 1 103 ? 15.537  -2.266  -5.953  1.00 45.79 ? 103 ARG A CD  1 
ATOM   811  N NE  . ARG A 1 103 ? 14.099  -2.045  -5.724  1.00 54.35 ? 103 ARG A NE  1 
ATOM   812  C CZ  . ARG A 1 103 ? 13.489  -0.849  -5.697  1.00 56.12 ? 103 ARG A CZ  1 
ATOM   813  N NH1 . ARG A 1 103 ? 14.157  0.285   -5.907  1.00 55.01 ? 103 ARG A NH1 1 
ATOM   814  N NH2 . ARG A 1 103 ? 12.186  -0.785  -5.460  1.00 59.85 ? 103 ARG A NH2 1 
ATOM   815  N N   . LEU A 1 104 ? 15.171  -0.429  -1.298  1.00 33.94 ? 104 LEU A N   1 
ATOM   816  C CA  . LEU A 1 104 ? 14.964  0.957   -0.878  1.00 34.13 ? 104 LEU A CA  1 
ATOM   817  C C   . LEU A 1 104 ? 15.909  1.428   0.245   1.00 36.29 ? 104 LEU A C   1 
ATOM   818  O O   . LEU A 1 104 ? 16.378  2.581   0.228   1.00 34.09 ? 104 LEU A O   1 
ATOM   819  C CB  . LEU A 1 104 ? 13.513  1.213   -0.508  1.00 32.48 ? 104 LEU A CB  1 
ATOM   820  C CG  . LEU A 1 104 ? 12.467  1.132   -1.620  1.00 32.87 ? 104 LEU A CG  1 
ATOM   821  C CD1 . LEU A 1 104 ? 11.116  1.031   -0.961  1.00 33.85 ? 104 LEU A CD1 1 
ATOM   822  C CD2 . LEU A 1 104 ? 12.483  2.323   -2.565  1.00 34.00 ? 104 LEU A CD2 1 
ATOM   823  N N   . SER A 1 105 ? 16.199  0.548   1.212   1.00 38.31 ? 105 SER A N   1 
ATOM   824  C CA  . SER A 1 105 ? 17.145  0.906   2.285   1.00 39.70 ? 105 SER A CA  1 
ATOM   825  C C   . SER A 1 105 ? 18.534  1.175   1.704   1.00 41.50 ? 105 SER A C   1 
ATOM   826  O O   . SER A 1 105 ? 19.364  1.861   2.332   1.00 40.52 ? 105 SER A O   1 
ATOM   827  C CB  . SER A 1 105 ? 17.212  -0.159  3.376   1.00 38.08 ? 105 SER A CB  1 
ATOM   828  O OG  . SER A 1 105 ? 17.056  -1.447  2.833   1.00 38.24 ? 105 SER A OG  1 
ATOM   829  N N   . SER A 1 106 ? 18.739  0.672   0.481   1.00 42.59 ? 106 SER A N   1 
ATOM   830  C CA  . SER A 1 106 ? 20.039  0.701   -0.192  1.00 43.78 ? 106 SER A CA  1 
ATOM   831  C C   . SER A 1 106 ? 20.330  1.993   -0.918  1.00 42.52 ? 106 SER A C   1 
ATOM   832  O O   . SER A 1 106 ? 21.500  2.346   -1.035  1.00 41.25 ? 106 SER A O   1 
ATOM   833  C CB  . SER A 1 106 ? 20.168  -0.447  -1.199  1.00 46.64 ? 106 SER A CB  1 
ATOM   834  O OG  . SER A 1 106 ? 19.775  -1.681  -0.625  1.00 50.60 ? 106 SER A OG  1 
ATOM   835  N N   . LEU A 1 107 ? 19.286  2.665   -1.420  1.00 41.80 ? 107 LEU A N   1 
ATOM   836  C CA  . LEU A 1 107 ? 19.437  3.905   -2.199  1.00 43.17 ? 107 LEU A CA  1 
ATOM   837  C C   . LEU A 1 107 ? 20.355  4.951   -1.540  1.00 46.27 ? 107 LEU A C   1 
ATOM   838  O O   . LEU A 1 107 ? 20.328  5.157   -0.304  1.00 47.78 ? 107 LEU A O   1 
ATOM   839  C CB  . LEU A 1 107 ? 18.094  4.574   -2.491  1.00 42.51 ? 107 LEU A CB  1 
ATOM   840  C CG  . LEU A 1 107 ? 16.779  3.832   -2.724  1.00 48.08 ? 107 LEU A CG  1 
ATOM   841  C CD1 . LEU A 1 107 ? 15.594  4.774   -2.473  1.00 49.50 ? 107 LEU A CD1 1 
ATOM   842  C CD2 . LEU A 1 107 ? 16.683  3.170   -4.096  1.00 47.82 ? 107 LEU A CD2 1 
ATOM   843  N N   . GLU A 1 108 ? 21.171  5.597   -2.378  1.00 46.54 ? 108 GLU A N   1 
ATOM   844  C CA  . GLU A 1 108 ? 22.038  6.682   -1.942  1.00 47.68 ? 108 GLU A CA  1 
ATOM   845  C C   . GLU A 1 108 ? 21.158  7.907   -1.762  1.00 50.62 ? 108 GLU A C   1 
ATOM   846  O O   . GLU A 1 108 ? 20.312  8.214   -2.625  1.00 51.27 ? 108 GLU A O   1 
ATOM   847  C CB  . GLU A 1 108 ? 23.148  6.941   -2.971  1.00 48.86 ? 108 GLU A CB  1 
ATOM   848  C CG  . GLU A 1 108 ? 24.245  7.903   -2.491  1.00 49.70 ? 108 GLU A CG  1 
ATOM   849  C CD  . GLU A 1 108 ? 25.025  8.556   -3.628  1.00 43.98 ? 108 GLU A CD  1 
ATOM   850  O OE1 . GLU A 1 108 ? 24.954  8.034   -4.765  1.00 41.88 ? 108 GLU A OE1 1 
ATOM   851  O OE2 . GLU A 1 108 ? 25.698  9.587   -3.378  1.00 38.36 ? 108 GLU A OE2 1 
ATOM   852  N N   . ILE A 1 109 ? 21.339  8.592   -0.635  1.00 52.43 ? 109 ILE A N   1 
ATOM   853  C CA  . ILE A 1 109 ? 20.438  9.675   -0.263  1.00 54.54 ? 109 ILE A CA  1 
ATOM   854  C C   . ILE A 1 109 ? 20.830  10.966  -0.956  1.00 57.81 ? 109 ILE A C   1 
ATOM   855  O O   . ILE A 1 109 ? 21.602  11.759  -0.403  1.00 67.14 ? 109 ILE A O   1 
ATOM   856  C CB  . ILE A 1 109 ? 20.369  9.898   1.261   1.00 53.21 ? 109 ILE A CB  1 
ATOM   857  C CG1 . ILE A 1 109 ? 20.193  8.562   1.993   1.00 55.79 ? 109 ILE A CG1 1 
ATOM   858  C CG2 . ILE A 1 109 ? 19.239  10.864  1.586   1.00 53.21 ? 109 ILE A CG2 1 
ATOM   859  C CD1 . ILE A 1 109 ? 19.901  8.675   3.477   1.00 55.34 ? 109 ILE A CD1 1 
ATOM   860  N N   . ILE A 1 110 ? 20.311  11.165  -2.168  1.00 55.61 ? 110 ILE A N   1 
ATOM   861  C CA  . ILE A 1 110 ? 20.551  12.397  -2.908  1.00 55.44 ? 110 ILE A CA  1 
ATOM   862  C C   . ILE A 1 110 ? 19.698  13.487  -2.282  1.00 57.38 ? 110 ILE A C   1 
ATOM   863  O O   . ILE A 1 110 ? 20.208  14.293  -1.513  1.00 61.05 ? 110 ILE A O   1 
ATOM   864  C CB  . ILE A 1 110 ? 20.252  12.264  -4.408  1.00 54.67 ? 110 ILE A CB  1 
ATOM   865  C CG1 . ILE A 1 110 ? 21.077  11.129  -5.008  1.00 53.54 ? 110 ILE A CG1 1 
ATOM   866  C CG2 . ILE A 1 110 ? 20.531  13.579  -5.128  1.00 53.60 ? 110 ILE A CG2 1 
ATOM   867  C CD1 . ILE A 1 110 ? 20.243  10.171  -5.834  1.00 55.21 ? 110 ILE A CD1 1 
ATOM   868  N N   . ASN A 1 111 ? 18.402  13.497  -2.586  1.00 63.31 ? 111 ASN A N   1 
ATOM   869  C CA  . ASN A 1 111 ? 17.496  14.500  -2.019  1.00 64.09 ? 111 ASN A CA  1 
ATOM   870  C C   . ASN A 1 111 ? 16.900  14.089  -0.650  1.00 62.67 ? 111 ASN A C   1 
ATOM   871  O O   . ASN A 1 111 ? 17.017  12.929  -0.213  1.00 53.75 ? 111 ASN A O   1 
ATOM   872  C CB  . ASN A 1 111 ? 16.418  14.914  -3.042  1.00 64.70 ? 111 ASN A CB  1 
ATOM   873  C CG  . ASN A 1 111 ? 15.260  13.938  -3.093  1.00 66.55 ? 111 ASN A CG  1 
ATOM   874  O OD1 . ASN A 1 111 ? 14.939  13.308  -2.086  1.00 66.66 ? 111 ASN A OD1 1 
ATOM   875  N ND2 . ASN A 1 111 ? 14.619  13.806  -4.265  1.00 63.96 ? 111 ASN A ND2 1 
ATOM   876  N N   . GLU A 1 112 ? 16.269  15.052  0.018   1.00 67.99 ? 112 GLU A N   1 
ATOM   877  C CA  . GLU A 1 112 ? 15.766  14.836  1.375   1.00 71.45 ? 112 GLU A CA  1 
ATOM   878  C C   . GLU A 1 112 ? 14.542  13.899  1.445   1.00 67.78 ? 112 GLU A C   1 
ATOM   879  O O   . GLU A 1 112 ? 14.426  13.109  2.382   1.00 70.22 ? 112 GLU A O   1 
ATOM   880  C CB  . GLU A 1 112 ? 15.497  16.165  2.069   1.00 72.41 ? 112 GLU A CB  1 
ATOM   881  N N   . ASP A 1 113 ? 13.654  13.971  0.456   1.00 60.92 ? 113 ASP A N   1 
ATOM   882  C CA  . ASP A 1 113 ? 12.513  13.049  0.380   1.00 58.40 ? 113 ASP A CA  1 
ATOM   883  C C   . ASP A 1 113 ? 12.977  11.586  0.309   1.00 54.17 ? 113 ASP A C   1 
ATOM   884  O O   . ASP A 1 113 ? 12.351  10.705  0.909   1.00 52.75 ? 113 ASP A O   1 
ATOM   885  C CB  . ASP A 1 113 ? 11.599  13.381  -0.813  1.00 68.90 ? 113 ASP A CB  1 
ATOM   886  C CG  . ASP A 1 113 ? 11.542  14.890  -1.130  1.00 81.89 ? 113 ASP A CG  1 
ATOM   887  O OD1 . ASP A 1 113 ? 12.533  15.457  -1.674  1.00 84.56 ? 113 ASP A OD1 1 
ATOM   888  O OD2 . ASP A 1 113 ? 10.487  15.506  -0.852  1.00 84.17 ? 113 ASP A OD2 1 
ATOM   889  N N   . ILE A 1 114 ? 14.075  11.335  -0.417  1.00 51.24 ? 114 ILE A N   1 
ATOM   890  C CA  . ILE A 1 114 ? 14.712  10.002  -0.471  1.00 48.77 ? 114 ILE A CA  1 
ATOM   891  C C   . ILE A 1 114 ? 15.047  9.519   0.950   1.00 47.00 ? 114 ILE A C   1 
ATOM   892  O O   . ILE A 1 114 ? 14.621  8.438   1.359   1.00 44.53 ? 114 ILE A O   1 
ATOM   893  C CB  . ILE A 1 114 ? 15.979  9.963   -1.375  1.00 47.18 ? 114 ILE A CB  1 
ATOM   894  C CG1 . ILE A 1 114 ? 15.601  10.066  -2.872  1.00 47.94 ? 114 ILE A CG1 1 
ATOM   895  C CG2 . ILE A 1 114 ? 16.778  8.686   -1.125  1.00 46.02 ? 114 ILE A CG2 1 
ATOM   896  C CD1 . ILE A 1 114 ? 16.743  10.372  -3.843  1.00 43.60 ? 114 ILE A CD1 1 
ATOM   897  N N   . ARG A 1 115 ? 15.782  10.338  1.701   1.00 45.05 ? 115 ARG A N   1 
ATOM   898  C CA  . ARG A 1 115 ? 16.048  10.053  3.109   1.00 43.38 ? 115 ARG A CA  1 
ATOM   899  C C   . ARG A 1 115 ? 14.861  9.394   3.844   1.00 39.07 ? 115 ARG A C   1 
ATOM   900  O O   . ARG A 1 115 ? 15.030  8.313   4.421   1.00 36.49 ? 115 ARG A O   1 
ATOM   901  C CB  . ARG A 1 115 ? 16.526  11.313  3.850   1.00 45.44 ? 115 ARG A CB  1 
ATOM   902  C CG  . ARG A 1 115 ? 17.120  11.048  5.226   1.00 45.67 ? 115 ARG A CG  1 
ATOM   903  C CD  . ARG A 1 115 ? 17.633  12.322  5.871   1.00 52.14 ? 115 ARG A CD  1 
ATOM   904  N NE  . ARG A 1 115 ? 18.806  12.909  5.199   1.00 59.18 ? 115 ARG A NE  1 
ATOM   905  C CZ  . ARG A 1 115 ? 20.067  12.460  5.296   1.00 63.24 ? 115 ARG A CZ  1 
ATOM   906  N NH1 . ARG A 1 115 ? 20.367  11.382  6.028   1.00 64.01 ? 115 ARG A NH1 1 
ATOM   907  N NH2 . ARG A 1 115 ? 21.043  13.086  4.645   1.00 60.84 ? 115 ARG A NH2 1 
ATOM   908  N N   . GLU A 1 116 ? 13.680  10.022  3.809   1.00 35.13 ? 116 GLU A N   1 
ATOM   909  C CA  . GLU A 1 116 ? 12.570  9.585   4.666   1.00 35.80 ? 116 GLU A CA  1 
ATOM   910  C C   . GLU A 1 116 ? 12.285  8.106   4.435   1.00 37.88 ? 116 GLU A C   1 
ATOM   911  O O   . GLU A 1 116 ? 12.250  7.308   5.383   1.00 42.05 ? 116 GLU A O   1 
ATOM   912  C CB  . GLU A 1 116 ? 11.312  10.441  4.470   1.00 34.10 ? 116 GLU A CB  1 
ATOM   913  N N   . ILE A 1 117 ? 12.150  7.742   3.163   1.00 37.59 ? 117 ILE A N   1 
ATOM   914  C CA  . ILE A 1 117 ? 11.888  6.375   2.747   1.00 36.60 ? 117 ILE A CA  1 
ATOM   915  C C   . ILE A 1 117 ? 13.064  5.379   2.897   1.00 39.09 ? 117 ILE A C   1 
ATOM   916  O O   . ILE A 1 117 ? 12.831  4.173   2.988   1.00 42.82 ? 117 ILE A O   1 
ATOM   917  C CB  . ILE A 1 117 ? 11.422  6.390   1.292   1.00 37.54 ? 117 ILE A CB  1 
ATOM   918  C CG1 . ILE A 1 117 ? 10.088  5.663   1.154   1.00 38.32 ? 117 ILE A CG1 1 
ATOM   919  C CG2 . ILE A 1 117 ? 12.565  6.011   0.335   1.00 35.55 ? 117 ILE A CG2 1 
ATOM   920  C CD1 . ILE A 1 117 ? 10.199  4.163   1.115   1.00 41.57 ? 117 ILE A CD1 1 
ATOM   921  N N   . VAL A 1 118 ? 14.319  5.842   2.898   1.00 39.06 ? 118 VAL A N   1 
ATOM   922  C CA  . VAL A 1 118 ? 15.439  4.937   3.232   1.00 37.45 ? 118 VAL A CA  1 
ATOM   923  C C   . VAL A 1 118 ? 15.247  4.558   4.698   1.00 37.98 ? 118 VAL A C   1 
ATOM   924  O O   . VAL A 1 118 ? 15.153  3.385   5.052   1.00 36.18 ? 118 VAL A O   1 
ATOM   925  C CB  . VAL A 1 118 ? 16.830  5.584   3.029   1.00 34.78 ? 118 VAL A CB  1 
ATOM   926  C CG1 . VAL A 1 118 ? 17.889  4.792   3.762   1.00 34.91 ? 118 VAL A CG1 1 
ATOM   927  C CG2 . VAL A 1 118 ? 17.194  5.632   1.561   1.00 33.19 ? 118 VAL A CG2 1 
ATOM   928  N N   . ASN A 1 119 ? 15.138  5.592   5.525   1.00 40.08 ? 119 ASN A N   1 
ATOM   929  C CA  . ASN A 1 119 ? 14.936  5.453   6.958   1.00 40.53 ? 119 ASN A CA  1 
ATOM   930  C C   . ASN A 1 119 ? 13.720  4.659   7.375   1.00 39.31 ? 119 ASN A C   1 
ATOM   931  O O   . ASN A 1 119 ? 13.816  3.848   8.277   1.00 40.21 ? 119 ASN A O   1 
ATOM   932  C CB  . ASN A 1 119 ? 14.969  6.821   7.616   1.00 40.76 ? 119 ASN A CB  1 
ATOM   933  C CG  . ASN A 1 119 ? 16.368  7.386   7.641   1.00 42.60 ? 119 ASN A CG  1 
ATOM   934  O OD1 . ASN A 1 119 ? 17.277  6.833   7.018   1.00 41.21 ? 119 ASN A OD1 1 
ATOM   935  N ND2 . ASN A 1 119 ? 16.557  8.483   8.356   1.00 46.71 ? 119 ASN A ND2 1 
ATOM   936  N N   . LEU A 1 120 ? 12.592  4.868   6.716   1.00 38.51 ? 120 LEU A N   1 
ATOM   937  C CA  . LEU A 1 120 ? 11.443  3.990   6.930   1.00 40.46 ? 120 LEU A CA  1 
ATOM   938  C C   . LEU A 1 120 ? 11.760  2.496   6.659   1.00 41.99 ? 120 LEU A C   1 
ATOM   939  O O   . LEU A 1 120 ? 11.267  1.607   7.370   1.00 42.41 ? 120 LEU A O   1 
ATOM   940  C CB  . LEU A 1 120 ? 10.257  4.438   6.078   1.00 40.20 ? 120 LEU A CB  1 
ATOM   941  C CG  . LEU A 1 120 ? 8.966   3.644   6.237   1.00 40.33 ? 120 LEU A CG  1 
ATOM   942  C CD1 . LEU A 1 120 ? 8.589   3.574   7.704   1.00 39.79 ? 120 LEU A CD1 1 
ATOM   943  C CD2 . LEU A 1 120 ? 7.825   4.249   5.433   1.00 40.76 ? 120 LEU A CD2 1 
ATOM   944  N N   . SER A 1 121 ? 12.591  2.230   5.648   1.00 39.73 ? 121 SER A N   1 
ATOM   945  C CA  . SER A 1 121 ? 12.870  0.855   5.231   1.00 37.38 ? 121 SER A CA  1 
ATOM   946  C C   . SER A 1 121 ? 13.888  0.166   6.130   1.00 38.31 ? 121 SER A C   1 
ATOM   947  O O   . SER A 1 121 ? 13.728  -1.010  6.472   1.00 40.46 ? 121 SER A O   1 
ATOM   948  C CB  . SER A 1 121 ? 13.317  0.802   3.777   1.00 34.06 ? 121 SER A CB  1 
ATOM   949  O OG  . SER A 1 121 ? 12.247  1.171   2.939   1.00 31.71 ? 121 SER A OG  1 
ATOM   950  N N   . LYS A 1 122 ? 14.932  0.889   6.511   1.00 36.69 ? 122 LYS A N   1 
ATOM   951  C CA  . LYS A 1 122 ? 15.907  0.329   7.413   1.00 35.86 ? 122 LYS A CA  1 
ATOM   952  C C   . LYS A 1 122 ? 15.159  -0.033  8.691   1.00 35.43 ? 122 LYS A C   1 
ATOM   953  O O   . LYS A 1 122 ? 15.293  -1.158  9.169   1.00 34.37 ? 122 LYS A O   1 
ATOM   954  C CB  . LYS A 1 122 ? 17.029  1.320   7.701   1.00 36.67 ? 122 LYS A CB  1 
ATOM   955  C CG  . LYS A 1 122 ? 17.973  1.590   6.544   1.00 37.55 ? 122 LYS A CG  1 
ATOM   956  C CD  . LYS A 1 122 ? 19.067  2.583   6.955   1.00 40.92 ? 122 LYS A CD  1 
ATOM   957  C CE  . LYS A 1 122 ? 20.157  2.740   5.885   1.00 45.08 ? 122 LYS A CE  1 
ATOM   958  N NZ  . LYS A 1 122 ? 20.950  1.499   5.552   1.00 48.49 ? 122 LYS A NZ  1 
ATOM   959  N N   . ASP A 1 123 ? 14.326  0.888   9.186   1.00 34.23 ? 123 ASP A N   1 
ATOM   960  C CA  . ASP A 1 123 ? 13.646  0.719   10.478  1.00 36.76 ? 123 ASP A CA  1 
ATOM   961  C C   . ASP A 1 123 ? 12.616  -0.389  10.483  1.00 37.43 ? 123 ASP A C   1 
ATOM   962  O O   . ASP A 1 123 ? 12.460  -1.074  11.494  1.00 37.27 ? 123 ASP A O   1 
ATOM   963  C CB  . ASP A 1 123 ? 12.947  2.002   10.938  1.00 41.33 ? 123 ASP A CB  1 
ATOM   964  C CG  . ASP A 1 123 ? 13.918  3.173   11.164  1.00 47.54 ? 123 ASP A CG  1 
ATOM   965  O OD1 . ASP A 1 123 ? 15.170  2.986   11.049  1.00 47.19 ? 123 ASP A OD1 1 
ATOM   966  O OD2 . ASP A 1 123 ? 13.399  4.296   11.438  1.00 47.05 ? 123 ASP A OD2 1 
ATOM   967  N N   . TYR A 1 124 ? 11.889  -0.539  9.375   1.00 37.71 ? 124 TYR A N   1 
ATOM   968  C CA  . TYR A 1 124 ? 10.874  -1.590  9.272   1.00 34.89 ? 124 TYR A CA  1 
ATOM   969  C C   . TYR A 1 124 ? 11.542  -2.918  9.138   1.00 32.58 ? 124 TYR A C   1 
ATOM   970  O O   . TYR A 1 124 ? 11.173  -3.850  9.826   1.00 30.88 ? 124 TYR A O   1 
ATOM   971  C CB  . TYR A 1 124 ? 9.908   -1.352  8.110   1.00 36.06 ? 124 TYR A CB  1 
ATOM   972  C CG  . TYR A 1 124 ? 8.679   -0.581  8.531   1.00 37.89 ? 124 TYR A CG  1 
ATOM   973  C CD1 . TYR A 1 124 ? 8.736   0.300   9.623   1.00 39.11 ? 124 TYR A CD1 1 
ATOM   974  C CD2 . TYR A 1 124 ? 7.464   -0.702  7.845   1.00 38.59 ? 124 TYR A CD2 1 
ATOM   975  C CE1 . TYR A 1 124 ? 7.625   1.026   10.039  1.00 38.45 ? 124 TYR A CE1 1 
ATOM   976  C CE2 . TYR A 1 124 ? 6.343   0.036   8.251   1.00 39.45 ? 124 TYR A CE2 1 
ATOM   977  C CZ  . TYR A 1 124 ? 6.438   0.890   9.357   1.00 39.77 ? 124 TYR A CZ  1 
ATOM   978  O OH  . TYR A 1 124 ? 5.374   1.636   9.804   1.00 40.49 ? 124 TYR A OH  1 
ATOM   979  N N   . LEU A 1 125 ? 12.530  -3.000  8.252   1.00 33.52 ? 125 LEU A N   1 
ATOM   980  C CA  . LEU A 1 125 ? 13.367  -4.205  8.153   1.00 34.60 ? 125 LEU A CA  1 
ATOM   981  C C   . LEU A 1 125 ? 13.860  -4.551  9.523   1.00 32.36 ? 125 LEU A C   1 
ATOM   982  O O   . LEU A 1 125 ? 13.660  -5.654  9.998   1.00 29.75 ? 125 LEU A O   1 
ATOM   983  C CB  . LEU A 1 125 ? 14.588  -3.981  7.269   1.00 35.62 ? 125 LEU A CB  1 
ATOM   984  C CG  . LEU A 1 125 ? 14.480  -4.390  5.807   1.00 37.99 ? 125 LEU A CG  1 
ATOM   985  C CD1 . LEU A 1 125 ? 15.772  -3.982  5.109   1.00 40.19 ? 125 LEU A CD1 1 
ATOM   986  C CD2 . LEU A 1 125 ? 14.189  -5.881  5.633   1.00 36.93 ? 125 LEU A CD2 1 
ATOM   987  N N   . HIS A 1 126 ? 14.479  -3.572  10.163  1.00 31.66 ? 126 HIS A N   1 
ATOM   988  C CA  . HIS A 1 126 ? 14.988  -3.774  11.485  1.00 33.44 ? 126 HIS A CA  1 
ATOM   989  C C   . HIS A 1 126 ? 13.916  -4.271  12.437  1.00 36.46 ? 126 HIS A C   1 
ATOM   990  O O   . HIS A 1 126 ? 14.221  -5.023  13.344  1.00 48.17 ? 126 HIS A O   1 
ATOM   991  C CB  . HIS A 1 126 ? 15.632  -2.511  12.023  1.00 32.41 ? 126 HIS A CB  1 
ATOM   992  N N   . PHE A 1 127 ? 12.668  -3.874  12.278  1.00 36.44 ? 127 PHE A N   1 
ATOM   993  C CA  . PHE A 1 127 ? 11.742  -4.217  13.330  1.00 35.98 ? 127 PHE A CA  1 
ATOM   994  C C   . PHE A 1 127 ? 10.918  -5.427  13.012  1.00 37.53 ? 127 PHE A C   1 
ATOM   995  O O   . PHE A 1 127 ? 10.634  -6.210  13.899  1.00 42.48 ? 127 PHE A O   1 
ATOM   996  C CB  . PHE A 1 127 ? 10.817  -3.067  13.664  1.00 37.76 ? 127 PHE A CB  1 
ATOM   997  C CG  . PHE A 1 127 ? 9.775   -3.429  14.677  1.00 40.51 ? 127 PHE A CG  1 
ATOM   998  C CD1 . PHE A 1 127 ? 9.905   -3.027  16.008  1.00 42.71 ? 127 PHE A CD1 1 
ATOM   999  C CD2 . PHE A 1 127 ? 8.661   -4.189  14.311  1.00 40.83 ? 127 PHE A CD2 1 
ATOM   1000 C CE1 . PHE A 1 127 ? 8.944   -3.370  16.953  1.00 42.12 ? 127 PHE A CE1 1 
ATOM   1001 C CE2 . PHE A 1 127 ? 7.706   -4.540  15.253  1.00 42.64 ? 127 PHE A CE2 1 
ATOM   1002 C CZ  . PHE A 1 127 ? 7.847   -4.131  16.576  1.00 42.39 ? 127 PHE A CZ  1 
ATOM   1003 N N   . TYR A 1 128 ? 10.501  -5.566  11.762  1.00 36.48 ? 128 TYR A N   1 
ATOM   1004 C CA  . TYR A 1 128 ? 9.527   -6.582  11.408  1.00 34.40 ? 128 TYR A CA  1 
ATOM   1005 C C   . TYR A 1 128 ? 10.140  -7.854  10.933  1.00 36.27 ? 128 TYR A C   1 
ATOM   1006 O O   . TYR A 1 128 ? 9.406   -8.815  10.719  1.00 38.14 ? 128 TYR A O   1 
ATOM   1007 C CB  . TYR A 1 128 ? 8.569   -6.056  10.359  1.00 34.03 ? 128 TYR A CB  1 
ATOM   1008 C CG  . TYR A 1 128 ? 7.670   -5.002  10.943  1.00 36.76 ? 128 TYR A CG  1 
ATOM   1009 C CD1 . TYR A 1 128 ? 6.473   -5.344  11.540  1.00 35.99 ? 128 TYR A CD1 1 
ATOM   1010 C CD2 . TYR A 1 128 ? 8.043   -3.656  10.941  1.00 39.87 ? 128 TYR A CD2 1 
ATOM   1011 C CE1 . TYR A 1 128 ? 5.657   -4.377  12.099  1.00 36.85 ? 128 TYR A CE1 1 
ATOM   1012 C CE2 . TYR A 1 128 ? 7.223   -2.677  11.495  1.00 39.53 ? 128 TYR A CE2 1 
ATOM   1013 C CZ  . TYR A 1 128 ? 6.029   -3.049  12.070  1.00 37.37 ? 128 TYR A CZ  1 
ATOM   1014 O OH  . TYR A 1 128 ? 5.208   -2.101  12.616  1.00 35.78 ? 128 TYR A OH  1 
ATOM   1015 N N   . TYR A 1 129 ? 11.472  -7.864  10.767  1.00 36.67 ? 129 TYR A N   1 
ATOM   1016 C CA  . TYR A 1 129 ? 12.199  -9.033  10.228  1.00 35.73 ? 129 TYR A CA  1 
ATOM   1017 C C   . TYR A 1 129 ? 13.039  -9.819  11.260  1.00 38.98 ? 129 TYR A C   1 
ATOM   1018 O O   . TYR A 1 129 ? 13.029  -11.054 11.200  1.00 40.79 ? 129 TYR A O   1 
ATOM   1019 C CB  . TYR A 1 129 ? 12.933  -8.701  8.918   1.00 34.73 ? 129 TYR A CB  1 
ATOM   1020 C CG  . TYR A 1 129 ? 11.937  -8.378  7.823   1.00 35.39 ? 129 TYR A CG  1 
ATOM   1021 C CD1 . TYR A 1 129 ? 11.405  -9.396  6.998   1.00 35.45 ? 129 TYR A CD1 1 
ATOM   1022 C CD2 . TYR A 1 129 ? 11.457  -7.065  7.650   1.00 36.58 ? 129 TYR A CD2 1 
ATOM   1023 C CE1 . TYR A 1 129 ? 10.450  -9.113  6.019   1.00 34.85 ? 129 TYR A CE1 1 
ATOM   1024 C CE2 . TYR A 1 129 ? 10.487  -6.771  6.680   1.00 36.90 ? 129 TYR A CE2 1 
ATOM   1025 C CZ  . TYR A 1 129 ? 9.986   -7.792  5.869   1.00 35.19 ? 129 TYR A CZ  1 
ATOM   1026 O OH  . TYR A 1 129 ? 9.051   -7.485  4.914   1.00 32.15 ? 129 TYR A OH  1 
ATOM   1027 N N   . PRO A 1 130 ? 13.750  -9.123  12.205  1.00 39.68 ? 130 PRO A N   1 
ATOM   1028 C CA  . PRO A 1 130 ? 14.095  -9.736  13.508  1.00 39.92 ? 130 PRO A CA  1 
ATOM   1029 C C   . PRO A 1 130 ? 12.898  -10.174 14.376  1.00 39.20 ? 130 PRO A C   1 
ATOM   1030 O O   . PRO A 1 130 ? 12.196  -11.133 14.033  1.00 35.78 ? 130 PRO A O   1 
ATOM   1031 C CB  . PRO A 1 130 ? 14.890  -8.624  14.205  1.00 37.30 ? 130 PRO A CB  1 
ATOM   1032 C CG  . PRO A 1 130 ? 15.640  -7.978  13.093  1.00 34.89 ? 130 PRO A CG  1 
ATOM   1033 C CD  . PRO A 1 130 ? 14.687  -8.014  11.909  1.00 39.05 ? 130 PRO A CD  1 
HETATM 1034 S S   . SO4 B 2 .   ? -20.420 -1.558  -11.507 0.60 89.69 ? 131 SO4 A S   1 
HETATM 1035 O O1  . SO4 B 2 .   ? -20.127 -2.337  -10.279 0.60 85.92 ? 131 SO4 A O1  1 
HETATM 1036 O O2  . SO4 B 2 .   ? -21.433 -0.533  -11.176 0.60 93.18 ? 131 SO4 A O2  1 
HETATM 1037 O O3  . SO4 B 2 .   ? -19.201 -0.868  -11.980 0.60 85.81 ? 131 SO4 A O3  1 
HETATM 1038 O O4  . SO4 B 2 .   ? -20.928 -2.449  -12.586 0.60 83.93 ? 131 SO4 A O4  1 
HETATM 1039 O O   . HOH C 3 .   ? -19.709 3.031   1.572   1.00 45.87 ? 132 HOH A O   1 
HETATM 1040 O O   . HOH C 3 .   ? 10.897  -10.194 -1.055  1.00 39.13 ? 133 HOH A O   1 
HETATM 1041 O O   . HOH C 3 .   ? 12.539  -7.141  15.033  1.00 70.49 ? 134 HOH A O   1 
# 
